data_1DR9
# 
_entry.id   1DR9 
# 
_audit_conform.dict_name       mmcif_pdbx.dic 
_audit_conform.dict_version    5.397 
_audit_conform.dict_location   http://mmcif.pdb.org/dictionaries/ascii/mmcif_pdbx.dic 
# 
loop_
_database_2.database_id 
_database_2.database_code 
_database_2.pdbx_database_accession 
_database_2.pdbx_DOI 
PDB   1DR9         pdb_00001dr9 10.2210/pdb1dr9/pdb 
RCSB  RCSB010314   ?            ?                   
WWPDB D_1000010314 ?            ?                   
# 
loop_
_pdbx_audit_revision_history.ordinal 
_pdbx_audit_revision_history.data_content_type 
_pdbx_audit_revision_history.major_revision 
_pdbx_audit_revision_history.minor_revision 
_pdbx_audit_revision_history.revision_date 
1 'Structure model' 1 0 2000-01-10 
2 'Structure model' 1 1 2008-04-27 
3 'Structure model' 1 2 2011-07-13 
4 'Structure model' 1 3 2018-01-31 
5 'Structure model' 1 4 2020-07-29 
6 'Structure model' 1 5 2021-11-03 
7 'Structure model' 1 6 2024-10-16 
# 
loop_
_pdbx_audit_revision_details.ordinal 
_pdbx_audit_revision_details.revision_ordinal 
_pdbx_audit_revision_details.data_content_type 
_pdbx_audit_revision_details.provider 
_pdbx_audit_revision_details.type 
_pdbx_audit_revision_details.description 
_pdbx_audit_revision_details.details 
1 1 'Structure model' repository 'Initial release' ?                          ? 
2 5 'Structure model' repository Remediation       'Carbohydrate remediation' ? 
# 
loop_
_pdbx_audit_revision_group.ordinal 
_pdbx_audit_revision_group.revision_ordinal 
_pdbx_audit_revision_group.data_content_type 
_pdbx_audit_revision_group.group 
1  2 'Structure model' 'Version format compliance' 
2  3 'Structure model' 'Non-polymer description'   
3  3 'Structure model' 'Version format compliance' 
4  4 'Structure model' 'Experimental preparation'  
5  5 'Structure model' 'Data collection'           
6  5 'Structure model' 'Derived calculations'      
7  5 'Structure model' 'Structure summary'         
8  6 'Structure model' 'Database references'       
9  6 'Structure model' 'Structure summary'         
10 7 'Structure model' 'Data collection'           
11 7 'Structure model' 'Structure summary'         
# 
loop_
_pdbx_audit_revision_category.ordinal 
_pdbx_audit_revision_category.revision_ordinal 
_pdbx_audit_revision_category.data_content_type 
_pdbx_audit_revision_category.category 
1  4 'Structure model' exptl_crystal_grow        
2  5 'Structure model' chem_comp                 
3  5 'Structure model' entity                    
4  5 'Structure model' pdbx_chem_comp_identifier 
5  5 'Structure model' pdbx_entity_nonpoly       
6  5 'Structure model' struct_conn               
7  5 'Structure model' struct_site               
8  5 'Structure model' struct_site_gen           
9  6 'Structure model' chem_comp                 
10 6 'Structure model' database_2                
11 6 'Structure model' struct_ref_seq_dif        
12 7 'Structure model' chem_comp_atom            
13 7 'Structure model' chem_comp_bond            
14 7 'Structure model' pdbx_entry_details        
15 7 'Structure model' pdbx_modification_feature 
# 
loop_
_pdbx_audit_revision_item.ordinal 
_pdbx_audit_revision_item.revision_ordinal 
_pdbx_audit_revision_item.data_content_type 
_pdbx_audit_revision_item.item 
1  4 'Structure model' '_exptl_crystal_grow.temp'            
2  5 'Structure model' '_chem_comp.name'                     
3  5 'Structure model' '_chem_comp.type'                     
4  5 'Structure model' '_entity.pdbx_description'            
5  5 'Structure model' '_pdbx_entity_nonpoly.name'           
6  5 'Structure model' '_struct_conn.pdbx_dist_value'        
7  5 'Structure model' '_struct_conn.pdbx_leaving_atom_flag' 
8  5 'Structure model' '_struct_conn.pdbx_role'              
9  5 'Structure model' '_struct_conn.ptnr1_auth_seq_id'      
10 5 'Structure model' '_struct_conn.ptnr1_label_seq_id'     
11 5 'Structure model' '_struct_conn.ptnr2_auth_seq_id'      
12 5 'Structure model' '_struct_conn.ptnr2_label_asym_id'    
13 6 'Structure model' '_chem_comp.pdbx_synonyms'            
14 6 'Structure model' '_database_2.pdbx_DOI'                
15 6 'Structure model' '_database_2.pdbx_database_accession' 
16 6 'Structure model' '_struct_ref_seq_dif.details'         
# 
_pdbx_database_status.status_code                     REL 
_pdbx_database_status.entry_id                        1DR9 
_pdbx_database_status.recvd_initial_deposition_date   2000-01-06 
_pdbx_database_status.deposit_site                    RCSB 
_pdbx_database_status.process_site                    RCSB 
_pdbx_database_status.SG_entry                        . 
_pdbx_database_status.pdb_format_compatible           Y 
_pdbx_database_status.status_code_mr                  ? 
_pdbx_database_status.status_code_sf                  ? 
_pdbx_database_status.status_code_cs                  ? 
_pdbx_database_status.methods_development_category    ? 
_pdbx_database_status.status_code_nmr_data            ? 
# 
loop_
_audit_author.name 
_audit_author.pdbx_ordinal 
'Ikemizu, S.'  1 
'Jones, E.Y.'  2 
'Stuart, D.I.' 3 
'Davis, S.J.'  4 
# 
_citation.id                        primary 
_citation.title                     'Structure and dimerization of a soluble form of B7-1.' 
_citation.journal_abbrev            Immunity 
_citation.journal_volume            12 
_citation.page_first                51 
_citation.page_last                 60 
_citation.year                      2000 
_citation.journal_id_ASTM           IUNIEH 
_citation.country                   US 
_citation.journal_id_ISSN           1074-7613 
_citation.journal_id_CSD            2048 
_citation.book_publisher            ? 
_citation.pdbx_database_id_PubMed   10661405 
_citation.pdbx_database_id_DOI      '10.1016/S1074-7613(00)80158-2' 
# 
loop_
_citation_author.citation_id 
_citation_author.name 
_citation_author.ordinal 
_citation_author.identifier_ORCID 
primary 'Ikemizu, S.'    1 ? 
primary 'Gilbert, R.J.'  2 ? 
primary 'Fennelly, J.A.' 3 ? 
primary 'Collins, A.V.'  4 ? 
primary 'Harlos, K.'     5 ? 
primary 'Jones, E.Y.'    6 ? 
primary 'Stuart, D.I.'   7 ? 
primary 'Davis, S.J.'    8 ? 
# 
loop_
_entity.id 
_entity.type 
_entity.src_method 
_entity.pdbx_description 
_entity.formula_weight 
_entity.pdbx_number_of_molecules 
_entity.pdbx_ec 
_entity.pdbx_mutation 
_entity.pdbx_fragment 
_entity.details 
1 polymer     man 'T LYMPHOCYTE ACTIVATION ANTIGEN'        22993.123 1 ? ? 'EXTRACELLULAR REGION' ? 
2 non-polymer man 2-acetamido-2-deoxy-beta-D-glucopyranose 221.208   3 ? ? ?                      ? 
# 
_entity_name_com.entity_id   1 
_entity_name_com.name        'B7-1 (CD80)' 
# 
_entity_poly.entity_id                      1 
_entity_poly.type                           'polypeptide(L)' 
_entity_poly.nstd_linkage                   no 
_entity_poly.nstd_monomer                   no 
_entity_poly.pdbx_seq_one_letter_code       
;VIHVTKEVKEVATLSCGHNVSVEELAQTRIYWQKEKKMVLTMMSGDMNIWPEYKNRTIFDITNNLSIVILALRPSDEGTY
ECVVLKYEKDAFKREHLAEVTLSVKADFPTPSISDFEIPTSNIRRIICSTSGGFPEPHLSWLENGEELNAINTTVSQDPE
TELYAVSSKLDFNMTTNHSFMCLIKYGHLRVNQTFNWNTAK
;
_entity_poly.pdbx_seq_one_letter_code_can   
;VIHVTKEVKEVATLSCGHNVSVEELAQTRIYWQKEKKMVLTMMSGDMNIWPEYKNRTIFDITNNLSIVILALRPSDEGTY
ECVVLKYEKDAFKREHLAEVTLSVKADFPTPSISDFEIPTSNIRRIICSTSGGFPEPHLSWLENGEELNAINTTVSQDPE
TELYAVSSKLDFNMTTNHSFMCLIKYGHLRVNQTFNWNTAK
;
_entity_poly.pdbx_strand_id                 A 
_entity_poly.pdbx_target_identifier         ? 
# 
_pdbx_entity_nonpoly.entity_id   2 
_pdbx_entity_nonpoly.name        2-acetamido-2-deoxy-beta-D-glucopyranose 
_pdbx_entity_nonpoly.comp_id     NAG 
# 
loop_
_entity_poly_seq.entity_id 
_entity_poly_seq.num 
_entity_poly_seq.mon_id 
_entity_poly_seq.hetero 
1 1   VAL n 
1 2   ILE n 
1 3   HIS n 
1 4   VAL n 
1 5   THR n 
1 6   LYS n 
1 7   GLU n 
1 8   VAL n 
1 9   LYS n 
1 10  GLU n 
1 11  VAL n 
1 12  ALA n 
1 13  THR n 
1 14  LEU n 
1 15  SER n 
1 16  CYS n 
1 17  GLY n 
1 18  HIS n 
1 19  ASN n 
1 20  VAL n 
1 21  SER n 
1 22  VAL n 
1 23  GLU n 
1 24  GLU n 
1 25  LEU n 
1 26  ALA n 
1 27  GLN n 
1 28  THR n 
1 29  ARG n 
1 30  ILE n 
1 31  TYR n 
1 32  TRP n 
1 33  GLN n 
1 34  LYS n 
1 35  GLU n 
1 36  LYS n 
1 37  LYS n 
1 38  MET n 
1 39  VAL n 
1 40  LEU n 
1 41  THR n 
1 42  MET n 
1 43  MET n 
1 44  SER n 
1 45  GLY n 
1 46  ASP n 
1 47  MET n 
1 48  ASN n 
1 49  ILE n 
1 50  TRP n 
1 51  PRO n 
1 52  GLU n 
1 53  TYR n 
1 54  LYS n 
1 55  ASN n 
1 56  ARG n 
1 57  THR n 
1 58  ILE n 
1 59  PHE n 
1 60  ASP n 
1 61  ILE n 
1 62  THR n 
1 63  ASN n 
1 64  ASN n 
1 65  LEU n 
1 66  SER n 
1 67  ILE n 
1 68  VAL n 
1 69  ILE n 
1 70  LEU n 
1 71  ALA n 
1 72  LEU n 
1 73  ARG n 
1 74  PRO n 
1 75  SER n 
1 76  ASP n 
1 77  GLU n 
1 78  GLY n 
1 79  THR n 
1 80  TYR n 
1 81  GLU n 
1 82  CYS n 
1 83  VAL n 
1 84  VAL n 
1 85  LEU n 
1 86  LYS n 
1 87  TYR n 
1 88  GLU n 
1 89  LYS n 
1 90  ASP n 
1 91  ALA n 
1 92  PHE n 
1 93  LYS n 
1 94  ARG n 
1 95  GLU n 
1 96  HIS n 
1 97  LEU n 
1 98  ALA n 
1 99  GLU n 
1 100 VAL n 
1 101 THR n 
1 102 LEU n 
1 103 SER n 
1 104 VAL n 
1 105 LYS n 
1 106 ALA n 
1 107 ASP n 
1 108 PHE n 
1 109 PRO n 
1 110 THR n 
1 111 PRO n 
1 112 SER n 
1 113 ILE n 
1 114 SER n 
1 115 ASP n 
1 116 PHE n 
1 117 GLU n 
1 118 ILE n 
1 119 PRO n 
1 120 THR n 
1 121 SER n 
1 122 ASN n 
1 123 ILE n 
1 124 ARG n 
1 125 ARG n 
1 126 ILE n 
1 127 ILE n 
1 128 CYS n 
1 129 SER n 
1 130 THR n 
1 131 SER n 
1 132 GLY n 
1 133 GLY n 
1 134 PHE n 
1 135 PRO n 
1 136 GLU n 
1 137 PRO n 
1 138 HIS n 
1 139 LEU n 
1 140 SER n 
1 141 TRP n 
1 142 LEU n 
1 143 GLU n 
1 144 ASN n 
1 145 GLY n 
1 146 GLU n 
1 147 GLU n 
1 148 LEU n 
1 149 ASN n 
1 150 ALA n 
1 151 ILE n 
1 152 ASN n 
1 153 THR n 
1 154 THR n 
1 155 VAL n 
1 156 SER n 
1 157 GLN n 
1 158 ASP n 
1 159 PRO n 
1 160 GLU n 
1 161 THR n 
1 162 GLU n 
1 163 LEU n 
1 164 TYR n 
1 165 ALA n 
1 166 VAL n 
1 167 SER n 
1 168 SER n 
1 169 LYS n 
1 170 LEU n 
1 171 ASP n 
1 172 PHE n 
1 173 ASN n 
1 174 MET n 
1 175 THR n 
1 176 THR n 
1 177 ASN n 
1 178 HIS n 
1 179 SER n 
1 180 PHE n 
1 181 MET n 
1 182 CYS n 
1 183 LEU n 
1 184 ILE n 
1 185 LYS n 
1 186 TYR n 
1 187 GLY n 
1 188 HIS n 
1 189 LEU n 
1 190 ARG n 
1 191 VAL n 
1 192 ASN n 
1 193 GLN n 
1 194 THR n 
1 195 PHE n 
1 196 ASN n 
1 197 TRP n 
1 198 ASN n 
1 199 THR n 
1 200 ALA n 
1 201 LYS n 
# 
_entity_src_gen.entity_id                          1 
_entity_src_gen.pdbx_src_id                        1 
_entity_src_gen.pdbx_alt_source_flag               sample 
_entity_src_gen.pdbx_seq_type                      ? 
_entity_src_gen.pdbx_beg_seq_num                   ? 
_entity_src_gen.pdbx_end_seq_num                   ? 
_entity_src_gen.gene_src_common_name               human 
_entity_src_gen.gene_src_genus                     Homo 
_entity_src_gen.pdbx_gene_src_gene                 CHO 
_entity_src_gen.gene_src_species                   ? 
_entity_src_gen.gene_src_strain                    ? 
_entity_src_gen.gene_src_tissue                    ? 
_entity_src_gen.gene_src_tissue_fraction           ? 
_entity_src_gen.gene_src_details                   ? 
_entity_src_gen.pdbx_gene_src_fragment             ? 
_entity_src_gen.pdbx_gene_src_scientific_name      'Homo sapiens' 
_entity_src_gen.pdbx_gene_src_ncbi_taxonomy_id     9606 
_entity_src_gen.pdbx_gene_src_variant              ? 
_entity_src_gen.pdbx_gene_src_cell_line            ? 
_entity_src_gen.pdbx_gene_src_atcc                 ? 
_entity_src_gen.pdbx_gene_src_organ                ? 
_entity_src_gen.pdbx_gene_src_organelle            ? 
_entity_src_gen.pdbx_gene_src_cell                 ? 
_entity_src_gen.pdbx_gene_src_cellular_location    ? 
_entity_src_gen.host_org_common_name               ? 
_entity_src_gen.pdbx_host_org_scientific_name      'Escherichia coli' 
_entity_src_gen.pdbx_host_org_ncbi_taxonomy_id     562 
_entity_src_gen.host_org_genus                     Escherichia 
_entity_src_gen.pdbx_host_org_gene                 ? 
_entity_src_gen.pdbx_host_org_organ                ? 
_entity_src_gen.host_org_species                   ? 
_entity_src_gen.pdbx_host_org_tissue               ? 
_entity_src_gen.pdbx_host_org_tissue_fraction      ? 
_entity_src_gen.pdbx_host_org_strain               ? 
_entity_src_gen.pdbx_host_org_variant              ? 
_entity_src_gen.pdbx_host_org_cell_line            ? 
_entity_src_gen.pdbx_host_org_atcc                 ? 
_entity_src_gen.pdbx_host_org_culture_collection   ? 
_entity_src_gen.pdbx_host_org_cell                 ? 
_entity_src_gen.pdbx_host_org_organelle            ? 
_entity_src_gen.pdbx_host_org_cellular_location    ? 
_entity_src_gen.pdbx_host_org_vector_type          ? 
_entity_src_gen.pdbx_host_org_vector               ? 
_entity_src_gen.host_org_details                   ? 
_entity_src_gen.expression_system_id               ? 
_entity_src_gen.plasmid_name                       ? 
_entity_src_gen.plasmid_details                    ? 
_entity_src_gen.pdbx_description                   ? 
# 
loop_
_chem_comp.id 
_chem_comp.type 
_chem_comp.mon_nstd_flag 
_chem_comp.name 
_chem_comp.pdbx_synonyms 
_chem_comp.formula 
_chem_comp.formula_weight 
ALA 'L-peptide linking'          y ALANINE                                  ? 'C3 H7 N O2'     89.093  
ARG 'L-peptide linking'          y ARGININE                                 ? 'C6 H15 N4 O2 1' 175.209 
ASN 'L-peptide linking'          y ASPARAGINE                               ? 'C4 H8 N2 O3'    132.118 
ASP 'L-peptide linking'          y 'ASPARTIC ACID'                          ? 'C4 H7 N O4'     133.103 
CYS 'L-peptide linking'          y CYSTEINE                                 ? 'C3 H7 N O2 S'   121.158 
GLN 'L-peptide linking'          y GLUTAMINE                                ? 'C5 H10 N2 O3'   146.144 
GLU 'L-peptide linking'          y 'GLUTAMIC ACID'                          ? 'C5 H9 N O4'     147.129 
GLY 'peptide linking'            y GLYCINE                                  ? 'C2 H5 N O2'     75.067  
HIS 'L-peptide linking'          y HISTIDINE                                ? 'C6 H10 N3 O2 1' 156.162 
ILE 'L-peptide linking'          y ISOLEUCINE                               ? 'C6 H13 N O2'    131.173 
LEU 'L-peptide linking'          y LEUCINE                                  ? 'C6 H13 N O2'    131.173 
LYS 'L-peptide linking'          y LYSINE                                   ? 'C6 H15 N2 O2 1' 147.195 
MET 'L-peptide linking'          y METHIONINE                               ? 'C5 H11 N O2 S'  149.211 
NAG 'D-saccharide, beta linking' . 2-acetamido-2-deoxy-beta-D-glucopyranose 
;N-acetyl-beta-D-glucosamine; 2-acetamido-2-deoxy-beta-D-glucose; 2-acetamido-2-deoxy-D-glucose; 2-acetamido-2-deoxy-glucose; N-ACETYL-D-GLUCOSAMINE
;
'C8 H15 N O6'    221.208 
PHE 'L-peptide linking'          y PHENYLALANINE                            ? 'C9 H11 N O2'    165.189 
PRO 'L-peptide linking'          y PROLINE                                  ? 'C5 H9 N O2'     115.130 
SER 'L-peptide linking'          y SERINE                                   ? 'C3 H7 N O3'     105.093 
THR 'L-peptide linking'          y THREONINE                                ? 'C4 H9 N O3'     119.119 
TRP 'L-peptide linking'          y TRYPTOPHAN                               ? 'C11 H12 N2 O2'  204.225 
TYR 'L-peptide linking'          y TYROSINE                                 ? 'C9 H11 N O3'    181.189 
VAL 'L-peptide linking'          y VALINE                                   ? 'C5 H11 N O2'    117.146 
# 
loop_
_pdbx_chem_comp_identifier.comp_id 
_pdbx_chem_comp_identifier.type 
_pdbx_chem_comp_identifier.program 
_pdbx_chem_comp_identifier.program_version 
_pdbx_chem_comp_identifier.identifier 
NAG 'CONDENSED IUPAC CARBOHYDRATE SYMBOL' GMML     1.0 DGlcpNAcb                      
NAG 'COMMON NAME'                         GMML     1.0 N-acetyl-b-D-glucopyranosamine 
NAG 'IUPAC CARBOHYDRATE SYMBOL'           PDB-CARE 1.0 b-D-GlcpNAc                    
NAG 'SNFG CARBOHYDRATE SYMBOL'            GMML     1.0 GlcNAc                         
# 
loop_
_pdbx_poly_seq_scheme.asym_id 
_pdbx_poly_seq_scheme.entity_id 
_pdbx_poly_seq_scheme.seq_id 
_pdbx_poly_seq_scheme.mon_id 
_pdbx_poly_seq_scheme.ndb_seq_num 
_pdbx_poly_seq_scheme.pdb_seq_num 
_pdbx_poly_seq_scheme.auth_seq_num 
_pdbx_poly_seq_scheme.pdb_mon_id 
_pdbx_poly_seq_scheme.auth_mon_id 
_pdbx_poly_seq_scheme.pdb_strand_id 
_pdbx_poly_seq_scheme.pdb_ins_code 
_pdbx_poly_seq_scheme.hetero 
A 1 1   VAL 1   1   1   VAL VAL A . n 
A 1 2   ILE 2   2   2   ILE ILE A . n 
A 1 3   HIS 3   3   3   HIS HIS A . n 
A 1 4   VAL 4   4   4   VAL VAL A . n 
A 1 5   THR 5   5   5   THR THR A . n 
A 1 6   LYS 6   6   6   LYS LYS A . n 
A 1 7   GLU 7   7   7   GLU GLU A . n 
A 1 8   VAL 8   8   8   VAL VAL A . n 
A 1 9   LYS 9   9   9   LYS LYS A . n 
A 1 10  GLU 10  10  10  GLU GLU A . n 
A 1 11  VAL 11  11  11  VAL VAL A . n 
A 1 12  ALA 12  12  12  ALA ALA A . n 
A 1 13  THR 13  13  13  THR THR A . n 
A 1 14  LEU 14  14  14  LEU LEU A . n 
A 1 15  SER 15  15  15  SER SER A . n 
A 1 16  CYS 16  16  16  CYS CYS A . n 
A 1 17  GLY 17  17  17  GLY GLY A . n 
A 1 18  HIS 18  18  18  HIS HIS A . n 
A 1 19  ASN 19  19  19  ASN ASN A . n 
A 1 20  VAL 20  20  20  VAL VAL A . n 
A 1 21  SER 21  21  21  SER SER A . n 
A 1 22  VAL 22  22  22  VAL VAL A . n 
A 1 23  GLU 23  23  23  GLU GLU A . n 
A 1 24  GLU 24  24  24  GLU GLU A . n 
A 1 25  LEU 25  25  25  LEU LEU A . n 
A 1 26  ALA 26  26  26  ALA ALA A . n 
A 1 27  GLN 27  27  27  GLN GLN A . n 
A 1 28  THR 28  28  28  THR THR A . n 
A 1 29  ARG 29  29  29  ARG ARG A . n 
A 1 30  ILE 30  30  30  ILE ILE A . n 
A 1 31  TYR 31  31  31  TYR TYR A . n 
A 1 32  TRP 32  32  32  TRP TRP A . n 
A 1 33  GLN 33  33  33  GLN GLN A . n 
A 1 34  LYS 34  34  34  LYS LYS A . n 
A 1 35  GLU 35  35  35  GLU GLU A . n 
A 1 36  LYS 36  36  36  LYS LYS A . n 
A 1 37  LYS 37  37  37  LYS LYS A . n 
A 1 38  MET 38  38  38  MET MET A . n 
A 1 39  VAL 39  39  39  VAL VAL A . n 
A 1 40  LEU 40  40  40  LEU LEU A . n 
A 1 41  THR 41  41  41  THR THR A . n 
A 1 42  MET 42  42  42  MET MET A . n 
A 1 43  MET 43  43  43  MET MET A . n 
A 1 44  SER 44  44  44  SER SER A . n 
A 1 45  GLY 45  45  45  GLY GLY A . n 
A 1 46  ASP 46  46  46  ASP ASP A . n 
A 1 47  MET 47  47  47  MET MET A . n 
A 1 48  ASN 48  48  48  ASN ASN A . n 
A 1 49  ILE 49  49  49  ILE ILE A . n 
A 1 50  TRP 50  50  50  TRP TRP A . n 
A 1 51  PRO 51  51  51  PRO PRO A . n 
A 1 52  GLU 52  52  52  GLU GLU A . n 
A 1 53  TYR 53  53  53  TYR TYR A . n 
A 1 54  LYS 54  54  54  LYS LYS A . n 
A 1 55  ASN 55  55  55  ASN ASN A . n 
A 1 56  ARG 56  56  56  ARG ARG A . n 
A 1 57  THR 57  57  57  THR THR A . n 
A 1 58  ILE 58  58  58  ILE ILE A . n 
A 1 59  PHE 59  59  59  PHE PHE A . n 
A 1 60  ASP 60  60  60  ASP ASP A . n 
A 1 61  ILE 61  61  61  ILE ILE A . n 
A 1 62  THR 62  62  62  THR THR A . n 
A 1 63  ASN 63  63  63  ASN ASN A . n 
A 1 64  ASN 64  64  64  ASN ASN A . n 
A 1 65  LEU 65  65  65  LEU LEU A . n 
A 1 66  SER 66  66  66  SER SER A . n 
A 1 67  ILE 67  67  67  ILE ILE A . n 
A 1 68  VAL 68  68  68  VAL VAL A . n 
A 1 69  ILE 69  69  69  ILE ILE A . n 
A 1 70  LEU 70  70  70  LEU LEU A . n 
A 1 71  ALA 71  71  71  ALA ALA A . n 
A 1 72  LEU 72  72  72  LEU LEU A . n 
A 1 73  ARG 73  73  73  ARG ARG A . n 
A 1 74  PRO 74  74  74  PRO PRO A . n 
A 1 75  SER 75  75  75  SER SER A . n 
A 1 76  ASP 76  76  76  ASP ASP A . n 
A 1 77  GLU 77  77  77  GLU GLU A . n 
A 1 78  GLY 78  78  78  GLY GLY A . n 
A 1 79  THR 79  79  79  THR THR A . n 
A 1 80  TYR 80  80  80  TYR TYR A . n 
A 1 81  GLU 81  81  81  GLU GLU A . n 
A 1 82  CYS 82  82  82  CYS CYS A . n 
A 1 83  VAL 83  83  83  VAL VAL A . n 
A 1 84  VAL 84  84  84  VAL VAL A . n 
A 1 85  LEU 85  85  85  LEU LEU A . n 
A 1 86  LYS 86  86  86  LYS LYS A . n 
A 1 87  TYR 87  87  87  TYR TYR A . n 
A 1 88  GLU 88  88  88  GLU GLU A . n 
A 1 89  LYS 89  89  89  LYS LYS A . n 
A 1 90  ASP 90  90  90  ASP ASP A . n 
A 1 91  ALA 91  91  91  ALA ALA A . n 
A 1 92  PHE 92  92  92  PHE PHE A . n 
A 1 93  LYS 93  93  93  LYS LYS A . n 
A 1 94  ARG 94  94  94  ARG ARG A . n 
A 1 95  GLU 95  95  95  GLU GLU A . n 
A 1 96  HIS 96  96  96  HIS HIS A . n 
A 1 97  LEU 97  97  97  LEU LEU A . n 
A 1 98  ALA 98  98  98  ALA ALA A . n 
A 1 99  GLU 99  99  99  GLU GLU A . n 
A 1 100 VAL 100 100 100 VAL VAL A . n 
A 1 101 THR 101 101 101 THR THR A . n 
A 1 102 LEU 102 102 102 LEU LEU A . n 
A 1 103 SER 103 103 103 SER SER A . n 
A 1 104 VAL 104 104 104 VAL VAL A . n 
A 1 105 LYS 105 105 105 LYS LYS A . n 
A 1 106 ALA 106 106 106 ALA ALA A . n 
A 1 107 ASP 107 107 107 ASP ASP A . n 
A 1 108 PHE 108 108 108 PHE PHE A . n 
A 1 109 PRO 109 109 109 PRO PRO A . n 
A 1 110 THR 110 110 110 THR THR A . n 
A 1 111 PRO 111 111 111 PRO PRO A . n 
A 1 112 SER 112 112 112 SER SER A . n 
A 1 113 ILE 113 113 113 ILE ILE A . n 
A 1 114 SER 114 114 114 SER SER A . n 
A 1 115 ASP 115 115 115 ASP ASP A . n 
A 1 116 PHE 116 116 116 PHE PHE A . n 
A 1 117 GLU 117 117 117 GLU GLU A . n 
A 1 118 ILE 118 118 118 ILE ILE A . n 
A 1 119 PRO 119 119 119 PRO PRO A . n 
A 1 120 THR 120 120 120 THR THR A . n 
A 1 121 SER 121 121 121 SER SER A . n 
A 1 122 ASN 122 122 122 ASN ASN A . n 
A 1 123 ILE 123 123 123 ILE ILE A . n 
A 1 124 ARG 124 124 124 ARG ARG A . n 
A 1 125 ARG 125 125 125 ARG ARG A . n 
A 1 126 ILE 126 126 126 ILE ILE A . n 
A 1 127 ILE 127 127 127 ILE ILE A . n 
A 1 128 CYS 128 128 128 CYS CYS A . n 
A 1 129 SER 129 129 129 SER SER A . n 
A 1 130 THR 130 130 130 THR THR A . n 
A 1 131 SER 131 131 131 SER SER A . n 
A 1 132 GLY 132 132 132 GLY GLY A . n 
A 1 133 GLY 133 133 133 GLY GLY A . n 
A 1 134 PHE 134 134 134 PHE PHE A . n 
A 1 135 PRO 135 135 135 PRO CPR A . n 
A 1 136 GLU 136 136 136 GLU GLU A . n 
A 1 137 PRO 137 137 137 PRO PRO A . n 
A 1 138 HIS 138 138 138 HIS HIS A . n 
A 1 139 LEU 139 139 139 LEU LEU A . n 
A 1 140 SER 140 140 140 SER SER A . n 
A 1 141 TRP 141 141 141 TRP TRP A . n 
A 1 142 LEU 142 142 142 LEU LEU A . n 
A 1 143 GLU 143 143 143 GLU GLU A . n 
A 1 144 ASN 144 144 144 ASN ASN A . n 
A 1 145 GLY 145 145 145 GLY GLY A . n 
A 1 146 GLU 146 146 146 GLU GLU A . n 
A 1 147 GLU 147 147 147 GLU GLU A . n 
A 1 148 LEU 148 148 148 LEU LEU A . n 
A 1 149 ASN 149 149 149 ASN ASN A . n 
A 1 150 ALA 150 150 150 ALA ALA A . n 
A 1 151 ILE 151 151 151 ILE ILE A . n 
A 1 152 ASN 152 152 152 ASN ASN A . n 
A 1 153 THR 153 153 153 THR THR A . n 
A 1 154 THR 154 154 154 THR THR A . n 
A 1 155 VAL 155 155 155 VAL VAL A . n 
A 1 156 SER 156 156 156 SER SER A . n 
A 1 157 GLN 157 157 157 GLN GLN A . n 
A 1 158 ASP 158 158 158 ASP ASP A . n 
A 1 159 PRO 159 159 159 PRO PRO A . n 
A 1 160 GLU 160 160 160 GLU GLU A . n 
A 1 161 THR 161 161 161 THR THR A . n 
A 1 162 GLU 162 162 162 GLU GLU A . n 
A 1 163 LEU 163 163 163 LEU LEU A . n 
A 1 164 TYR 164 164 164 TYR TYR A . n 
A 1 165 ALA 165 165 165 ALA ALA A . n 
A 1 166 VAL 166 166 166 VAL VAL A . n 
A 1 167 SER 167 167 167 SER SER A . n 
A 1 168 SER 168 168 168 SER SER A . n 
A 1 169 LYS 169 169 169 LYS LYS A . n 
A 1 170 LEU 170 170 170 LEU LEU A . n 
A 1 171 ASP 171 171 171 ASP ASP A . n 
A 1 172 PHE 172 172 172 PHE PHE A . n 
A 1 173 ASN 173 173 173 ASN ASN A . n 
A 1 174 MET 174 174 174 MET MET A . n 
A 1 175 THR 175 175 175 THR THR A . n 
A 1 176 THR 176 176 176 THR THR A . n 
A 1 177 ASN 177 177 177 ASN ASN A . n 
A 1 178 HIS 178 178 178 HIS HIS A . n 
A 1 179 SER 179 179 179 SER SER A . n 
A 1 180 PHE 180 180 180 PHE PHE A . n 
A 1 181 MET 181 181 181 MET MET A . n 
A 1 182 CYS 182 182 182 CYS CYS A . n 
A 1 183 LEU 183 183 183 LEU LEU A . n 
A 1 184 ILE 184 184 184 ILE ILE A . n 
A 1 185 LYS 185 185 185 LYS LYS A . n 
A 1 186 TYR 186 186 186 TYR TYR A . n 
A 1 187 GLY 187 187 187 GLY GLY A . n 
A 1 188 HIS 188 188 188 HIS HIS A . n 
A 1 189 LEU 189 189 189 LEU LEU A . n 
A 1 190 ARG 190 190 190 ARG ARG A . n 
A 1 191 VAL 191 191 191 VAL VAL A . n 
A 1 192 ASN 192 192 192 ASN ASN A . n 
A 1 193 GLN 193 193 193 GLN GLN A . n 
A 1 194 THR 194 194 194 THR THR A . n 
A 1 195 PHE 195 195 195 PHE PHE A . n 
A 1 196 ASN 196 196 196 ASN ASN A . n 
A 1 197 TRP 197 197 197 TRP TRP A . n 
A 1 198 ASN 198 198 198 ASN ASN A . n 
A 1 199 THR 199 199 199 THR THR A . n 
A 1 200 ALA 200 200 200 ALA ALA A . n 
A 1 201 LYS 201 201 ?   ?   ?   A . n 
# 
loop_
_pdbx_nonpoly_scheme.asym_id 
_pdbx_nonpoly_scheme.entity_id 
_pdbx_nonpoly_scheme.mon_id 
_pdbx_nonpoly_scheme.ndb_seq_num 
_pdbx_nonpoly_scheme.pdb_seq_num 
_pdbx_nonpoly_scheme.auth_seq_num 
_pdbx_nonpoly_scheme.pdb_mon_id 
_pdbx_nonpoly_scheme.auth_mon_id 
_pdbx_nonpoly_scheme.pdb_strand_id 
_pdbx_nonpoly_scheme.pdb_ins_code 
B 2 NAG 1 1001 1 NAG NAG A . 
C 2 NAG 1 1002 2 NAG NAG A . 
D 2 NAG 1 1003 3 NAG NAG A . 
# 
loop_
_software.name 
_software.classification 
_software.version 
_software.citation_id 
_software.pdbx_ordinal 
DENZO     'data reduction' .   ? 1 
SCALEPACK 'data scaling'   .   ? 2 
SOLVE     phasing          .   ? 3 
CNS       refinement       0.9 ? 4 
# 
_cell.entry_id           1DR9 
_cell.length_a           57.280 
_cell.length_b           57.280 
_cell.length_c           298.930 
_cell.angle_alpha        90.00 
_cell.angle_beta         90.00 
_cell.angle_gamma        90.00 
_cell.Z_PDB              16 
_cell.pdbx_unique_axis   ? 
# 
_symmetry.entry_id                         1DR9 
_symmetry.space_group_name_H-M             'I 41 2 2' 
_symmetry.pdbx_full_space_group_name_H-M   ? 
_symmetry.cell_setting                     ? 
_symmetry.Int_Tables_number                98 
# 
_exptl.entry_id          1DR9 
_exptl.method            'X-RAY DIFFRACTION' 
_exptl.crystals_number   1 
# 
_exptl_crystal.id                    1 
_exptl_crystal.density_meas          ? 
_exptl_crystal.density_Matthews      2.67 
_exptl_crystal.density_percent_sol   53.85 
_exptl_crystal.description           ? 
# 
_exptl_crystal_grow.crystal_id      1 
_exptl_crystal_grow.method          'VAPOR DIFFUSION, SITTING DROP' 
_exptl_crystal_grow.temp            293.0 
_exptl_crystal_grow.temp_details    ? 
_exptl_crystal_grow.pH              7.5 
_exptl_crystal_grow.pdbx_details    'PEG400, Na Hepes, CaCl2, pH 7.5, VAPOR DIFFUSION, SITTING DROP, temperature 20K' 
_exptl_crystal_grow.pdbx_pH_range   ? 
# 
_diffrn.id                     1 
_diffrn.ambient_temp           100.0 
_diffrn.ambient_temp_details   ? 
_diffrn.crystal_id             1 
# 
_diffrn_detector.diffrn_id              1 
_diffrn_detector.detector               'IMAGE PLATE' 
_diffrn_detector.type                   MARRESEARCH 
_diffrn_detector.pdbx_collection_date   1998-11-24 
_diffrn_detector.details                ? 
# 
_diffrn_radiation.diffrn_id                        1 
_diffrn_radiation.wavelength_id                    1 
_diffrn_radiation.pdbx_monochromatic_or_laue_m_l   M 
_diffrn_radiation.monochromator                    ? 
_diffrn_radiation.pdbx_diffrn_protocol             'SINGLE WAVELENGTH' 
_diffrn_radiation.pdbx_scattering_type             x-ray 
# 
_diffrn_radiation_wavelength.id           1 
_diffrn_radiation_wavelength.wavelength   . 
_diffrn_radiation_wavelength.wt           1.0 
# 
_diffrn_source.diffrn_id                   1 
_diffrn_source.source                      SYNCHROTRON 
_diffrn_source.type                        'ESRF BEAMLINE BM14' 
_diffrn_source.pdbx_synchrotron_site       ESRF 
_diffrn_source.pdbx_synchrotron_beamline   BM14 
_diffrn_source.pdbx_wavelength             ? 
_diffrn_source.pdbx_wavelength_list        ? 
# 
_reflns.entry_id                     1DR9 
_reflns.observed_criterion_sigma_I   0 
_reflns.observed_criterion_sigma_F   0 
_reflns.d_resolution_low             20 
_reflns.d_resolution_high            3.0 
_reflns.number_obs                   5204 
_reflns.number_all                   105456 
_reflns.percent_possible_obs         96.5 
_reflns.pdbx_Rmerge_I_obs            0.114 
_reflns.pdbx_Rsym_value              ? 
_reflns.pdbx_netI_over_sigmaI        24 
_reflns.B_iso_Wilson_estimate        ? 
_reflns.pdbx_redundancy              .195 
_reflns.R_free_details               ? 
_reflns.limit_h_max                  ? 
_reflns.limit_h_min                  ? 
_reflns.limit_k_max                  ? 
_reflns.limit_k_min                  ? 
_reflns.limit_l_max                  ? 
_reflns.limit_l_min                  ? 
_reflns.observed_criterion_F_max     ? 
_reflns.observed_criterion_F_min     ? 
_reflns.pdbx_ordinal                 1 
_reflns.pdbx_diffrn_id               1 
# 
_reflns_shell.d_res_high             3.0 
_reflns_shell.d_res_low              3.1 
_reflns_shell.percent_possible_all   88.9 
_reflns_shell.Rmerge_I_obs           0.48 
_reflns_shell.pdbx_Rsym_value        ? 
_reflns_shell.meanI_over_sigI_obs    ? 
_reflns_shell.pdbx_redundancy        ? 
_reflns_shell.percent_possible_obs   ? 
_reflns_shell.number_unique_all      283 
_reflns_shell.pdbx_ordinal           1 
_reflns_shell.pdbx_diffrn_id         1 
# 
_refine.entry_id                                 1DR9 
_refine.ls_number_reflns_obs                     5204 
_refine.ls_number_reflns_all                     ? 
_refine.pdbx_ls_sigma_I                          ? 
_refine.pdbx_ls_sigma_F                          0.0 
_refine.pdbx_data_cutoff_high_absF               253290.04 
_refine.pdbx_data_cutoff_low_absF                0.00 
_refine.ls_d_res_low                             19.55 
_refine.ls_d_res_high                            3.00 
_refine.ls_percent_reflns_obs                    96.5 
_refine.ls_R_factor_obs                          0.238 
_refine.ls_R_factor_all                          ? 
_refine.ls_R_factor_R_work                       0.238 
_refine.ls_R_factor_R_free                       0.28 
_refine.ls_R_factor_R_free_error                 0.016 
_refine.ls_R_factor_R_free_error_details         ? 
_refine.ls_percent_reflns_R_free                 5.6 
_refine.ls_number_reflns_R_free                  289 
_refine.ls_number_parameters                     ? 
_refine.ls_number_restraints                     ? 
_refine.occupancy_min                            ? 
_refine.occupancy_max                            ? 
_refine.B_iso_mean                               41.1 
_refine.aniso_B[1][1]                            11.91 
_refine.aniso_B[2][2]                            11.91 
_refine.aniso_B[3][3]                            -23.83 
_refine.aniso_B[1][2]                            0.00 
_refine.aniso_B[1][3]                            0.00 
_refine.aniso_B[2][3]                            0.00 
_refine.solvent_model_details                    'FLAT MODEL' 
_refine.solvent_model_param_ksol                 0.289 
_refine.solvent_model_param_bsol                 10 
_refine.pdbx_ls_cross_valid_method               THROUGHOUT 
_refine.details                                  ? 
_refine.pdbx_starting_model                      ? 
_refine.pdbx_method_to_determine_struct          ? 
_refine.pdbx_isotropic_thermal_model             RESTRAINED 
_refine.pdbx_stereochemistry_target_values       ? 
_refine.pdbx_stereochem_target_val_spec_case     ? 
_refine.pdbx_R_Free_selection_details            RANDOM 
_refine.pdbx_overall_ESU_R_Free                  ? 
_refine.overall_SU_B                             ? 
_refine.ls_redundancy_reflns_obs                 ? 
_refine.B_iso_min                                ? 
_refine.B_iso_max                                ? 
_refine.overall_SU_ML                            ? 
_refine.pdbx_overall_ESU_R                       ? 
_refine.pdbx_data_cutoff_high_rms_absF           ? 
_refine.correlation_coeff_Fo_to_Fc               ? 
_refine.correlation_coeff_Fo_to_Fc_free          ? 
_refine.overall_SU_R_Cruickshank_DPI             ? 
_refine.overall_SU_R_free                        ? 
_refine.pdbx_refine_id                           'X-RAY DIFFRACTION' 
_refine.pdbx_diffrn_id                           1 
_refine.pdbx_TLS_residual_ADP_flag               ? 
_refine.pdbx_solvent_vdw_probe_radii             ? 
_refine.pdbx_solvent_ion_probe_radii             ? 
_refine.pdbx_solvent_shrinkage_radii             ? 
_refine.pdbx_overall_phase_error                 ? 
_refine.pdbx_overall_SU_R_free_Cruickshank_DPI   ? 
_refine.pdbx_overall_SU_R_Blow_DPI               ? 
_refine.pdbx_overall_SU_R_free_Blow_DPI          ? 
# 
_refine_analyze.entry_id                        1DR9 
_refine_analyze.Luzzati_coordinate_error_obs    0.34 
_refine_analyze.Luzzati_sigma_a_obs             0.36 
_refine_analyze.Luzzati_d_res_low_obs           5.00 
_refine_analyze.Luzzati_coordinate_error_free   0.42 
_refine_analyze.Luzzati_sigma_a_free            0.45 
_refine_analyze.Luzzati_d_res_low_free          ? 
_refine_analyze.number_disordered_residues      ? 
_refine_analyze.occupancy_sum_hydrogen          ? 
_refine_analyze.occupancy_sum_non_hydrogen      ? 
_refine_analyze.pdbx_Luzzati_d_res_high_obs     ? 
_refine_analyze.pdbx_refine_id                  'X-RAY DIFFRACTION' 
# 
_refine_hist.pdbx_refine_id                   'X-RAY DIFFRACTION' 
_refine_hist.cycle_id                         LAST 
_refine_hist.pdbx_number_atoms_protein        1603 
_refine_hist.pdbx_number_atoms_nucleic_acid   0 
_refine_hist.pdbx_number_atoms_ligand         42 
_refine_hist.number_atoms_solvent             0 
_refine_hist.number_atoms_total               1645 
_refine_hist.d_res_high                       3.00 
_refine_hist.d_res_low                        19.55 
# 
loop_
_refine_ls_restr.type 
_refine_ls_restr.dev_ideal 
_refine_ls_restr.dev_ideal_target 
_refine_ls_restr.weight 
_refine_ls_restr.number 
_refine_ls_restr.pdbx_refine_id 
_refine_ls_restr.pdbx_restraint_function 
c_bond_d           0.008 ?    ? ? 'X-RAY DIFFRACTION' ? 
c_angle_deg        1.4   ?    ? ? 'X-RAY DIFFRACTION' ? 
c_dihedral_angle_d 26.7  ?    ? ? 'X-RAY DIFFRACTION' ? 
c_improper_angle_d 0.73  ?    ? ? 'X-RAY DIFFRACTION' ? 
c_mcbond_it        1.64  1.50 ? ? 'X-RAY DIFFRACTION' ? 
c_mcangle_it       2.76  2.00 ? ? 'X-RAY DIFFRACTION' ? 
c_scbond_it        2.27  2.00 ? ? 'X-RAY DIFFRACTION' ? 
c_scangle_it       3.48  2.50 ? ? 'X-RAY DIFFRACTION' ? 
# 
_refine_ls_shell.pdbx_total_number_of_bins_used   6 
_refine_ls_shell.d_res_high                       3.00 
_refine_ls_shell.d_res_low                        3.19 
_refine_ls_shell.number_reflns_R_work             745 
_refine_ls_shell.R_factor_R_work                  0.291 
_refine_ls_shell.percent_reflns_obs               92.1 
_refine_ls_shell.R_factor_R_free                  0.365 
_refine_ls_shell.R_factor_R_free_error            0.049 
_refine_ls_shell.percent_reflns_R_free            7.0 
_refine_ls_shell.number_reflns_R_free             56 
_refine_ls_shell.redundancy_reflns_obs            ? 
_refine_ls_shell.number_reflns_all                ? 
_refine_ls_shell.number_reflns_obs                ? 
_refine_ls_shell.pdbx_refine_id                   'X-RAY DIFFRACTION' 
_refine_ls_shell.R_factor_all                     ? 
# 
loop_
_pdbx_xplor_file.serial_no 
_pdbx_xplor_file.param_file 
_pdbx_xplor_file.topol_file 
_pdbx_xplor_file.pdbx_refine_id 
1 PROTEIN_REP.PAR  PROTEIN.TOP      'X-RAY DIFFRACTION' 
2 CARBOHYDRATE.PAR CARBOHYDRATE.TOP 'X-RAY DIFFRACTION' 
# 
_struct.entry_id                  1DR9 
_struct.title                     'CRYSTAL STRUCTURE OF A SOLUBLE FORM OF B7-1 (CD80)' 
_struct.pdbx_model_details        ? 
_struct.pdbx_CASP_flag            ? 
_struct.pdbx_model_type_details   ? 
# 
_struct_keywords.entry_id        1DR9 
_struct_keywords.pdbx_keywords   'IMMUNE SYSTEM' 
_struct_keywords.text            'IG SUPERFAMILY, IMMUNE SYSTEM' 
# 
loop_
_struct_asym.id 
_struct_asym.pdbx_blank_PDB_chainid_flag 
_struct_asym.pdbx_modified 
_struct_asym.entity_id 
_struct_asym.details 
A N N 1 ? 
B N N 2 ? 
C N N 2 ? 
D N N 2 ? 
# 
_struct_ref.id                         1 
_struct_ref.db_name                    UNP 
_struct_ref.db_code                    CD80_HUMAN 
_struct_ref.entity_id                  1 
_struct_ref.pdbx_db_accession          P33681 
_struct_ref.pdbx_align_begin           ? 
_struct_ref.pdbx_seq_one_letter_code   ? 
_struct_ref.pdbx_db_isoform            ? 
# 
_struct_ref_seq.align_id                      1 
_struct_ref_seq.ref_id                        1 
_struct_ref_seq.pdbx_PDB_id_code              1DR9 
_struct_ref_seq.pdbx_strand_id                A 
_struct_ref_seq.seq_align_beg                 1 
_struct_ref_seq.pdbx_seq_align_beg_ins_code   ? 
_struct_ref_seq.seq_align_end                 201 
_struct_ref_seq.pdbx_seq_align_end_ins_code   ? 
_struct_ref_seq.pdbx_db_accession             P33681 
_struct_ref_seq.db_align_beg                  35 
_struct_ref_seq.pdbx_db_align_beg_ins_code    ? 
_struct_ref_seq.db_align_end                  234 
_struct_ref_seq.pdbx_db_align_end_ins_code    ? 
_struct_ref_seq.pdbx_auth_seq_align_beg       1 
_struct_ref_seq.pdbx_auth_seq_align_end       201 
# 
_struct_ref_seq_dif.align_id                     1 
_struct_ref_seq_dif.pdbx_pdb_id_code             1DR9 
_struct_ref_seq_dif.mon_id                       ALA 
_struct_ref_seq_dif.pdbx_pdb_strand_id           A 
_struct_ref_seq_dif.seq_num                      200 
_struct_ref_seq_dif.pdbx_pdb_ins_code            ? 
_struct_ref_seq_dif.pdbx_seq_db_name             UNP 
_struct_ref_seq_dif.pdbx_seq_db_accession_code   P33681 
_struct_ref_seq_dif.db_mon_id                    THR 
_struct_ref_seq_dif.pdbx_seq_db_seq_num          234 
_struct_ref_seq_dif.details                      'engineered mutation' 
_struct_ref_seq_dif.pdbx_auth_seq_num            200 
_struct_ref_seq_dif.pdbx_ordinal                 1 
# 
_pdbx_struct_assembly.id                   1 
_pdbx_struct_assembly.details              author_defined_assembly 
_pdbx_struct_assembly.method_details       ? 
_pdbx_struct_assembly.oligomeric_details   monomeric 
_pdbx_struct_assembly.oligomeric_count     1 
# 
_pdbx_struct_assembly_gen.assembly_id       1 
_pdbx_struct_assembly_gen.oper_expression   1 
_pdbx_struct_assembly_gen.asym_id_list      A,B,C,D 
# 
_pdbx_struct_oper_list.id                   1 
_pdbx_struct_oper_list.type                 'identity operation' 
_pdbx_struct_oper_list.name                 1_555 
_pdbx_struct_oper_list.symmetry_operation   x,y,z 
_pdbx_struct_oper_list.matrix[1][1]         1.0000000000 
_pdbx_struct_oper_list.matrix[1][2]         0.0000000000 
_pdbx_struct_oper_list.matrix[1][3]         0.0000000000 
_pdbx_struct_oper_list.vector[1]            0.0000000000 
_pdbx_struct_oper_list.matrix[2][1]         0.0000000000 
_pdbx_struct_oper_list.matrix[2][2]         1.0000000000 
_pdbx_struct_oper_list.matrix[2][3]         0.0000000000 
_pdbx_struct_oper_list.vector[2]            0.0000000000 
_pdbx_struct_oper_list.matrix[3][1]         0.0000000000 
_pdbx_struct_oper_list.matrix[3][2]         0.0000000000 
_pdbx_struct_oper_list.matrix[3][3]         1.0000000000 
_pdbx_struct_oper_list.vector[3]            0.0000000000 
# 
_struct_biol.id                    1 
_struct_biol.pdbx_parent_biol_id   ? 
_struct_biol.details               ? 
# 
loop_
_struct_conf.conf_type_id 
_struct_conf.id 
_struct_conf.pdbx_PDB_helix_id 
_struct_conf.beg_label_comp_id 
_struct_conf.beg_label_asym_id 
_struct_conf.beg_label_seq_id 
_struct_conf.pdbx_beg_PDB_ins_code 
_struct_conf.end_label_comp_id 
_struct_conf.end_label_asym_id 
_struct_conf.end_label_seq_id 
_struct_conf.pdbx_end_PDB_ins_code 
_struct_conf.beg_auth_comp_id 
_struct_conf.beg_auth_asym_id 
_struct_conf.beg_auth_seq_id 
_struct_conf.end_auth_comp_id 
_struct_conf.end_auth_asym_id 
_struct_conf.end_auth_seq_id 
_struct_conf.pdbx_PDB_helix_class 
_struct_conf.details 
_struct_conf.pdbx_PDB_helix_length 
HELX_P HELX_P1 1 GLU A 23 ? THR A 28 ? GLU A 23 THR A 28 1 ? 6 
HELX_P HELX_P2 2 TRP A 50 ? ASN A 55 ? TRP A 50 ASN A 55 1 ? 6 
HELX_P HELX_P3 3 ARG A 73 ? GLU A 77 ? ARG A 73 GLU A 77 5 ? 5 
# 
_struct_conf_type.id          HELX_P 
_struct_conf_type.criteria    ? 
_struct_conf_type.reference   ? 
# 
loop_
_struct_conn.id 
_struct_conn.conn_type_id 
_struct_conn.pdbx_leaving_atom_flag 
_struct_conn.pdbx_PDB_id 
_struct_conn.ptnr1_label_asym_id 
_struct_conn.ptnr1_label_comp_id 
_struct_conn.ptnr1_label_seq_id 
_struct_conn.ptnr1_label_atom_id 
_struct_conn.pdbx_ptnr1_label_alt_id 
_struct_conn.pdbx_ptnr1_PDB_ins_code 
_struct_conn.pdbx_ptnr1_standard_comp_id 
_struct_conn.ptnr1_symmetry 
_struct_conn.ptnr2_label_asym_id 
_struct_conn.ptnr2_label_comp_id 
_struct_conn.ptnr2_label_seq_id 
_struct_conn.ptnr2_label_atom_id 
_struct_conn.pdbx_ptnr2_label_alt_id 
_struct_conn.pdbx_ptnr2_PDB_ins_code 
_struct_conn.ptnr1_auth_asym_id 
_struct_conn.ptnr1_auth_comp_id 
_struct_conn.ptnr1_auth_seq_id 
_struct_conn.ptnr2_auth_asym_id 
_struct_conn.ptnr2_auth_comp_id 
_struct_conn.ptnr2_auth_seq_id 
_struct_conn.ptnr2_symmetry 
_struct_conn.pdbx_ptnr3_label_atom_id 
_struct_conn.pdbx_ptnr3_label_seq_id 
_struct_conn.pdbx_ptnr3_label_comp_id 
_struct_conn.pdbx_ptnr3_label_asym_id 
_struct_conn.pdbx_ptnr3_label_alt_id 
_struct_conn.pdbx_ptnr3_PDB_ins_code 
_struct_conn.details 
_struct_conn.pdbx_dist_value 
_struct_conn.pdbx_value_order 
_struct_conn.pdbx_role 
disulf1 disulf ?   ? A CYS 16  SG  ? ? ? 1_555 A CYS 82  SG ? ? A CYS 16  A CYS 82   1_555 ? ? ? ? ? ? ? 2.029 ? ?               
disulf2 disulf ?   ? A CYS 128 SG  ? ? ? 1_555 A CYS 182 SG ? ? A CYS 128 A CYS 182  1_555 ? ? ? ? ? ? ? 2.036 ? ?               
covale1 covale one ? A ASN 152 ND2 ? ? ? 1_555 B NAG .   C1 ? ? A ASN 152 A NAG 1001 1_555 ? ? ? ? ? ? ? 1.454 ? N-Glycosylation 
covale2 covale one ? A ASN 173 ND2 ? ? ? 1_555 D NAG .   C1 ? ? A ASN 173 A NAG 1003 1_555 ? ? ? ? ? ? ? 1.457 ? N-Glycosylation 
covale3 covale one ? A ASN 192 ND2 ? ? ? 1_555 C NAG .   C1 ? ? A ASN 192 A NAG 1002 1_555 ? ? ? ? ? ? ? 1.445 ? N-Glycosylation 
# 
loop_
_struct_conn_type.id 
_struct_conn_type.criteria 
_struct_conn_type.reference 
disulf ? ? 
covale ? ? 
# 
loop_
_pdbx_modification_feature.ordinal 
_pdbx_modification_feature.label_comp_id 
_pdbx_modification_feature.label_asym_id 
_pdbx_modification_feature.label_seq_id 
_pdbx_modification_feature.label_alt_id 
_pdbx_modification_feature.modified_residue_label_comp_id 
_pdbx_modification_feature.modified_residue_label_asym_id 
_pdbx_modification_feature.modified_residue_label_seq_id 
_pdbx_modification_feature.modified_residue_label_alt_id 
_pdbx_modification_feature.auth_comp_id 
_pdbx_modification_feature.auth_asym_id 
_pdbx_modification_feature.auth_seq_id 
_pdbx_modification_feature.PDB_ins_code 
_pdbx_modification_feature.symmetry 
_pdbx_modification_feature.modified_residue_auth_comp_id 
_pdbx_modification_feature.modified_residue_auth_asym_id 
_pdbx_modification_feature.modified_residue_auth_seq_id 
_pdbx_modification_feature.modified_residue_PDB_ins_code 
_pdbx_modification_feature.modified_residue_symmetry 
_pdbx_modification_feature.comp_id_linking_atom 
_pdbx_modification_feature.modified_residue_id_linking_atom 
_pdbx_modification_feature.modified_residue_id 
_pdbx_modification_feature.ref_pcm_id 
_pdbx_modification_feature.ref_comp_id 
_pdbx_modification_feature.type 
_pdbx_modification_feature.category 
1 NAG B .   ? ASN A 152 ? NAG A 1001 ? 1_555 ASN A 152 ? 1_555 C1 ND2 ASN 1 NAG N-Glycosylation Carbohydrate       
2 NAG C .   ? ASN A 192 ? NAG A 1002 ? 1_555 ASN A 192 ? 1_555 C1 ND2 ASN 1 NAG N-Glycosylation Carbohydrate       
3 NAG D .   ? ASN A 173 ? NAG A 1003 ? 1_555 ASN A 173 ? 1_555 C1 ND2 ASN 1 NAG N-Glycosylation Carbohydrate       
4 CYS A 16  ? CYS A 82  ? CYS A 16   ? 1_555 CYS A 82  ? 1_555 SG SG  .   . .   None            'Disulfide bridge' 
5 CYS A 128 ? CYS A 182 ? CYS A 128  ? 1_555 CYS A 182 ? 1_555 SG SG  .   . .   None            'Disulfide bridge' 
# 
_struct_mon_prot_cis.pdbx_id                1 
_struct_mon_prot_cis.label_comp_id          PHE 
_struct_mon_prot_cis.label_seq_id           134 
_struct_mon_prot_cis.label_asym_id          A 
_struct_mon_prot_cis.label_alt_id           . 
_struct_mon_prot_cis.pdbx_PDB_ins_code      ? 
_struct_mon_prot_cis.auth_comp_id           PHE 
_struct_mon_prot_cis.auth_seq_id            134 
_struct_mon_prot_cis.auth_asym_id           A 
_struct_mon_prot_cis.pdbx_label_comp_id_2   PRO 
_struct_mon_prot_cis.pdbx_label_seq_id_2    135 
_struct_mon_prot_cis.pdbx_label_asym_id_2   A 
_struct_mon_prot_cis.pdbx_PDB_ins_code_2    ? 
_struct_mon_prot_cis.pdbx_auth_comp_id_2    PRO 
_struct_mon_prot_cis.pdbx_auth_seq_id_2     135 
_struct_mon_prot_cis.pdbx_auth_asym_id_2    A 
_struct_mon_prot_cis.pdbx_PDB_model_num     1 
_struct_mon_prot_cis.pdbx_omega_angle       0.34 
# 
loop_
_struct_sheet.id 
_struct_sheet.type 
_struct_sheet.number_strands 
_struct_sheet.details 
A ? 6 ? 
B ? 3 ? 
C ? 4 ? 
D ? 4 ? 
# 
loop_
_struct_sheet_order.sheet_id 
_struct_sheet_order.range_id_1 
_struct_sheet_order.range_id_2 
_struct_sheet_order.offset 
_struct_sheet_order.sense 
A 1 2 ? parallel      
A 2 3 ? anti-parallel 
A 3 4 ? anti-parallel 
A 4 5 ? anti-parallel 
A 5 6 ? anti-parallel 
B 1 2 ? anti-parallel 
B 2 3 ? anti-parallel 
C 1 2 ? anti-parallel 
C 2 3 ? anti-parallel 
C 3 4 ? anti-parallel 
D 1 2 ? anti-parallel 
D 2 3 ? anti-parallel 
D 3 4 ? anti-parallel 
# 
loop_
_struct_sheet_range.sheet_id 
_struct_sheet_range.id 
_struct_sheet_range.beg_label_comp_id 
_struct_sheet_range.beg_label_asym_id 
_struct_sheet_range.beg_label_seq_id 
_struct_sheet_range.pdbx_beg_PDB_ins_code 
_struct_sheet_range.end_label_comp_id 
_struct_sheet_range.end_label_asym_id 
_struct_sheet_range.end_label_seq_id 
_struct_sheet_range.pdbx_end_PDB_ins_code 
_struct_sheet_range.beg_auth_comp_id 
_struct_sheet_range.beg_auth_asym_id 
_struct_sheet_range.beg_auth_seq_id 
_struct_sheet_range.end_auth_comp_id 
_struct_sheet_range.end_auth_asym_id 
_struct_sheet_range.end_auth_seq_id 
A 1 HIS A 3   ? GLU A 7   ? HIS A 3   GLU A 7   
A 2 LYS A 93  ? LYS A 105 ? LYS A 93  LYS A 105 
A 3 GLY A 78  ? LYS A 86  ? GLY A 78  LYS A 86  
A 4 ARG A 29  ? LYS A 34  ? ARG A 29  LYS A 34  
A 5 LYS A 37  ? MET A 43  ? LYS A 37  MET A 43  
A 6 ASP A 46  ? ILE A 49  ? ASP A 46  ILE A 49  
B 1 ALA A 12  ? LEU A 14  ? ALA A 12  LEU A 14  
B 2 SER A 66  ? ILE A 69  ? SER A 66  ILE A 69  
B 3 THR A 57  ? ASP A 60  ? THR A 57  ASP A 60  
C 1 SER A 112 ? GLU A 117 ? SER A 112 GLU A 117 
C 2 ILE A 123 ? GLY A 133 ? ILE A 123 GLY A 133 
C 3 TYR A 164 ? ASN A 173 ? TYR A 164 ASN A 173 
C 4 ASN A 152 ? GLN A 157 ? ASN A 152 GLN A 157 
D 1 GLU A 147 ? LEU A 148 ? GLU A 147 LEU A 148 
D 2 PRO A 137 ? GLU A 143 ? PRO A 137 GLU A 143 
D 3 HIS A 178 ? TYR A 186 ? HIS A 178 TYR A 186 
D 4 VAL A 191 ? TRP A 197 ? VAL A 191 TRP A 197 
# 
loop_
_pdbx_struct_sheet_hbond.sheet_id 
_pdbx_struct_sheet_hbond.range_id_1 
_pdbx_struct_sheet_hbond.range_id_2 
_pdbx_struct_sheet_hbond.range_1_label_atom_id 
_pdbx_struct_sheet_hbond.range_1_label_comp_id 
_pdbx_struct_sheet_hbond.range_1_label_asym_id 
_pdbx_struct_sheet_hbond.range_1_label_seq_id 
_pdbx_struct_sheet_hbond.range_1_PDB_ins_code 
_pdbx_struct_sheet_hbond.range_1_auth_atom_id 
_pdbx_struct_sheet_hbond.range_1_auth_comp_id 
_pdbx_struct_sheet_hbond.range_1_auth_asym_id 
_pdbx_struct_sheet_hbond.range_1_auth_seq_id 
_pdbx_struct_sheet_hbond.range_2_label_atom_id 
_pdbx_struct_sheet_hbond.range_2_label_comp_id 
_pdbx_struct_sheet_hbond.range_2_label_asym_id 
_pdbx_struct_sheet_hbond.range_2_label_seq_id 
_pdbx_struct_sheet_hbond.range_2_PDB_ins_code 
_pdbx_struct_sheet_hbond.range_2_auth_atom_id 
_pdbx_struct_sheet_hbond.range_2_auth_comp_id 
_pdbx_struct_sheet_hbond.range_2_auth_asym_id 
_pdbx_struct_sheet_hbond.range_2_auth_seq_id 
A 1 2 N VAL A 4   ? N VAL A 4   O THR A 101 ? O THR A 101 
A 2 3 N LEU A 102 ? N LEU A 102 O GLY A 78  ? O GLY A 78  
A 3 4 N LEU A 85  ? N LEU A 85  O ARG A 29  ? O ARG A 29  
A 4 5 N LYS A 34  ? N LYS A 34  O LYS A 37  ? O LYS A 37  
A 5 6 O MET A 43  ? O MET A 43  N ASP A 46  ? N ASP A 46  
B 1 2 N LEU A 14  ? N LEU A 14  O ILE A 67  ? O ILE A 67  
B 2 3 N VAL A 68  ? N VAL A 68  O ILE A 58  ? O ILE A 58  
C 1 2 O PHE A 116 ? O PHE A 116 N ARG A 125 ? N ARG A 125 
C 2 3 N GLY A 132 ? N GLY A 132 O TYR A 164 ? O TYR A 164 
C 3 4 N LYS A 169 ? N LYS A 169 O ASN A 152 ? O ASN A 152 
D 1 2 N LEU A 148 ? N LEU A 148 O TRP A 141 ? O TRP A 141 
D 2 3 N LEU A 142 ? N LEU A 142 O MET A 181 ? O MET A 181 
D 3 4 N ILE A 184 ? N ILE A 184 O VAL A 191 ? O VAL A 191 
# 
_pdbx_entry_details.entry_id                   1DR9 
_pdbx_entry_details.compound_details           ? 
_pdbx_entry_details.source_details             ? 
_pdbx_entry_details.nonpolymer_details         ? 
_pdbx_entry_details.sequence_details           ? 
_pdbx_entry_details.has_ligand_of_interest     ? 
_pdbx_entry_details.has_protein_modification   Y 
# 
loop_
_pdbx_validate_torsion.id 
_pdbx_validate_torsion.PDB_model_num 
_pdbx_validate_torsion.auth_comp_id 
_pdbx_validate_torsion.auth_asym_id 
_pdbx_validate_torsion.auth_seq_id 
_pdbx_validate_torsion.PDB_ins_code 
_pdbx_validate_torsion.label_alt_id 
_pdbx_validate_torsion.phi 
_pdbx_validate_torsion.psi 
1  1 LYS A 9   ? ? 79.27   -13.44  
2  1 LYS A 36  ? ? 69.97   -28.90  
3  1 VAL A 39  ? ? -123.78 -63.75  
4  1 MET A 42  ? ? -110.04 55.94   
5  1 MET A 43  ? ? -57.56  98.23   
6  1 SER A 44  ? ? 34.14   72.40   
7  1 ASN A 48  ? ? -162.05 105.43  
8  1 ASN A 63  ? ? -100.26 68.29   
9  1 LYS A 89  ? ? -21.45  112.98  
10 1 ASP A 90  ? ? 108.58  -24.64  
11 1 ALA A 106 ? ? -140.72 53.23   
12 1 THR A 120 ? ? -165.89 117.46  
13 1 ASN A 122 ? ? 80.89   -20.65  
14 1 PRO A 135 ? ? -74.17  -164.10 
15 1 GLU A 160 ? ? -75.22  -74.93  
16 1 LEU A 189 ? ? -101.65 -167.83 
17 1 ARG A 190 ? ? 179.66  137.09  
18 1 THR A 199 ? ? -50.88  -103.53 
# 
loop_
_pdbx_struct_mod_residue.id 
_pdbx_struct_mod_residue.label_asym_id 
_pdbx_struct_mod_residue.label_comp_id 
_pdbx_struct_mod_residue.label_seq_id 
_pdbx_struct_mod_residue.auth_asym_id 
_pdbx_struct_mod_residue.auth_comp_id 
_pdbx_struct_mod_residue.auth_seq_id 
_pdbx_struct_mod_residue.PDB_ins_code 
_pdbx_struct_mod_residue.parent_comp_id 
_pdbx_struct_mod_residue.details 
1 A ASN 152 A ASN 152 ? ASN 'GLYCOSYLATION SITE' 
2 A ASN 192 A ASN 192 ? ASN 'GLYCOSYLATION SITE' 
3 A ASN 173 A ASN 173 ? ASN 'GLYCOSYLATION SITE' 
# 
_pdbx_unobs_or_zero_occ_residues.id               1 
_pdbx_unobs_or_zero_occ_residues.PDB_model_num    1 
_pdbx_unobs_or_zero_occ_residues.polymer_flag     Y 
_pdbx_unobs_or_zero_occ_residues.occupancy_flag   1 
_pdbx_unobs_or_zero_occ_residues.auth_asym_id     A 
_pdbx_unobs_or_zero_occ_residues.auth_comp_id     LYS 
_pdbx_unobs_or_zero_occ_residues.auth_seq_id      201 
_pdbx_unobs_or_zero_occ_residues.PDB_ins_code     ? 
_pdbx_unobs_or_zero_occ_residues.label_asym_id    A 
_pdbx_unobs_or_zero_occ_residues.label_comp_id    LYS 
_pdbx_unobs_or_zero_occ_residues.label_seq_id     201 
# 
loop_
_chem_comp_atom.comp_id 
_chem_comp_atom.atom_id 
_chem_comp_atom.type_symbol 
_chem_comp_atom.pdbx_aromatic_flag 
_chem_comp_atom.pdbx_stereo_config 
_chem_comp_atom.pdbx_ordinal 
ALA N    N N N 1   
ALA CA   C N S 2   
ALA C    C N N 3   
ALA O    O N N 4   
ALA CB   C N N 5   
ALA OXT  O N N 6   
ALA H    H N N 7   
ALA H2   H N N 8   
ALA HA   H N N 9   
ALA HB1  H N N 10  
ALA HB2  H N N 11  
ALA HB3  H N N 12  
ALA HXT  H N N 13  
ARG N    N N N 14  
ARG CA   C N S 15  
ARG C    C N N 16  
ARG O    O N N 17  
ARG CB   C N N 18  
ARG CG   C N N 19  
ARG CD   C N N 20  
ARG NE   N N N 21  
ARG CZ   C N N 22  
ARG NH1  N N N 23  
ARG NH2  N N N 24  
ARG OXT  O N N 25  
ARG H    H N N 26  
ARG H2   H N N 27  
ARG HA   H N N 28  
ARG HB2  H N N 29  
ARG HB3  H N N 30  
ARG HG2  H N N 31  
ARG HG3  H N N 32  
ARG HD2  H N N 33  
ARG HD3  H N N 34  
ARG HE   H N N 35  
ARG HH11 H N N 36  
ARG HH12 H N N 37  
ARG HH21 H N N 38  
ARG HH22 H N N 39  
ARG HXT  H N N 40  
ASN N    N N N 41  
ASN CA   C N S 42  
ASN C    C N N 43  
ASN O    O N N 44  
ASN CB   C N N 45  
ASN CG   C N N 46  
ASN OD1  O N N 47  
ASN ND2  N N N 48  
ASN OXT  O N N 49  
ASN H    H N N 50  
ASN H2   H N N 51  
ASN HA   H N N 52  
ASN HB2  H N N 53  
ASN HB3  H N N 54  
ASN HD21 H N N 55  
ASN HD22 H N N 56  
ASN HXT  H N N 57  
ASP N    N N N 58  
ASP CA   C N S 59  
ASP C    C N N 60  
ASP O    O N N 61  
ASP CB   C N N 62  
ASP CG   C N N 63  
ASP OD1  O N N 64  
ASP OD2  O N N 65  
ASP OXT  O N N 66  
ASP H    H N N 67  
ASP H2   H N N 68  
ASP HA   H N N 69  
ASP HB2  H N N 70  
ASP HB3  H N N 71  
ASP HD2  H N N 72  
ASP HXT  H N N 73  
CYS N    N N N 74  
CYS CA   C N R 75  
CYS C    C N N 76  
CYS O    O N N 77  
CYS CB   C N N 78  
CYS SG   S N N 79  
CYS OXT  O N N 80  
CYS H    H N N 81  
CYS H2   H N N 82  
CYS HA   H N N 83  
CYS HB2  H N N 84  
CYS HB3  H N N 85  
CYS HG   H N N 86  
CYS HXT  H N N 87  
GLN N    N N N 88  
GLN CA   C N S 89  
GLN C    C N N 90  
GLN O    O N N 91  
GLN CB   C N N 92  
GLN CG   C N N 93  
GLN CD   C N N 94  
GLN OE1  O N N 95  
GLN NE2  N N N 96  
GLN OXT  O N N 97  
GLN H    H N N 98  
GLN H2   H N N 99  
GLN HA   H N N 100 
GLN HB2  H N N 101 
GLN HB3  H N N 102 
GLN HG2  H N N 103 
GLN HG3  H N N 104 
GLN HE21 H N N 105 
GLN HE22 H N N 106 
GLN HXT  H N N 107 
GLU N    N N N 108 
GLU CA   C N S 109 
GLU C    C N N 110 
GLU O    O N N 111 
GLU CB   C N N 112 
GLU CG   C N N 113 
GLU CD   C N N 114 
GLU OE1  O N N 115 
GLU OE2  O N N 116 
GLU OXT  O N N 117 
GLU H    H N N 118 
GLU H2   H N N 119 
GLU HA   H N N 120 
GLU HB2  H N N 121 
GLU HB3  H N N 122 
GLU HG2  H N N 123 
GLU HG3  H N N 124 
GLU HE2  H N N 125 
GLU HXT  H N N 126 
GLY N    N N N 127 
GLY CA   C N N 128 
GLY C    C N N 129 
GLY O    O N N 130 
GLY OXT  O N N 131 
GLY H    H N N 132 
GLY H2   H N N 133 
GLY HA2  H N N 134 
GLY HA3  H N N 135 
GLY HXT  H N N 136 
HIS N    N N N 137 
HIS CA   C N S 138 
HIS C    C N N 139 
HIS O    O N N 140 
HIS CB   C N N 141 
HIS CG   C Y N 142 
HIS ND1  N Y N 143 
HIS CD2  C Y N 144 
HIS CE1  C Y N 145 
HIS NE2  N Y N 146 
HIS OXT  O N N 147 
HIS H    H N N 148 
HIS H2   H N N 149 
HIS HA   H N N 150 
HIS HB2  H N N 151 
HIS HB3  H N N 152 
HIS HD1  H N N 153 
HIS HD2  H N N 154 
HIS HE1  H N N 155 
HIS HE2  H N N 156 
HIS HXT  H N N 157 
ILE N    N N N 158 
ILE CA   C N S 159 
ILE C    C N N 160 
ILE O    O N N 161 
ILE CB   C N S 162 
ILE CG1  C N N 163 
ILE CG2  C N N 164 
ILE CD1  C N N 165 
ILE OXT  O N N 166 
ILE H    H N N 167 
ILE H2   H N N 168 
ILE HA   H N N 169 
ILE HB   H N N 170 
ILE HG12 H N N 171 
ILE HG13 H N N 172 
ILE HG21 H N N 173 
ILE HG22 H N N 174 
ILE HG23 H N N 175 
ILE HD11 H N N 176 
ILE HD12 H N N 177 
ILE HD13 H N N 178 
ILE HXT  H N N 179 
LEU N    N N N 180 
LEU CA   C N S 181 
LEU C    C N N 182 
LEU O    O N N 183 
LEU CB   C N N 184 
LEU CG   C N N 185 
LEU CD1  C N N 186 
LEU CD2  C N N 187 
LEU OXT  O N N 188 
LEU H    H N N 189 
LEU H2   H N N 190 
LEU HA   H N N 191 
LEU HB2  H N N 192 
LEU HB3  H N N 193 
LEU HG   H N N 194 
LEU HD11 H N N 195 
LEU HD12 H N N 196 
LEU HD13 H N N 197 
LEU HD21 H N N 198 
LEU HD22 H N N 199 
LEU HD23 H N N 200 
LEU HXT  H N N 201 
LYS N    N N N 202 
LYS CA   C N S 203 
LYS C    C N N 204 
LYS O    O N N 205 
LYS CB   C N N 206 
LYS CG   C N N 207 
LYS CD   C N N 208 
LYS CE   C N N 209 
LYS NZ   N N N 210 
LYS OXT  O N N 211 
LYS H    H N N 212 
LYS H2   H N N 213 
LYS HA   H N N 214 
LYS HB2  H N N 215 
LYS HB3  H N N 216 
LYS HG2  H N N 217 
LYS HG3  H N N 218 
LYS HD2  H N N 219 
LYS HD3  H N N 220 
LYS HE2  H N N 221 
LYS HE3  H N N 222 
LYS HZ1  H N N 223 
LYS HZ2  H N N 224 
LYS HZ3  H N N 225 
LYS HXT  H N N 226 
MET N    N N N 227 
MET CA   C N S 228 
MET C    C N N 229 
MET O    O N N 230 
MET CB   C N N 231 
MET CG   C N N 232 
MET SD   S N N 233 
MET CE   C N N 234 
MET OXT  O N N 235 
MET H    H N N 236 
MET H2   H N N 237 
MET HA   H N N 238 
MET HB2  H N N 239 
MET HB3  H N N 240 
MET HG2  H N N 241 
MET HG3  H N N 242 
MET HE1  H N N 243 
MET HE2  H N N 244 
MET HE3  H N N 245 
MET HXT  H N N 246 
NAG C1   C N R 247 
NAG C2   C N R 248 
NAG C3   C N R 249 
NAG C4   C N S 250 
NAG C5   C N R 251 
NAG C6   C N N 252 
NAG C7   C N N 253 
NAG C8   C N N 254 
NAG N2   N N N 255 
NAG O1   O N N 256 
NAG O3   O N N 257 
NAG O4   O N N 258 
NAG O5   O N N 259 
NAG O6   O N N 260 
NAG O7   O N N 261 
NAG H1   H N N 262 
NAG H2   H N N 263 
NAG H3   H N N 264 
NAG H4   H N N 265 
NAG H5   H N N 266 
NAG H61  H N N 267 
NAG H62  H N N 268 
NAG H81  H N N 269 
NAG H82  H N N 270 
NAG H83  H N N 271 
NAG HN2  H N N 272 
NAG HO1  H N N 273 
NAG HO3  H N N 274 
NAG HO4  H N N 275 
NAG HO6  H N N 276 
PHE N    N N N 277 
PHE CA   C N S 278 
PHE C    C N N 279 
PHE O    O N N 280 
PHE CB   C N N 281 
PHE CG   C Y N 282 
PHE CD1  C Y N 283 
PHE CD2  C Y N 284 
PHE CE1  C Y N 285 
PHE CE2  C Y N 286 
PHE CZ   C Y N 287 
PHE OXT  O N N 288 
PHE H    H N N 289 
PHE H2   H N N 290 
PHE HA   H N N 291 
PHE HB2  H N N 292 
PHE HB3  H N N 293 
PHE HD1  H N N 294 
PHE HD2  H N N 295 
PHE HE1  H N N 296 
PHE HE2  H N N 297 
PHE HZ   H N N 298 
PHE HXT  H N N 299 
PRO N    N N N 300 
PRO CA   C N S 301 
PRO C    C N N 302 
PRO O    O N N 303 
PRO CB   C N N 304 
PRO CG   C N N 305 
PRO CD   C N N 306 
PRO OXT  O N N 307 
PRO H    H N N 308 
PRO HA   H N N 309 
PRO HB2  H N N 310 
PRO HB3  H N N 311 
PRO HG2  H N N 312 
PRO HG3  H N N 313 
PRO HD2  H N N 314 
PRO HD3  H N N 315 
PRO HXT  H N N 316 
SER N    N N N 317 
SER CA   C N S 318 
SER C    C N N 319 
SER O    O N N 320 
SER CB   C N N 321 
SER OG   O N N 322 
SER OXT  O N N 323 
SER H    H N N 324 
SER H2   H N N 325 
SER HA   H N N 326 
SER HB2  H N N 327 
SER HB3  H N N 328 
SER HG   H N N 329 
SER HXT  H N N 330 
THR N    N N N 331 
THR CA   C N S 332 
THR C    C N N 333 
THR O    O N N 334 
THR CB   C N R 335 
THR OG1  O N N 336 
THR CG2  C N N 337 
THR OXT  O N N 338 
THR H    H N N 339 
THR H2   H N N 340 
THR HA   H N N 341 
THR HB   H N N 342 
THR HG1  H N N 343 
THR HG21 H N N 344 
THR HG22 H N N 345 
THR HG23 H N N 346 
THR HXT  H N N 347 
TRP N    N N N 348 
TRP CA   C N S 349 
TRP C    C N N 350 
TRP O    O N N 351 
TRP CB   C N N 352 
TRP CG   C Y N 353 
TRP CD1  C Y N 354 
TRP CD2  C Y N 355 
TRP NE1  N Y N 356 
TRP CE2  C Y N 357 
TRP CE3  C Y N 358 
TRP CZ2  C Y N 359 
TRP CZ3  C Y N 360 
TRP CH2  C Y N 361 
TRP OXT  O N N 362 
TRP H    H N N 363 
TRP H2   H N N 364 
TRP HA   H N N 365 
TRP HB2  H N N 366 
TRP HB3  H N N 367 
TRP HD1  H N N 368 
TRP HE1  H N N 369 
TRP HE3  H N N 370 
TRP HZ2  H N N 371 
TRP HZ3  H N N 372 
TRP HH2  H N N 373 
TRP HXT  H N N 374 
TYR N    N N N 375 
TYR CA   C N S 376 
TYR C    C N N 377 
TYR O    O N N 378 
TYR CB   C N N 379 
TYR CG   C Y N 380 
TYR CD1  C Y N 381 
TYR CD2  C Y N 382 
TYR CE1  C Y N 383 
TYR CE2  C Y N 384 
TYR CZ   C Y N 385 
TYR OH   O N N 386 
TYR OXT  O N N 387 
TYR H    H N N 388 
TYR H2   H N N 389 
TYR HA   H N N 390 
TYR HB2  H N N 391 
TYR HB3  H N N 392 
TYR HD1  H N N 393 
TYR HD2  H N N 394 
TYR HE1  H N N 395 
TYR HE2  H N N 396 
TYR HH   H N N 397 
TYR HXT  H N N 398 
VAL N    N N N 399 
VAL CA   C N S 400 
VAL C    C N N 401 
VAL O    O N N 402 
VAL CB   C N N 403 
VAL CG1  C N N 404 
VAL CG2  C N N 405 
VAL OXT  O N N 406 
VAL H    H N N 407 
VAL H2   H N N 408 
VAL HA   H N N 409 
VAL HB   H N N 410 
VAL HG11 H N N 411 
VAL HG12 H N N 412 
VAL HG13 H N N 413 
VAL HG21 H N N 414 
VAL HG22 H N N 415 
VAL HG23 H N N 416 
VAL HXT  H N N 417 
# 
loop_
_chem_comp_bond.comp_id 
_chem_comp_bond.atom_id_1 
_chem_comp_bond.atom_id_2 
_chem_comp_bond.value_order 
_chem_comp_bond.pdbx_aromatic_flag 
_chem_comp_bond.pdbx_stereo_config 
_chem_comp_bond.pdbx_ordinal 
ALA N   CA   sing N N 1   
ALA N   H    sing N N 2   
ALA N   H2   sing N N 3   
ALA CA  C    sing N N 4   
ALA CA  CB   sing N N 5   
ALA CA  HA   sing N N 6   
ALA C   O    doub N N 7   
ALA C   OXT  sing N N 8   
ALA CB  HB1  sing N N 9   
ALA CB  HB2  sing N N 10  
ALA CB  HB3  sing N N 11  
ALA OXT HXT  sing N N 12  
ARG N   CA   sing N N 13  
ARG N   H    sing N N 14  
ARG N   H2   sing N N 15  
ARG CA  C    sing N N 16  
ARG CA  CB   sing N N 17  
ARG CA  HA   sing N N 18  
ARG C   O    doub N N 19  
ARG C   OXT  sing N N 20  
ARG CB  CG   sing N N 21  
ARG CB  HB2  sing N N 22  
ARG CB  HB3  sing N N 23  
ARG CG  CD   sing N N 24  
ARG CG  HG2  sing N N 25  
ARG CG  HG3  sing N N 26  
ARG CD  NE   sing N N 27  
ARG CD  HD2  sing N N 28  
ARG CD  HD3  sing N N 29  
ARG NE  CZ   sing N N 30  
ARG NE  HE   sing N N 31  
ARG CZ  NH1  sing N N 32  
ARG CZ  NH2  doub N N 33  
ARG NH1 HH11 sing N N 34  
ARG NH1 HH12 sing N N 35  
ARG NH2 HH21 sing N N 36  
ARG NH2 HH22 sing N N 37  
ARG OXT HXT  sing N N 38  
ASN N   CA   sing N N 39  
ASN N   H    sing N N 40  
ASN N   H2   sing N N 41  
ASN CA  C    sing N N 42  
ASN CA  CB   sing N N 43  
ASN CA  HA   sing N N 44  
ASN C   O    doub N N 45  
ASN C   OXT  sing N N 46  
ASN CB  CG   sing N N 47  
ASN CB  HB2  sing N N 48  
ASN CB  HB3  sing N N 49  
ASN CG  OD1  doub N N 50  
ASN CG  ND2  sing N N 51  
ASN ND2 HD21 sing N N 52  
ASN ND2 HD22 sing N N 53  
ASN OXT HXT  sing N N 54  
ASP N   CA   sing N N 55  
ASP N   H    sing N N 56  
ASP N   H2   sing N N 57  
ASP CA  C    sing N N 58  
ASP CA  CB   sing N N 59  
ASP CA  HA   sing N N 60  
ASP C   O    doub N N 61  
ASP C   OXT  sing N N 62  
ASP CB  CG   sing N N 63  
ASP CB  HB2  sing N N 64  
ASP CB  HB3  sing N N 65  
ASP CG  OD1  doub N N 66  
ASP CG  OD2  sing N N 67  
ASP OD2 HD2  sing N N 68  
ASP OXT HXT  sing N N 69  
CYS N   CA   sing N N 70  
CYS N   H    sing N N 71  
CYS N   H2   sing N N 72  
CYS CA  C    sing N N 73  
CYS CA  CB   sing N N 74  
CYS CA  HA   sing N N 75  
CYS C   O    doub N N 76  
CYS C   OXT  sing N N 77  
CYS CB  SG   sing N N 78  
CYS CB  HB2  sing N N 79  
CYS CB  HB3  sing N N 80  
CYS SG  HG   sing N N 81  
CYS OXT HXT  sing N N 82  
GLN N   CA   sing N N 83  
GLN N   H    sing N N 84  
GLN N   H2   sing N N 85  
GLN CA  C    sing N N 86  
GLN CA  CB   sing N N 87  
GLN CA  HA   sing N N 88  
GLN C   O    doub N N 89  
GLN C   OXT  sing N N 90  
GLN CB  CG   sing N N 91  
GLN CB  HB2  sing N N 92  
GLN CB  HB3  sing N N 93  
GLN CG  CD   sing N N 94  
GLN CG  HG2  sing N N 95  
GLN CG  HG3  sing N N 96  
GLN CD  OE1  doub N N 97  
GLN CD  NE2  sing N N 98  
GLN NE2 HE21 sing N N 99  
GLN NE2 HE22 sing N N 100 
GLN OXT HXT  sing N N 101 
GLU N   CA   sing N N 102 
GLU N   H    sing N N 103 
GLU N   H2   sing N N 104 
GLU CA  C    sing N N 105 
GLU CA  CB   sing N N 106 
GLU CA  HA   sing N N 107 
GLU C   O    doub N N 108 
GLU C   OXT  sing N N 109 
GLU CB  CG   sing N N 110 
GLU CB  HB2  sing N N 111 
GLU CB  HB3  sing N N 112 
GLU CG  CD   sing N N 113 
GLU CG  HG2  sing N N 114 
GLU CG  HG3  sing N N 115 
GLU CD  OE1  doub N N 116 
GLU CD  OE2  sing N N 117 
GLU OE2 HE2  sing N N 118 
GLU OXT HXT  sing N N 119 
GLY N   CA   sing N N 120 
GLY N   H    sing N N 121 
GLY N   H2   sing N N 122 
GLY CA  C    sing N N 123 
GLY CA  HA2  sing N N 124 
GLY CA  HA3  sing N N 125 
GLY C   O    doub N N 126 
GLY C   OXT  sing N N 127 
GLY OXT HXT  sing N N 128 
HIS N   CA   sing N N 129 
HIS N   H    sing N N 130 
HIS N   H2   sing N N 131 
HIS CA  C    sing N N 132 
HIS CA  CB   sing N N 133 
HIS CA  HA   sing N N 134 
HIS C   O    doub N N 135 
HIS C   OXT  sing N N 136 
HIS CB  CG   sing N N 137 
HIS CB  HB2  sing N N 138 
HIS CB  HB3  sing N N 139 
HIS CG  ND1  sing Y N 140 
HIS CG  CD2  doub Y N 141 
HIS ND1 CE1  doub Y N 142 
HIS ND1 HD1  sing N N 143 
HIS CD2 NE2  sing Y N 144 
HIS CD2 HD2  sing N N 145 
HIS CE1 NE2  sing Y N 146 
HIS CE1 HE1  sing N N 147 
HIS NE2 HE2  sing N N 148 
HIS OXT HXT  sing N N 149 
ILE N   CA   sing N N 150 
ILE N   H    sing N N 151 
ILE N   H2   sing N N 152 
ILE CA  C    sing N N 153 
ILE CA  CB   sing N N 154 
ILE CA  HA   sing N N 155 
ILE C   O    doub N N 156 
ILE C   OXT  sing N N 157 
ILE CB  CG1  sing N N 158 
ILE CB  CG2  sing N N 159 
ILE CB  HB   sing N N 160 
ILE CG1 CD1  sing N N 161 
ILE CG1 HG12 sing N N 162 
ILE CG1 HG13 sing N N 163 
ILE CG2 HG21 sing N N 164 
ILE CG2 HG22 sing N N 165 
ILE CG2 HG23 sing N N 166 
ILE CD1 HD11 sing N N 167 
ILE CD1 HD12 sing N N 168 
ILE CD1 HD13 sing N N 169 
ILE OXT HXT  sing N N 170 
LEU N   CA   sing N N 171 
LEU N   H    sing N N 172 
LEU N   H2   sing N N 173 
LEU CA  C    sing N N 174 
LEU CA  CB   sing N N 175 
LEU CA  HA   sing N N 176 
LEU C   O    doub N N 177 
LEU C   OXT  sing N N 178 
LEU CB  CG   sing N N 179 
LEU CB  HB2  sing N N 180 
LEU CB  HB3  sing N N 181 
LEU CG  CD1  sing N N 182 
LEU CG  CD2  sing N N 183 
LEU CG  HG   sing N N 184 
LEU CD1 HD11 sing N N 185 
LEU CD1 HD12 sing N N 186 
LEU CD1 HD13 sing N N 187 
LEU CD2 HD21 sing N N 188 
LEU CD2 HD22 sing N N 189 
LEU CD2 HD23 sing N N 190 
LEU OXT HXT  sing N N 191 
LYS N   CA   sing N N 192 
LYS N   H    sing N N 193 
LYS N   H2   sing N N 194 
LYS CA  C    sing N N 195 
LYS CA  CB   sing N N 196 
LYS CA  HA   sing N N 197 
LYS C   O    doub N N 198 
LYS C   OXT  sing N N 199 
LYS CB  CG   sing N N 200 
LYS CB  HB2  sing N N 201 
LYS CB  HB3  sing N N 202 
LYS CG  CD   sing N N 203 
LYS CG  HG2  sing N N 204 
LYS CG  HG3  sing N N 205 
LYS CD  CE   sing N N 206 
LYS CD  HD2  sing N N 207 
LYS CD  HD3  sing N N 208 
LYS CE  NZ   sing N N 209 
LYS CE  HE2  sing N N 210 
LYS CE  HE3  sing N N 211 
LYS NZ  HZ1  sing N N 212 
LYS NZ  HZ2  sing N N 213 
LYS NZ  HZ3  sing N N 214 
LYS OXT HXT  sing N N 215 
MET N   CA   sing N N 216 
MET N   H    sing N N 217 
MET N   H2   sing N N 218 
MET CA  C    sing N N 219 
MET CA  CB   sing N N 220 
MET CA  HA   sing N N 221 
MET C   O    doub N N 222 
MET C   OXT  sing N N 223 
MET CB  CG   sing N N 224 
MET CB  HB2  sing N N 225 
MET CB  HB3  sing N N 226 
MET CG  SD   sing N N 227 
MET CG  HG2  sing N N 228 
MET CG  HG3  sing N N 229 
MET SD  CE   sing N N 230 
MET CE  HE1  sing N N 231 
MET CE  HE2  sing N N 232 
MET CE  HE3  sing N N 233 
MET OXT HXT  sing N N 234 
NAG C1  C2   sing N N 235 
NAG C1  O1   sing N N 236 
NAG C1  O5   sing N N 237 
NAG C1  H1   sing N N 238 
NAG C2  C3   sing N N 239 
NAG C2  N2   sing N N 240 
NAG C2  H2   sing N N 241 
NAG C3  C4   sing N N 242 
NAG C3  O3   sing N N 243 
NAG C3  H3   sing N N 244 
NAG C4  C5   sing N N 245 
NAG C4  O4   sing N N 246 
NAG C4  H4   sing N N 247 
NAG C5  C6   sing N N 248 
NAG C5  O5   sing N N 249 
NAG C5  H5   sing N N 250 
NAG C6  O6   sing N N 251 
NAG C6  H61  sing N N 252 
NAG C6  H62  sing N N 253 
NAG C7  C8   sing N N 254 
NAG C7  N2   sing N N 255 
NAG C7  O7   doub N N 256 
NAG C8  H81  sing N N 257 
NAG C8  H82  sing N N 258 
NAG C8  H83  sing N N 259 
NAG N2  HN2  sing N N 260 
NAG O1  HO1  sing N N 261 
NAG O3  HO3  sing N N 262 
NAG O4  HO4  sing N N 263 
NAG O6  HO6  sing N N 264 
PHE N   CA   sing N N 265 
PHE N   H    sing N N 266 
PHE N   H2   sing N N 267 
PHE CA  C    sing N N 268 
PHE CA  CB   sing N N 269 
PHE CA  HA   sing N N 270 
PHE C   O    doub N N 271 
PHE C   OXT  sing N N 272 
PHE CB  CG   sing N N 273 
PHE CB  HB2  sing N N 274 
PHE CB  HB3  sing N N 275 
PHE CG  CD1  doub Y N 276 
PHE CG  CD2  sing Y N 277 
PHE CD1 CE1  sing Y N 278 
PHE CD1 HD1  sing N N 279 
PHE CD2 CE2  doub Y N 280 
PHE CD2 HD2  sing N N 281 
PHE CE1 CZ   doub Y N 282 
PHE CE1 HE1  sing N N 283 
PHE CE2 CZ   sing Y N 284 
PHE CE2 HE2  sing N N 285 
PHE CZ  HZ   sing N N 286 
PHE OXT HXT  sing N N 287 
PRO N   CA   sing N N 288 
PRO N   CD   sing N N 289 
PRO N   H    sing N N 290 
PRO CA  C    sing N N 291 
PRO CA  CB   sing N N 292 
PRO CA  HA   sing N N 293 
PRO C   O    doub N N 294 
PRO C   OXT  sing N N 295 
PRO CB  CG   sing N N 296 
PRO CB  HB2  sing N N 297 
PRO CB  HB3  sing N N 298 
PRO CG  CD   sing N N 299 
PRO CG  HG2  sing N N 300 
PRO CG  HG3  sing N N 301 
PRO CD  HD2  sing N N 302 
PRO CD  HD3  sing N N 303 
PRO OXT HXT  sing N N 304 
SER N   CA   sing N N 305 
SER N   H    sing N N 306 
SER N   H2   sing N N 307 
SER CA  C    sing N N 308 
SER CA  CB   sing N N 309 
SER CA  HA   sing N N 310 
SER C   O    doub N N 311 
SER C   OXT  sing N N 312 
SER CB  OG   sing N N 313 
SER CB  HB2  sing N N 314 
SER CB  HB3  sing N N 315 
SER OG  HG   sing N N 316 
SER OXT HXT  sing N N 317 
THR N   CA   sing N N 318 
THR N   H    sing N N 319 
THR N   H2   sing N N 320 
THR CA  C    sing N N 321 
THR CA  CB   sing N N 322 
THR CA  HA   sing N N 323 
THR C   O    doub N N 324 
THR C   OXT  sing N N 325 
THR CB  OG1  sing N N 326 
THR CB  CG2  sing N N 327 
THR CB  HB   sing N N 328 
THR OG1 HG1  sing N N 329 
THR CG2 HG21 sing N N 330 
THR CG2 HG22 sing N N 331 
THR CG2 HG23 sing N N 332 
THR OXT HXT  sing N N 333 
TRP N   CA   sing N N 334 
TRP N   H    sing N N 335 
TRP N   H2   sing N N 336 
TRP CA  C    sing N N 337 
TRP CA  CB   sing N N 338 
TRP CA  HA   sing N N 339 
TRP C   O    doub N N 340 
TRP C   OXT  sing N N 341 
TRP CB  CG   sing N N 342 
TRP CB  HB2  sing N N 343 
TRP CB  HB3  sing N N 344 
TRP CG  CD1  doub Y N 345 
TRP CG  CD2  sing Y N 346 
TRP CD1 NE1  sing Y N 347 
TRP CD1 HD1  sing N N 348 
TRP CD2 CE2  doub Y N 349 
TRP CD2 CE3  sing Y N 350 
TRP NE1 CE2  sing Y N 351 
TRP NE1 HE1  sing N N 352 
TRP CE2 CZ2  sing Y N 353 
TRP CE3 CZ3  doub Y N 354 
TRP CE3 HE3  sing N N 355 
TRP CZ2 CH2  doub Y N 356 
TRP CZ2 HZ2  sing N N 357 
TRP CZ3 CH2  sing Y N 358 
TRP CZ3 HZ3  sing N N 359 
TRP CH2 HH2  sing N N 360 
TRP OXT HXT  sing N N 361 
TYR N   CA   sing N N 362 
TYR N   H    sing N N 363 
TYR N   H2   sing N N 364 
TYR CA  C    sing N N 365 
TYR CA  CB   sing N N 366 
TYR CA  HA   sing N N 367 
TYR C   O    doub N N 368 
TYR C   OXT  sing N N 369 
TYR CB  CG   sing N N 370 
TYR CB  HB2  sing N N 371 
TYR CB  HB3  sing N N 372 
TYR CG  CD1  doub Y N 373 
TYR CG  CD2  sing Y N 374 
TYR CD1 CE1  sing Y N 375 
TYR CD1 HD1  sing N N 376 
TYR CD2 CE2  doub Y N 377 
TYR CD2 HD2  sing N N 378 
TYR CE1 CZ   doub Y N 379 
TYR CE1 HE1  sing N N 380 
TYR CE2 CZ   sing Y N 381 
TYR CE2 HE2  sing N N 382 
TYR CZ  OH   sing N N 383 
TYR OH  HH   sing N N 384 
TYR OXT HXT  sing N N 385 
VAL N   CA   sing N N 386 
VAL N   H    sing N N 387 
VAL N   H2   sing N N 388 
VAL CA  C    sing N N 389 
VAL CA  CB   sing N N 390 
VAL CA  HA   sing N N 391 
VAL C   O    doub N N 392 
VAL C   OXT  sing N N 393 
VAL CB  CG1  sing N N 394 
VAL CB  CG2  sing N N 395 
VAL CB  HB   sing N N 396 
VAL CG1 HG11 sing N N 397 
VAL CG1 HG12 sing N N 398 
VAL CG1 HG13 sing N N 399 
VAL CG2 HG21 sing N N 400 
VAL CG2 HG22 sing N N 401 
VAL CG2 HG23 sing N N 402 
VAL OXT HXT  sing N N 403 
# 
_atom_sites.entry_id                    1DR9 
_atom_sites.fract_transf_matrix[1][1]   -0.01223509 
_atom_sites.fract_transf_matrix[1][2]   -0.00780892 
_atom_sites.fract_transf_matrix[1][3]   0.00970079 
_atom_sites.fract_transf_matrix[2][1]   -0.01235934 
_atom_sites.fract_transf_matrix[2][2]   0.00928154 
_atom_sites.fract_transf_matrix[2][3]   -0.00811674 
_atom_sites.fract_transf_matrix[3][1]   -0.00029254 
_atom_sites.fract_transf_matrix[3][2]   -0.00240578 
_atom_sites.fract_transf_matrix[3][3]   -0.00230557 
_atom_sites.fract_transf_vector[1]      0.301915 
_atom_sites.fract_transf_vector[2]      0.507719 
_atom_sites.fract_transf_vector[3]      0.196502 
# 
loop_
_atom_type.symbol 
C 
N 
O 
S 
# 
loop_
_atom_site.group_PDB 
_atom_site.id 
_atom_site.type_symbol 
_atom_site.label_atom_id 
_atom_site.label_alt_id 
_atom_site.label_comp_id 
_atom_site.label_asym_id 
_atom_site.label_entity_id 
_atom_site.label_seq_id 
_atom_site.pdbx_PDB_ins_code 
_atom_site.Cartn_x 
_atom_site.Cartn_y 
_atom_site.Cartn_z 
_atom_site.occupancy 
_atom_site.B_iso_or_equiv 
_atom_site.pdbx_formal_charge 
_atom_site.auth_seq_id 
_atom_site.auth_comp_id 
_atom_site.auth_asym_id 
_atom_site.auth_atom_id 
_atom_site.pdbx_PDB_model_num 
ATOM   1    N N   . VAL A 1 1   ? 12.239  3.496   17.143  1.00 51.46 ? 1    VAL A N   1 
ATOM   2    C CA  . VAL A 1 1   ? 12.555  2.698   15.924  1.00 53.23 ? 1    VAL A CA  1 
ATOM   3    C C   . VAL A 1 1   ? 12.969  3.608   14.772  1.00 52.85 ? 1    VAL A C   1 
ATOM   4    O O   . VAL A 1 1   ? 12.567  4.769   14.714  1.00 54.71 ? 1    VAL A O   1 
ATOM   5    C CB  . VAL A 1 1   ? 11.332  1.870   15.462  1.00 53.76 ? 1    VAL A CB  1 
ATOM   6    C CG1 . VAL A 1 1   ? 11.758  0.858   14.412  1.00 56.32 ? 1    VAL A CG1 1 
ATOM   7    C CG2 . VAL A 1 1   ? 10.702  1.164   16.640  1.00 56.49 ? 1    VAL A CG2 1 
ATOM   8    N N   . ILE A 1 2   ? 13.778  3.079   13.862  1.00 52.09 ? 2    ILE A N   1 
ATOM   9    C CA  . ILE A 1 2   ? 14.219  3.837   12.698  1.00 52.92 ? 2    ILE A CA  1 
ATOM   10   C C   . ILE A 1 2   ? 13.262  3.506   11.558  1.00 53.60 ? 2    ILE A C   1 
ATOM   11   O O   . ILE A 1 2   ? 12.651  4.390   10.950  1.00 53.26 ? 2    ILE A O   1 
ATOM   12   C CB  . ILE A 1 2   ? 15.649  3.428   12.248  1.00 53.40 ? 2    ILE A CB  1 
ATOM   13   C CG1 . ILE A 1 2   ? 16.662  3.690   13.370  1.00 53.55 ? 2    ILE A CG1 1 
ATOM   14   C CG2 . ILE A 1 2   ? 16.028  4.184   10.982  1.00 51.78 ? 2    ILE A CG2 1 
ATOM   15   C CD1 . ILE A 1 2   ? 18.032  3.046   13.143  1.00 49.65 ? 2    ILE A CD1 1 
ATOM   16   N N   . HIS A 1 3   ? 13.124  2.209   11.300  1.00 54.67 ? 3    HIS A N   1 
ATOM   17   C CA  . HIS A 1 3   ? 12.276  1.704   10.227  1.00 54.16 ? 3    HIS A CA  1 
ATOM   18   C C   . HIS A 1 3   ? 11.011  0.968   10.692  1.00 52.86 ? 3    HIS A C   1 
ATOM   19   O O   . HIS A 1 3   ? 10.987  0.327   11.743  1.00 52.46 ? 3    HIS A O   1 
ATOM   20   C CB  . HIS A 1 3   ? 13.116  0.776   9.348   1.00 55.62 ? 3    HIS A CB  1 
ATOM   21   C CG  . HIS A 1 3   ? 12.384  0.222   8.170   1.00 60.61 ? 3    HIS A CG  1 
ATOM   22   N ND1 . HIS A 1 3   ? 11.753  1.024   7.243   1.00 63.51 ? 3    HIS A ND1 1 
ATOM   23   C CD2 . HIS A 1 3   ? 12.212  -1.052  7.748   1.00 63.14 ? 3    HIS A CD2 1 
ATOM   24   C CE1 . HIS A 1 3   ? 11.223  0.267   6.299   1.00 63.88 ? 3    HIS A CE1 1 
ATOM   25   N NE2 . HIS A 1 3   ? 11.487  -0.996  6.582   1.00 64.67 ? 3    HIS A NE2 1 
ATOM   26   N N   . VAL A 1 4   ? 9.954   1.085   9.897   1.00 52.07 ? 4    VAL A N   1 
ATOM   27   C CA  . VAL A 1 4   ? 8.694   0.398   10.171  1.00 49.61 ? 4    VAL A CA  1 
ATOM   28   C C   . VAL A 1 4   ? 8.120   -0.100  8.846   1.00 48.60 ? 4    VAL A C   1 
ATOM   29   O O   . VAL A 1 4   ? 8.188   0.596   7.825   1.00 48.45 ? 4    VAL A O   1 
ATOM   30   C CB  . VAL A 1 4   ? 7.648   1.309   10.837  1.00 49.12 ? 4    VAL A CB  1 
ATOM   31   C CG1 . VAL A 1 4   ? 6.335   0.552   10.994  1.00 44.31 ? 4    VAL A CG1 1 
ATOM   32   C CG2 . VAL A 1 4   ? 8.152   1.775   12.190  1.00 48.91 ? 4    VAL A CG2 1 
ATOM   33   N N   . THR A 1 5   ? 7.560   -1.304  8.873   1.00 45.92 ? 5    THR A N   1 
ATOM   34   C CA  . THR A 1 5   ? 6.982   -1.909  7.682   1.00 41.71 ? 5    THR A CA  1 
ATOM   35   C C   . THR A 1 5   ? 5.659   -2.564  8.024   1.00 38.40 ? 5    THR A C   1 
ATOM   36   O O   . THR A 1 5   ? 5.609   -3.467  8.844   1.00 38.09 ? 5    THR A O   1 
ATOM   37   C CB  . THR A 1 5   ? 7.906   -2.995  7.102   1.00 42.29 ? 5    THR A CB  1 
ATOM   38   O OG1 . THR A 1 5   ? 9.234   -2.476  6.960   1.00 42.26 ? 5    THR A OG1 1 
ATOM   39   C CG2 . THR A 1 5   ? 7.396   -3.451  5.751   1.00 42.09 ? 5    THR A CG2 1 
ATOM   40   N N   . LYS A 1 6   ? 4.590   -2.109  7.393   1.00 37.59 ? 6    LYS A N   1 
ATOM   41   C CA  . LYS A 1 6   ? 3.277   -2.685  7.629   1.00 38.27 ? 6    LYS A CA  1 
ATOM   42   C C   . LYS A 1 6   ? 2.643   -3.078  6.298   1.00 36.90 ? 6    LYS A C   1 
ATOM   43   O O   . LYS A 1 6   ? 3.155   -2.728  5.236   1.00 36.69 ? 6    LYS A O   1 
ATOM   44   C CB  . LYS A 1 6   ? 2.390   -1.675  8.363   1.00 40.15 ? 6    LYS A CB  1 
ATOM   45   C CG  . LYS A 1 6   ? 2.057   -2.064  9.802   1.00 42.52 ? 6    LYS A CG  1 
ATOM   46   C CD  . LYS A 1 6   ? 3.309   -2.271  10.633  1.00 42.27 ? 6    LYS A CD  1 
ATOM   47   C CE  . LYS A 1 6   ? 2.971   -2.771  12.026  1.00 44.44 ? 6    LYS A CE  1 
ATOM   48   N NZ  . LYS A 1 6   ? 4.197   -3.122  12.823  1.00 45.04 ? 6    LYS A NZ  1 
ATOM   49   N N   . GLU A 1 7   ? 1.542   -3.820  6.349   1.00 35.97 ? 7    GLU A N   1 
ATOM   50   C CA  . GLU A 1 7   ? 0.848   -4.220  5.127   1.00 35.50 ? 7    GLU A CA  1 
ATOM   51   C C   . GLU A 1 7   ? -0.198  -3.150  4.806   1.00 35.40 ? 7    GLU A C   1 
ATOM   52   O O   . GLU A 1 7   ? -0.498  -2.291  5.634   1.00 35.25 ? 7    GLU A O   1 
ATOM   53   C CB  . GLU A 1 7   ? 0.124   -5.557  5.309   1.00 35.25 ? 7    GLU A CB  1 
ATOM   54   C CG  . GLU A 1 7   ? 0.982   -6.761  5.652   1.00 38.75 ? 7    GLU A CG  1 
ATOM   55   C CD  . GLU A 1 7   ? 1.761   -7.297  4.471   1.00 43.29 ? 7    GLU A CD  1 
ATOM   56   O OE1 . GLU A 1 7   ? 2.125   -8.494  4.495   1.00 45.61 ? 7    GLU A OE1 1 
ATOM   57   O OE2 . GLU A 1 7   ? 2.018   -6.525  3.524   1.00 46.05 ? 7    GLU A OE2 1 
ATOM   58   N N   . VAL A 1 8   ? -0.749  -3.206  3.601   1.00 35.67 ? 8    VAL A N   1 
ATOM   59   C CA  . VAL A 1 8   ? -1.783  -2.265  3.179   1.00 33.97 ? 8    VAL A CA  1 
ATOM   60   C C   . VAL A 1 8   ? -3.079  -2.634  3.918   1.00 32.32 ? 8    VAL A C   1 
ATOM   61   O O   . VAL A 1 8   ? -3.326  -3.803  4.206   1.00 32.57 ? 8    VAL A O   1 
ATOM   62   C CB  . VAL A 1 8   ? -2.030  -2.373  1.647   1.00 34.10 ? 8    VAL A CB  1 
ATOM   63   C CG1 . VAL A 1 8   ? -2.948  -1.257  1.171   1.00 35.20 ? 8    VAL A CG1 1 
ATOM   64   C CG2 . VAL A 1 8   ? -0.718  -2.328  0.919   1.00 33.68 ? 8    VAL A CG2 1 
ATOM   65   N N   . LYS A 1 9   ? -3.903  -1.640  4.217   1.00 30.35 ? 9    LYS A N   1 
ATOM   66   C CA  . LYS A 1 9   ? -5.161  -1.866  4.919   1.00 29.42 ? 9    LYS A CA  1 
ATOM   67   C C   . LYS A 1 9   ? -4.933  -2.040  6.425   1.00 29.25 ? 9    LYS A C   1 
ATOM   68   O O   . LYS A 1 9   ? -5.868  -1.990  7.223   1.00 29.83 ? 9    LYS A O   1 
ATOM   69   C CB  . LYS A 1 9   ? -5.873  -3.102  4.351   1.00 30.48 ? 9    LYS A CB  1 
ATOM   70   C CG  . LYS A 1 9   ? -6.160  -3.061  2.845   1.00 30.49 ? 9    LYS A CG  1 
ATOM   71   C CD  . LYS A 1 9   ? -6.985  -4.269  2.404   1.00 32.72 ? 9    LYS A CD  1 
ATOM   72   C CE  . LYS A 1 9   ? -7.157  -4.315  0.884   1.00 40.24 ? 9    LYS A CE  1 
ATOM   73   N NZ  . LYS A 1 9   ? -7.675  -5.634  0.357   1.00 41.67 ? 9    LYS A NZ  1 
ATOM   74   N N   . GLU A 1 10  ? -3.678  -2.238  6.807   1.00 29.60 ? 10   GLU A N   1 
ATOM   75   C CA  . GLU A 1 10  ? -3.312  -2.409  8.202   1.00 27.37 ? 10   GLU A CA  1 
ATOM   76   C C   . GLU A 1 10  ? -2.981  -1.080  8.848   1.00 27.25 ? 10   GLU A C   1 
ATOM   77   O O   . GLU A 1 10  ? -2.874  -0.058  8.178   1.00 29.85 ? 10   GLU A O   1 
ATOM   78   C CB  . GLU A 1 10  ? -2.125  -3.355  8.307   1.00 29.71 ? 10   GLU A CB  1 
ATOM   79   C CG  . GLU A 1 10  ? -2.450  -4.744  7.803   1.00 34.95 ? 10   GLU A CG  1 
ATOM   80   C CD  . GLU A 1 10  ? -1.454  -5.788  8.257   1.00 39.33 ? 10   GLU A CD  1 
ATOM   81   O OE1 . GLU A 1 10  ? -1.769  -6.989  8.120   1.00 42.31 ? 10   GLU A OE1 1 
ATOM   82   O OE2 . GLU A 1 10  ? -0.359  -5.413  8.742   1.00 40.56 ? 10   GLU A OE2 1 
ATOM   83   N N   . VAL A 1 11  ? -2.811  -1.108  10.161  1.00 27.79 ? 11   VAL A N   1 
ATOM   84   C CA  . VAL A 1 11  ? -2.517  0.082   10.950  1.00 27.38 ? 11   VAL A CA  1 
ATOM   85   C C   . VAL A 1 11  ? -1.032  0.293   11.194  1.00 28.68 ? 11   VAL A C   1 
ATOM   86   O O   . VAL A 1 11  ? -0.276  -0.654  11.388  1.00 30.10 ? 11   VAL A O   1 
ATOM   87   C CB  . VAL A 1 11  ? -3.214  -0.009  12.326  1.00 28.88 ? 11   VAL A CB  1 
ATOM   88   C CG1 . VAL A 1 11  ? -2.672  1.035   13.261  1.00 29.95 ? 11   VAL A CG1 1 
ATOM   89   C CG2 . VAL A 1 11  ? -4.709  0.147   12.168  1.00 30.84 ? 11   VAL A CG2 1 
ATOM   90   N N   . ALA A 1 12  ? -0.621  1.551   11.192  1.00 31.85 ? 12   ALA A N   1 
ATOM   91   C CA  . ALA A 1 12  ? 0.766   1.905   11.449  1.00 33.00 ? 12   ALA A CA  1 
ATOM   92   C C   . ALA A 1 12  ? 0.778   2.852   12.631  1.00 33.73 ? 12   ALA A C   1 
ATOM   93   O O   . ALA A 1 12  ? 0.136   3.900   12.600  1.00 34.23 ? 12   ALA A O   1 
ATOM   94   C CB  . ALA A 1 12  ? 1.383   2.575   10.243  1.00 31.13 ? 12   ALA A CB  1 
ATOM   95   N N   . THR A 1 13  ? 1.480   2.453   13.687  1.00 36.05 ? 13   THR A N   1 
ATOM   96   C CA  . THR A 1 13  ? 1.603   3.273   14.887  1.00 35.52 ? 13   THR A CA  1 
ATOM   97   C C   . THR A 1 13  ? 3.013   3.826   14.934  1.00 36.75 ? 13   THR A C   1 
ATOM   98   O O   . THR A 1 13  ? 3.970   3.081   15.154  1.00 37.66 ? 13   THR A O   1 
ATOM   99   C CB  . THR A 1 13  ? 1.379   2.469   16.169  1.00 32.83 ? 13   THR A CB  1 
ATOM   100  O OG1 . THR A 1 13  ? 0.003   2.089   16.265  1.00 32.76 ? 13   THR A OG1 1 
ATOM   101  C CG2 . THR A 1 13  ? 1.760   3.302   17.383  1.00 31.22 ? 13   THR A CG2 1 
ATOM   102  N N   . LEU A 1 14  ? 3.133   5.130   14.711  1.00 36.63 ? 14   LEU A N   1 
ATOM   103  C CA  . LEU A 1 14  ? 4.422   5.803   14.743  1.00 36.93 ? 14   LEU A CA  1 
ATOM   104  C C   . LEU A 1 14  ? 4.498   6.546   16.072  1.00 37.62 ? 14   LEU A C   1 
ATOM   105  O O   . LEU A 1 14  ? 3.775   7.526   16.299  1.00 36.21 ? 14   LEU A O   1 
ATOM   106  C CB  . LEU A 1 14  ? 4.525   6.782   13.575  1.00 38.19 ? 14   LEU A CB  1 
ATOM   107  C CG  . LEU A 1 14  ? 4.150   6.194   12.206  1.00 39.64 ? 14   LEU A CG  1 
ATOM   108  C CD1 . LEU A 1 14  ? 3.948   7.330   11.194  1.00 38.81 ? 14   LEU A CD1 1 
ATOM   109  C CD2 . LEU A 1 14  ? 5.226   5.214   11.743  1.00 35.69 ? 14   LEU A CD2 1 
ATOM   110  N N   . SER A 1 15  ? 5.362   6.056   16.956  1.00 37.15 ? 15   SER A N   1 
ATOM   111  C CA  . SER A 1 15  ? 5.533   6.653   18.275  1.00 37.42 ? 15   SER A CA  1 
ATOM   112  C C   . SER A 1 15  ? 6.460   7.857   18.230  1.00 37.26 ? 15   SER A C   1 
ATOM   113  O O   . SER A 1 15  ? 7.402   7.888   17.442  1.00 37.84 ? 15   SER A O   1 
ATOM   114  C CB  . SER A 1 15  ? 6.096   5.609   19.248  1.00 38.39 ? 15   SER A CB  1 
ATOM   115  O OG  . SER A 1 15  ? 6.306   6.146   20.544  1.00 39.21 ? 15   SER A OG  1 
ATOM   116  N N   . CYS A 1 16  ? 6.182   8.851   19.065  1.00 37.94 ? 16   CYS A N   1 
ATOM   117  C CA  . CYS A 1 16  ? 7.023   10.039  19.131  1.00 39.69 ? 16   CYS A CA  1 
ATOM   118  C C   . CYS A 1 16  ? 8.138   9.756   20.135  1.00 38.84 ? 16   CYS A C   1 
ATOM   119  O O   . CYS A 1 16  ? 8.982   10.608  20.391  1.00 38.89 ? 16   CYS A O   1 
ATOM   120  C CB  . CYS A 1 16  ? 6.216   11.256  19.595  1.00 42.93 ? 16   CYS A CB  1 
ATOM   121  S SG  . CYS A 1 16  ? 7.110   12.838  19.445  1.00 49.45 ? 16   CYS A SG  1 
ATOM   122  N N   . GLY A 1 17  ? 8.127   8.550   20.700  1.00 38.98 ? 17   GLY A N   1 
ATOM   123  C CA  . GLY A 1 17  ? 9.129   8.161   21.675  1.00 40.06 ? 17   GLY A CA  1 
ATOM   124  C C   . GLY A 1 17  ? 9.202   9.115   22.850  1.00 42.86 ? 17   GLY A C   1 
ATOM   125  O O   . GLY A 1 17  ? 10.253  9.252   23.474  1.00 42.94 ? 17   GLY A O   1 
ATOM   126  N N   . HIS A 1 18  ? 8.072   9.752   23.159  1.00 45.39 ? 18   HIS A N   1 
ATOM   127  C CA  . HIS A 1 18  ? 7.979   10.734  24.242  1.00 46.84 ? 18   HIS A CA  1 
ATOM   128  C C   . HIS A 1 18  ? 6.539   10.864  24.755  1.00 46.79 ? 18   HIS A C   1 
ATOM   129  O O   . HIS A 1 18  ? 5.589   10.777  23.978  1.00 48.23 ? 18   HIS A O   1 
ATOM   130  C CB  . HIS A 1 18  ? 8.456   12.088  23.715  1.00 48.43 ? 18   HIS A CB  1 
ATOM   131  C CG  . HIS A 1 18  ? 8.603   13.142  24.765  1.00 51.28 ? 18   HIS A CG  1 
ATOM   132  N ND1 . HIS A 1 18  ? 9.522   13.051  25.790  1.00 53.84 ? 18   HIS A ND1 1 
ATOM   133  C CD2 . HIS A 1 18  ? 7.984   14.335  24.921  1.00 51.98 ? 18   HIS A CD2 1 
ATOM   134  C CE1 . HIS A 1 18  ? 9.464   14.143  26.529  1.00 54.59 ? 18   HIS A CE1 1 
ATOM   135  N NE2 . HIS A 1 18  ? 8.538   14.938  26.023  1.00 54.87 ? 18   HIS A NE2 1 
ATOM   136  N N   . ASN A 1 19  ? 6.371   11.087  26.055  1.00 46.43 ? 19   ASN A N   1 
ATOM   137  C CA  . ASN A 1 19  ? 5.033   11.231  26.628  1.00 45.85 ? 19   ASN A CA  1 
ATOM   138  C C   . ASN A 1 19  ? 4.885   12.577  27.361  1.00 45.57 ? 19   ASN A C   1 
ATOM   139  O O   . ASN A 1 19  ? 5.872   13.142  27.844  1.00 45.04 ? 19   ASN A O   1 
ATOM   140  C CB  . ASN A 1 19  ? 4.752   10.063  27.586  1.00 45.77 ? 19   ASN A CB  1 
ATOM   141  C CG  . ASN A 1 19  ? 3.269   9.772   27.728  1.00 47.05 ? 19   ASN A CG  1 
ATOM   142  O OD1 . ASN A 1 19  ? 2.604   9.431   26.754  1.00 48.94 ? 19   ASN A OD1 1 
ATOM   143  N ND2 . ASN A 1 19  ? 2.743   9.908   28.941  1.00 48.65 ? 19   ASN A ND2 1 
ATOM   144  N N   . VAL A 1 20  ? 3.656   13.091  27.440  1.00 43.90 ? 20   VAL A N   1 
ATOM   145  C CA  . VAL A 1 20  ? 3.394   14.367  28.102  1.00 44.56 ? 20   VAL A CA  1 
ATOM   146  C C   . VAL A 1 20  ? 2.042   14.363  28.819  1.00 47.69 ? 20   VAL A C   1 
ATOM   147  O O   . VAL A 1 20  ? 1.010   14.099  28.193  1.00 49.95 ? 20   VAL A O   1 
ATOM   148  C CB  . VAL A 1 20  ? 3.389   15.538  27.077  1.00 43.73 ? 20   VAL A CB  1 
ATOM   149  C CG1 . VAL A 1 20  ? 2.998   16.839  27.758  1.00 43.48 ? 20   VAL A CG1 1 
ATOM   150  C CG2 . VAL A 1 20  ? 4.755   15.683  26.432  1.00 41.79 ? 20   VAL A CG2 1 
ATOM   151  N N   . SER A 1 21  ? 2.048   14.672  30.120  1.00 47.97 ? 21   SER A N   1 
ATOM   152  C CA  . SER A 1 21  ? 0.824   14.723  30.939  1.00 47.45 ? 21   SER A CA  1 
ATOM   153  C C   . SER A 1 21  ? -0.171  15.774  30.408  1.00 47.45 ? 21   SER A C   1 
ATOM   154  O O   . SER A 1 21  ? 0.222   16.666  29.658  1.00 47.74 ? 21   SER A O   1 
ATOM   155  C CB  . SER A 1 21  ? 1.183   15.055  32.390  1.00 46.86 ? 21   SER A CB  1 
ATOM   156  O OG  . SER A 1 21  ? 1.622   16.395  32.509  1.00 46.80 ? 21   SER A OG  1 
ATOM   157  N N   . VAL A 1 22  ? -1.445  15.680  30.805  1.00 46.44 ? 22   VAL A N   1 
ATOM   158  C CA  . VAL A 1 22  ? -2.464  16.624  30.333  1.00 47.88 ? 22   VAL A CA  1 
ATOM   159  C C   . VAL A 1 22  ? -2.281  18.063  30.827  1.00 49.21 ? 22   VAL A C   1 
ATOM   160  O O   . VAL A 1 22  ? -2.738  19.015  30.183  1.00 46.28 ? 22   VAL A O   1 
ATOM   161  C CB  . VAL A 1 22  ? -3.900  16.160  30.695  1.00 47.24 ? 22   VAL A CB  1 
ATOM   162  C CG1 . VAL A 1 22  ? -4.143  14.759  30.191  1.00 47.49 ? 22   VAL A CG1 1 
ATOM   163  C CG2 . VAL A 1 22  ? -4.115  16.231  32.178  1.00 50.26 ? 22   VAL A CG2 1 
ATOM   164  N N   . GLU A 1 23  ? -1.612  18.223  31.964  1.00 52.33 ? 23   GLU A N   1 
ATOM   165  C CA  . GLU A 1 23  ? -1.364  19.549  32.521  1.00 55.68 ? 23   GLU A CA  1 
ATOM   166  C C   . GLU A 1 23  ? -0.349  20.268  31.641  1.00 56.40 ? 23   GLU A C   1 
ATOM   167  O O   . GLU A 1 23  ? -0.480  21.466  31.360  1.00 56.56 ? 23   GLU A O   1 
ATOM   168  C CB  . GLU A 1 23  ? -0.808  19.430  33.937  1.00 57.42 ? 23   GLU A CB  1 
ATOM   169  C CG  . GLU A 1 23  ? -1.725  18.705  34.892  1.00 62.88 ? 23   GLU A CG  1 
ATOM   170  C CD  . GLU A 1 23  ? -0.971  17.714  35.748  1.00 67.12 ? 23   GLU A CD  1 
ATOM   171  O OE1 . GLU A 1 23  ? -0.349  16.790  35.175  1.00 68.73 ? 23   GLU A OE1 1 
ATOM   172  O OE2 . GLU A 1 23  ? -0.994  17.857  36.992  1.00 69.65 ? 23   GLU A OE2 1 
ATOM   173  N N   . GLU A 1 24  ? 0.663   19.521  31.209  1.00 55.83 ? 24   GLU A N   1 
ATOM   174  C CA  . GLU A 1 24  ? 1.713   20.061  30.360  1.00 54.01 ? 24   GLU A CA  1 
ATOM   175  C C   . GLU A 1 24  ? 1.242   20.244  28.926  1.00 52.57 ? 24   GLU A C   1 
ATOM   176  O O   . GLU A 1 24  ? 1.807   21.048  28.189  1.00 51.36 ? 24   GLU A O   1 
ATOM   177  C CB  . GLU A 1 24  ? 2.927   19.140  30.390  1.00 54.24 ? 24   GLU A CB  1 
ATOM   178  C CG  . GLU A 1 24  ? 3.574   19.038  31.746  1.00 55.60 ? 24   GLU A CG  1 
ATOM   179  C CD  . GLU A 1 24  ? 4.801   18.160  31.728  1.00 58.65 ? 24   GLU A CD  1 
ATOM   180  O OE1 . GLU A 1 24  ? 5.725   18.443  30.934  1.00 60.28 ? 24   GLU A OE1 1 
ATOM   181  O OE2 . GLU A 1 24  ? 4.847   17.186  32.508  1.00 61.26 ? 24   GLU A OE2 1 
ATOM   182  N N   . LEU A 1 25  ? 0.215   19.495  28.533  1.00 51.89 ? 25   LEU A N   1 
ATOM   183  C CA  . LEU A 1 25  ? -0.332  19.589  27.182  1.00 52.44 ? 25   LEU A CA  1 
ATOM   184  C C   . LEU A 1 25  ? -0.661  21.027  26.852  1.00 53.40 ? 25   LEU A C   1 
ATOM   185  O O   . LEU A 1 25  ? -0.635  21.430  25.690  1.00 54.71 ? 25   LEU A O   1 
ATOM   186  C CB  . LEU A 1 25  ? -1.601  18.759  27.043  1.00 51.54 ? 25   LEU A CB  1 
ATOM   187  C CG  . LEU A 1 25  ? -1.450  17.267  26.776  1.00 50.23 ? 25   LEU A CG  1 
ATOM   188  C CD1 . LEU A 1 25  ? -2.836  16.673  26.577  1.00 48.10 ? 25   LEU A CD1 1 
ATOM   189  C CD2 . LEU A 1 25  ? -0.576  17.042  25.552  1.00 48.32 ? 25   LEU A CD2 1 
ATOM   190  N N   . ALA A 1 26  ? -0.996  21.791  27.883  1.00 53.54 ? 26   ALA A N   1 
ATOM   191  C CA  . ALA A 1 26  ? -1.308  23.195  27.711  1.00 54.14 ? 26   ALA A CA  1 
ATOM   192  C C   . ALA A 1 26  ? -0.057  23.898  27.176  1.00 54.93 ? 26   ALA A C   1 
ATOM   193  O O   . ALA A 1 26  ? -0.057  24.408  26.063  1.00 55.05 ? 26   ALA A O   1 
ATOM   194  C CB  . ALA A 1 26  ? -1.726  23.792  29.042  1.00 54.84 ? 26   ALA A CB  1 
ATOM   195  N N   . GLN A 1 27  ? 1.017   23.887  27.962  1.00 55.46 ? 27   GLN A N   1 
ATOM   196  C CA  . GLN A 1 27  ? 2.270   24.534  27.579  1.00 56.70 ? 27   GLN A CA  1 
ATOM   197  C C   . GLN A 1 27  ? 3.106   23.851  26.509  1.00 55.84 ? 27   GLN A C   1 
ATOM   198  O O   . GLN A 1 27  ? 4.142   24.387  26.115  1.00 57.71 ? 27   GLN A O   1 
ATOM   199  C CB  . GLN A 1 27  ? 3.179   24.717  28.798  1.00 60.76 ? 27   GLN A CB  1 
ATOM   200  C CG  . GLN A 1 27  ? 2.918   25.951  29.646  1.00 65.85 ? 27   GLN A CG  1 
ATOM   201  C CD  . GLN A 1 27  ? 4.196   26.483  30.273  1.00 66.63 ? 27   GLN A CD  1 
ATOM   202  O OE1 . GLN A 1 27  ? 5.023   27.095  29.597  1.00 66.42 ? 27   GLN A OE1 1 
ATOM   203  N NE2 . GLN A 1 27  ? 4.373   26.230  31.565  1.00 68.01 ? 27   GLN A NE2 1 
ATOM   204  N N   . THR A 1 28  ? 2.692   22.679  26.040  1.00 53.45 ? 28   THR A N   1 
ATOM   205  C CA  . THR A 1 28  ? 3.498   21.977  25.042  1.00 50.86 ? 28   THR A CA  1 
ATOM   206  C C   . THR A 1 28  ? 3.017   22.133  23.611  1.00 49.63 ? 28   THR A C   1 
ATOM   207  O O   . THR A 1 28  ? 1.822   22.273  23.353  1.00 49.27 ? 28   THR A O   1 
ATOM   208  C CB  . THR A 1 28  ? 3.604   20.450  25.363  1.00 49.01 ? 28   THR A CB  1 
ATOM   209  O OG1 . THR A 1 28  ? 4.190   20.267  26.654  1.00 51.62 ? 28   THR A OG1 1 
ATOM   210  C CG2 . THR A 1 28  ? 4.486   19.745  24.358  1.00 46.74 ? 28   THR A CG2 1 
ATOM   211  N N   . ARG A 1 29  ? 3.974   22.122  22.687  1.00 48.16 ? 29   ARG A N   1 
ATOM   212  C CA  . ARG A 1 29  ? 3.690   22.206  21.263  1.00 47.95 ? 29   ARG A CA  1 
ATOM   213  C C   . ARG A 1 29  ? 4.215   20.927  20.621  1.00 47.06 ? 29   ARG A C   1 
ATOM   214  O O   . ARG A 1 29  ? 5.334   20.502  20.921  1.00 45.28 ? 29   ARG A O   1 
ATOM   215  C CB  . ARG A 1 29  ? 4.366   23.433  20.638  1.00 49.21 ? 29   ARG A CB  1 
ATOM   216  C CG  . ARG A 1 29  ? 3.586   24.704  20.862  1.00 52.10 ? 29   ARG A CG  1 
ATOM   217  C CD  . ARG A 1 29  ? 4.170   25.901  20.139  1.00 55.28 ? 29   ARG A CD  1 
ATOM   218  N NE  . ARG A 1 29  ? 3.287   27.057  20.288  1.00 58.46 ? 29   ARG A NE  1 
ATOM   219  C CZ  . ARG A 1 29  ? 3.525   28.262  19.784  1.00 59.09 ? 29   ARG A CZ  1 
ATOM   220  N NH1 . ARG A 1 29  ? 4.633   28.488  19.090  1.00 60.04 ? 29   ARG A NH1 1 
ATOM   221  N NH2 . ARG A 1 29  ? 2.641   29.236  19.964  1.00 59.54 ? 29   ARG A NH2 1 
ATOM   222  N N   . ILE A 1 30  ? 3.404   20.319  19.748  1.00 46.56 ? 30   ILE A N   1 
ATOM   223  C CA  . ILE A 1 30  ? 3.763   19.072  19.064  1.00 44.60 ? 30   ILE A CA  1 
ATOM   224  C C   . ILE A 1 30  ? 3.645   19.157  17.544  1.00 45.35 ? 30   ILE A C   1 
ATOM   225  O O   . ILE A 1 30  ? 2.571   19.389  17.004  1.00 46.50 ? 30   ILE A O   1 
ATOM   226  C CB  . ILE A 1 30  ? 2.877   17.923  19.543  1.00 41.27 ? 30   ILE A CB  1 
ATOM   227  C CG1 . ILE A 1 30  ? 2.773   17.964  21.068  1.00 41.54 ? 30   ILE A CG1 1 
ATOM   228  C CG2 . ILE A 1 30  ? 3.462   16.606  19.089  1.00 38.74 ? 30   ILE A CG2 1 
ATOM   229  C CD1 . ILE A 1 30  ? 1.793   16.999  21.650  1.00 41.44 ? 30   ILE A CD1 1 
ATOM   230  N N   . TYR A 1 31  ? 4.756   18.948  16.854  1.00 46.62 ? 31   TYR A N   1 
ATOM   231  C CA  . TYR A 1 31  ? 4.769   19.012  15.400  1.00 47.90 ? 31   TYR A CA  1 
ATOM   232  C C   . TYR A 1 31  ? 5.015   17.678  14.717  1.00 49.10 ? 31   TYR A C   1 
ATOM   233  O O   . TYR A 1 31  ? 6.161   17.211  14.645  1.00 50.27 ? 31   TYR A O   1 
ATOM   234  C CB  . TYR A 1 31  ? 5.853   19.973  14.910  1.00 48.63 ? 31   TYR A CB  1 
ATOM   235  C CG  . TYR A 1 31  ? 5.527   21.434  15.027  1.00 51.41 ? 31   TYR A CG  1 
ATOM   236  C CD1 . TYR A 1 31  ? 6.538   22.372  15.240  1.00 53.10 ? 31   TYR A CD1 1 
ATOM   237  C CD2 . TYR A 1 31  ? 4.217   21.891  14.902  1.00 51.81 ? 31   TYR A CD2 1 
ATOM   238  C CE1 . TYR A 1 31  ? 6.253   23.734  15.331  1.00 52.31 ? 31   TYR A CE1 1 
ATOM   239  C CE2 . TYR A 1 31  ? 3.919   23.255  14.988  1.00 51.75 ? 31   TYR A CE2 1 
ATOM   240  C CZ  . TYR A 1 31  ? 4.944   24.167  15.205  1.00 52.26 ? 31   TYR A CZ  1 
ATOM   241  O OH  . TYR A 1 31  ? 4.660   25.509  15.303  1.00 53.29 ? 31   TYR A OH  1 
ATOM   242  N N   . TRP A 1 32  ? 3.951   17.064  14.212  1.00 47.31 ? 32   TRP A N   1 
ATOM   243  C CA  . TRP A 1 32  ? 4.104   15.823  13.462  1.00 43.37 ? 32   TRP A CA  1 
ATOM   244  C C   . TRP A 1 32  ? 4.063   16.236  11.999  1.00 41.49 ? 32   TRP A C   1 
ATOM   245  O O   . TRP A 1 32  ? 3.186   16.986  11.572  1.00 40.01 ? 32   TRP A O   1 
ATOM   246  C CB  . TRP A 1 32  ? 2.964   14.840  13.733  1.00 40.65 ? 32   TRP A CB  1 
ATOM   247  C CG  . TRP A 1 32  ? 3.278   13.769  14.744  1.00 35.85 ? 32   TRP A CG  1 
ATOM   248  C CD1 . TRP A 1 32  ? 2.699   13.605  15.972  1.00 32.20 ? 32   TRP A CD1 1 
ATOM   249  C CD2 . TRP A 1 32  ? 4.197   12.686  14.591  1.00 32.17 ? 32   TRP A CD2 1 
ATOM   250  N NE1 . TRP A 1 32  ? 3.194   12.485  16.583  1.00 30.02 ? 32   TRP A NE1 1 
ATOM   251  C CE2 . TRP A 1 32  ? 4.117   11.900  15.760  1.00 30.48 ? 32   TRP A CE2 1 
ATOM   252  C CE3 . TRP A 1 32  ? 5.080   12.300  13.575  1.00 31.08 ? 32   TRP A CE3 1 
ATOM   253  C CZ2 . TRP A 1 32  ? 4.889   10.748  15.947  1.00 32.38 ? 32   TRP A CZ2 1 
ATOM   254  C CZ3 . TRP A 1 32  ? 5.855   11.147  13.760  1.00 32.41 ? 32   TRP A CZ3 1 
ATOM   255  C CH2 . TRP A 1 32  ? 5.751   10.386  14.938  1.00 33.05 ? 32   TRP A CH2 1 
ATOM   256  N N   . GLN A 1 33  ? 5.038   15.784  11.237  1.00 40.30 ? 33   GLN A N   1 
ATOM   257  C CA  . GLN A 1 33  ? 5.043   16.099  9.836   1.00 40.65 ? 33   GLN A CA  1 
ATOM   258  C C   . GLN A 1 33  ? 5.682   14.969  9.069   1.00 41.56 ? 33   GLN A C   1 
ATOM   259  O O   . GLN A 1 33  ? 6.491   14.197  9.604   1.00 38.65 ? 33   GLN A O   1 
ATOM   260  C CB  . GLN A 1 33  ? 5.770   17.414  9.562   1.00 42.37 ? 33   GLN A CB  1 
ATOM   261  C CG  . GLN A 1 33  ? 7.220   17.466  10.004  1.00 46.59 ? 33   GLN A CG  1 
ATOM   262  C CD  . GLN A 1 33  ? 7.895   18.755  9.571   1.00 48.21 ? 33   GLN A CD  1 
ATOM   263  O OE1 . GLN A 1 33  ? 7.451   19.858  9.915   1.00 46.30 ? 33   GLN A OE1 1 
ATOM   264  N NE2 . GLN A 1 33  ? 8.970   18.624  8.800   1.00 49.23 ? 33   GLN A NE2 1 
ATOM   265  N N   . LYS A 1 34  ? 5.271   14.869  7.813   1.00 42.13 ? 34   LYS A N   1 
ATOM   266  C CA  . LYS A 1 34  ? 5.768   13.857  6.915   1.00 42.53 ? 34   LYS A CA  1 
ATOM   267  C C   . LYS A 1 34  ? 6.612   14.597  5.908   1.00 43.80 ? 34   LYS A C   1 
ATOM   268  O O   . LYS A 1 34  ? 6.099   15.405  5.142   1.00 45.41 ? 34   LYS A O   1 
ATOM   269  C CB  . LYS A 1 34  ? 4.606   13.155  6.213   1.00 41.00 ? 34   LYS A CB  1 
ATOM   270  C CG  . LYS A 1 34  ? 5.023   12.040  5.266   1.00 40.31 ? 34   LYS A CG  1 
ATOM   271  C CD  . LYS A 1 34  ? 3.806   11.480  4.570   1.00 40.24 ? 34   LYS A CD  1 
ATOM   272  C CE  . LYS A 1 34  ? 4.145   10.625  3.364   1.00 39.46 ? 34   LYS A CE  1 
ATOM   273  N NZ  . LYS A 1 34  ? 2.872   10.113  2.771   1.00 38.51 ? 34   LYS A NZ  1 
ATOM   274  N N   . GLU A 1 35  ? 7.914   14.336  5.946   1.00 45.29 ? 35   GLU A N   1 
ATOM   275  C CA  . GLU A 1 35  ? 8.874   14.939  5.033   1.00 45.66 ? 35   GLU A CA  1 
ATOM   276  C C   . GLU A 1 35  ? 8.635   16.422  4.753   1.00 46.98 ? 35   GLU A C   1 
ATOM   277  O O   . GLU A 1 35  ? 8.272   16.824  3.642   1.00 44.47 ? 35   GLU A O   1 
ATOM   278  C CB  . GLU A 1 35  ? 8.902   14.101  3.758   1.00 44.76 ? 35   GLU A CB  1 
ATOM   279  C CG  . GLU A 1 35  ? 9.070   12.623  4.110   1.00 49.16 ? 35   GLU A CG  1 
ATOM   280  C CD  . GLU A 1 35  ? 9.224   11.703  2.921   1.00 50.57 ? 35   GLU A CD  1 
ATOM   281  O OE1 . GLU A 1 35  ? 8.300   11.657  2.082   1.00 52.96 ? 35   GLU A OE1 1 
ATOM   282  O OE2 . GLU A 1 35  ? 10.268  11.014  2.837   1.00 50.98 ? 35   GLU A OE2 1 
ATOM   283  N N   . LYS A 1 36  ? 8.843   17.223  5.797   1.00 49.97 ? 36   LYS A N   1 
ATOM   284  C CA  . LYS A 1 36  ? 8.687   18.674  5.746   1.00 53.24 ? 36   LYS A CA  1 
ATOM   285  C C   . LYS A 1 36  ? 7.226   19.128  5.609   1.00 54.27 ? 36   LYS A C   1 
ATOM   286  O O   . LYS A 1 36  ? 6.874   20.220  6.060   1.00 55.64 ? 36   LYS A O   1 
ATOM   287  C CB  . LYS A 1 36  ? 9.528   19.265  4.599   1.00 56.38 ? 36   LYS A CB  1 
ATOM   288  C CG  . LYS A 1 36  ? 11.003  18.814  4.534   1.00 55.67 ? 36   LYS A CG  1 
ATOM   289  C CD  . LYS A 1 36  ? 11.850  19.293  5.720   1.00 55.37 ? 36   LYS A CD  1 
ATOM   290  C CE  . LYS A 1 36  ? 11.727  18.374  6.931   1.00 54.04 ? 36   LYS A CE  1 
ATOM   291  N NZ  . LYS A 1 36  ? 12.456  18.897  8.124   1.00 51.91 ? 36   LYS A NZ  1 
ATOM   292  N N   . LYS A 1 37  ? 6.386   18.304  4.983   1.00 54.57 ? 37   LYS A N   1 
ATOM   293  C CA  . LYS A 1 37  ? 4.961   18.621  4.814   1.00 54.29 ? 37   LYS A CA  1 
ATOM   294  C C   . LYS A 1 37  ? 4.167   18.249  6.085   1.00 53.46 ? 37   LYS A C   1 
ATOM   295  O O   . LYS A 1 37  ? 4.053   17.075  6.426   1.00 53.30 ? 37   LYS A O   1 
ATOM   296  C CB  . LYS A 1 37  ? 4.404   17.857  3.612   1.00 55.18 ? 37   LYS A CB  1 
ATOM   297  C CG  . LYS A 1 37  ? 2.906   18.013  3.404   1.00 59.28 ? 37   LYS A CG  1 
ATOM   298  C CD  . LYS A 1 37  ? 2.436   17.318  2.118   1.00 60.66 ? 37   LYS A CD  1 
ATOM   299  C CE  . LYS A 1 37  ? 2.537   15.794  2.197   1.00 62.16 ? 37   LYS A CE  1 
ATOM   300  N NZ  . LYS A 1 37  ? 1.509   15.176  3.081   1.00 61.10 ? 37   LYS A NZ  1 
ATOM   301  N N   . MET A 1 38  ? 3.626   19.253  6.778   1.00 51.60 ? 38   MET A N   1 
ATOM   302  C CA  . MET A 1 38  ? 2.872   19.043  8.017   1.00 49.62 ? 38   MET A CA  1 
ATOM   303  C C   . MET A 1 38  ? 1.765   17.992  7.942   1.00 48.08 ? 38   MET A C   1 
ATOM   304  O O   . MET A 1 38  ? 1.226   17.713  6.871   1.00 48.46 ? 38   MET A O   1 
ATOM   305  C CB  . MET A 1 38  ? 2.258   20.364  8.498   1.00 51.13 ? 38   MET A CB  1 
ATOM   306  C CG  . MET A 1 38  ? 3.264   21.430  8.923   1.00 51.54 ? 38   MET A CG  1 
ATOM   307  S SD  . MET A 1 38  ? 4.231   20.985  10.371  1.00 50.61 ? 38   MET A SD  1 
ATOM   308  C CE  . MET A 1 38  ? 2.926   20.829  11.567  1.00 47.10 ? 38   MET A CE  1 
ATOM   309  N N   . VAL A 1 39  ? 1.439   17.426  9.105   1.00 45.01 ? 39   VAL A N   1 
ATOM   310  C CA  . VAL A 1 39  ? 0.402   16.409  9.249   1.00 40.74 ? 39   VAL A CA  1 
ATOM   311  C C   . VAL A 1 39  ? -0.614  16.900  10.280  1.00 41.68 ? 39   VAL A C   1 
ATOM   312  O O   . VAL A 1 39  ? -1.784  17.132  9.963   1.00 42.62 ? 39   VAL A O   1 
ATOM   313  C CB  . VAL A 1 39  ? 0.996   15.068  9.740   1.00 38.40 ? 39   VAL A CB  1 
ATOM   314  C CG1 . VAL A 1 39  ? -0.108  14.121  10.129  1.00 37.22 ? 39   VAL A CG1 1 
ATOM   315  C CG2 . VAL A 1 39  ? 1.844   14.440  8.650   1.00 36.78 ? 39   VAL A CG2 1 
ATOM   316  N N   . LEU A 1 40  ? -0.159  17.066  11.515  1.00 42.30 ? 40   LEU A N   1 
ATOM   317  C CA  . LEU A 1 40  ? -1.025  17.538  12.587  1.00 41.00 ? 40   LEU A CA  1 
ATOM   318  C C   . LEU A 1 40  ? -0.266  18.497  13.500  1.00 40.65 ? 40   LEU A C   1 
ATOM   319  O O   . LEU A 1 40  ? 0.961   18.512  13.533  1.00 41.14 ? 40   LEU A O   1 
ATOM   320  C CB  . LEU A 1 40  ? -1.576  16.346  13.381  1.00 40.33 ? 40   LEU A CB  1 
ATOM   321  C CG  . LEU A 1 40  ? -1.257  16.139  14.867  1.00 39.44 ? 40   LEU A CG  1 
ATOM   322  C CD1 . LEU A 1 40  ? -1.957  14.877  15.301  1.00 40.86 ? 40   LEU A CD1 1 
ATOM   323  C CD2 . LEU A 1 40  ? 0.237   16.019  15.125  1.00 37.63 ? 40   LEU A CD2 1 
ATOM   324  N N   . THR A 1 41  ? -1.016  19.284  14.255  1.00 40.41 ? 41   THR A N   1 
ATOM   325  C CA  . THR A 1 41  ? -0.449  20.269  15.151  1.00 38.62 ? 41   THR A CA  1 
ATOM   326  C C   . THR A 1 41  ? -1.256  20.313  16.440  1.00 39.94 ? 41   THR A C   1 
ATOM   327  O O   . THR A 1 41  ? -2.465  20.539  16.407  1.00 40.85 ? 41   THR A O   1 
ATOM   328  C CB  . THR A 1 41  ? -0.493  21.645  14.472  1.00 39.89 ? 41   THR A CB  1 
ATOM   329  O OG1 . THR A 1 41  ? 0.680   21.813  13.672  1.00 37.21 ? 41   THR A OG1 1 
ATOM   330  C CG2 . THR A 1 41  ? -0.621  22.768  15.494  1.00 42.27 ? 41   THR A CG2 1 
ATOM   331  N N   . MET A 1 42  ? -0.586  20.093  17.570  1.00 40.24 ? 42   MET A N   1 
ATOM   332  C CA  . MET A 1 42  ? -1.236  20.128  18.882  1.00 40.85 ? 42   MET A CA  1 
ATOM   333  C C   . MET A 1 42  ? -0.717  21.374  19.589  1.00 43.38 ? 42   MET A C   1 
ATOM   334  O O   . MET A 1 42  ? -0.172  21.313  20.687  1.00 45.67 ? 42   MET A O   1 
ATOM   335  C CB  . MET A 1 42  ? -0.884  18.863  19.683  1.00 39.76 ? 42   MET A CB  1 
ATOM   336  C CG  . MET A 1 42  ? -1.497  18.760  21.086  1.00 37.48 ? 42   MET A CG  1 
ATOM   337  S SD  . MET A 1 42  ? -3.295  18.707  21.141  1.00 35.03 ? 42   MET A SD  1 
ATOM   338  C CE  . MET A 1 42  ? -3.639  20.263  21.717  1.00 35.77 ? 42   MET A CE  1 
ATOM   339  N N   . MET A 1 43  ? -0.895  22.510  18.931  1.00 46.29 ? 43   MET A N   1 
ATOM   340  C CA  . MET A 1 43  ? -0.446  23.797  19.439  1.00 47.41 ? 43   MET A CA  1 
ATOM   341  C C   . MET A 1 43  ? -1.014  24.165  20.801  1.00 49.77 ? 43   MET A C   1 
ATOM   342  O O   . MET A 1 43  ? -2.139  24.659  20.905  1.00 49.94 ? 43   MET A O   1 
ATOM   343  C CB  . MET A 1 43  ? -0.814  24.905  18.447  1.00 46.66 ? 43   MET A CB  1 
ATOM   344  C CG  . MET A 1 43  ? 0.327   25.813  18.051  1.00 41.32 ? 43   MET A CG  1 
ATOM   345  S SD  . MET A 1 43  ? 1.341   25.049  16.811  1.00 39.13 ? 43   MET A SD  1 
ATOM   346  C CE  . MET A 1 43  ? 2.445   24.078  17.851  1.00 39.93 ? 43   MET A CE  1 
ATOM   347  N N   . SER A 1 44  ? -0.233  23.928  21.844  1.00 52.82 ? 44   SER A N   1 
ATOM   348  C CA  . SER A 1 44  ? -0.634  24.286  23.198  1.00 55.39 ? 44   SER A CA  1 
ATOM   349  C C   . SER A 1 44  ? -2.123  24.176  23.523  1.00 56.19 ? 44   SER A C   1 
ATOM   350  O O   . SER A 1 44  ? -2.802  25.190  23.663  1.00 57.29 ? 44   SER A O   1 
ATOM   351  C CB  . SER A 1 44  ? -0.164  25.712  23.482  1.00 56.25 ? 44   SER A CB  1 
ATOM   352  O OG  . SER A 1 44  ? -0.756  26.222  24.658  1.00 59.93 ? 44   SER A OG  1 
ATOM   353  N N   . GLY A 1 45  ? -2.626  22.950  23.646  1.00 57.62 ? 45   GLY A N   1 
ATOM   354  C CA  . GLY A 1 45  ? -4.027  22.745  23.993  1.00 56.23 ? 45   GLY A CA  1 
ATOM   355  C C   . GLY A 1 45  ? -4.988  22.568  22.833  1.00 55.24 ? 45   GLY A C   1 
ATOM   356  O O   . GLY A 1 45  ? -5.948  21.797  22.916  1.00 54.72 ? 45   GLY A O   1 
ATOM   357  N N   . ASP A 1 46  ? -4.707  23.263  21.737  1.00 55.04 ? 46   ASP A N   1 
ATOM   358  C CA  . ASP A 1 46  ? -5.546  23.227  20.543  1.00 55.07 ? 46   ASP A CA  1 
ATOM   359  C C   . ASP A 1 46  ? -4.920  22.400  19.427  1.00 53.18 ? 46   ASP A C   1 
ATOM   360  O O   . ASP A 1 46  ? -3.817  22.690  18.966  1.00 53.57 ? 46   ASP A O   1 
ATOM   361  C CB  . ASP A 1 46  ? -5.772  24.659  20.071  1.00 56.95 ? 46   ASP A CB  1 
ATOM   362  C CG  . ASP A 1 46  ? -5.639  25.657  21.210  1.00 60.66 ? 46   ASP A CG  1 
ATOM   363  O OD1 . ASP A 1 46  ? -6.372  25.512  22.219  1.00 59.66 ? 46   ASP A OD1 1 
ATOM   364  O OD2 . ASP A 1 46  ? -4.790  26.576  21.110  1.00 62.77 ? 46   ASP A OD2 1 
ATOM   365  N N   . MET A 1 47  ? -5.623  21.367  18.992  1.00 51.00 ? 47   MET A N   1 
ATOM   366  C CA  . MET A 1 47  ? -5.099  20.526  17.931  1.00 49.61 ? 47   MET A CA  1 
ATOM   367  C C   . MET A 1 47  ? -5.704  20.875  16.583  1.00 50.15 ? 47   MET A C   1 
ATOM   368  O O   . MET A 1 47  ? -6.809  21.414  16.503  1.00 49.55 ? 47   MET A O   1 
ATOM   369  C CB  . MET A 1 47  ? -5.361  19.057  18.238  1.00 47.31 ? 47   MET A CB  1 
ATOM   370  C CG  . MET A 1 47  ? -5.984  18.306  17.096  1.00 44.13 ? 47   MET A CG  1 
ATOM   371  S SD  . MET A 1 47  ? -5.239  16.726  16.926  1.00 43.22 ? 47   MET A SD  1 
ATOM   372  C CE  . MET A 1 47  ? -4.590  16.858  15.319  1.00 44.46 ? 47   MET A CE  1 
ATOM   373  N N   . ASN A 1 48  ? -4.967  20.563  15.523  1.00 50.20 ? 48   ASN A N   1 
ATOM   374  C CA  . ASN A 1 48  ? -5.438  20.830  14.179  1.00 49.35 ? 48   ASN A CA  1 
ATOM   375  C C   . ASN A 1 48  ? -4.647  20.001  13.168  1.00 48.17 ? 48   ASN A C   1 
ATOM   376  O O   . ASN A 1 48  ? -3.486  20.284  12.880  1.00 48.69 ? 48   ASN A O   1 
ATOM   377  C CB  . ASN A 1 48  ? -5.325  22.327  13.880  1.00 49.83 ? 48   ASN A CB  1 
ATOM   378  C CG  . ASN A 1 48  ? -6.475  22.838  13.029  1.00 52.08 ? 48   ASN A CG  1 
ATOM   379  O OD1 . ASN A 1 48  ? -6.705  24.046  12.936  1.00 51.95 ? 48   ASN A OD1 1 
ATOM   380  N ND2 . ASN A 1 48  ? -7.202  21.917  12.398  1.00 52.15 ? 48   ASN A ND2 1 
ATOM   381  N N   . ILE A 1 49  ? -5.299  18.963  12.654  1.00 46.39 ? 49   ILE A N   1 
ATOM   382  C CA  . ILE A 1 49  ? -4.719  18.056  11.674  1.00 45.22 ? 49   ILE A CA  1 
ATOM   383  C C   . ILE A 1 49  ? -5.068  18.588  10.287  1.00 46.46 ? 49   ILE A C   1 
ATOM   384  O O   . ILE A 1 49  ? -6.195  19.030  10.047  1.00 44.77 ? 49   ILE A O   1 
ATOM   385  C CB  . ILE A 1 49  ? -5.294  16.625  11.864  1.00 44.67 ? 49   ILE A CB  1 
ATOM   386  C CG1 . ILE A 1 49  ? -4.743  15.669  10.811  1.00 42.86 ? 49   ILE A CG1 1 
ATOM   387  C CG2 . ILE A 1 49  ? -6.804  16.662  11.808  1.00 42.71 ? 49   ILE A CG2 1 
ATOM   388  C CD1 . ILE A 1 49  ? -5.247  14.250  10.990  1.00 39.85 ? 49   ILE A CD1 1 
ATOM   389  N N   . TRP A 1 50  ? -4.096  18.569  9.378   1.00 47.78 ? 50   TRP A N   1 
ATOM   390  C CA  . TRP A 1 50  ? -4.331  19.070  8.026   1.00 49.45 ? 50   TRP A CA  1 
ATOM   391  C C   . TRP A 1 50  ? -5.349  18.218  7.274   1.00 49.46 ? 50   TRP A C   1 
ATOM   392  O O   . TRP A 1 50  ? -5.467  17.014  7.520   1.00 49.35 ? 50   TRP A O   1 
ATOM   393  C CB  . TRP A 1 50  ? -3.021  19.138  7.228   1.00 48.67 ? 50   TRP A CB  1 
ATOM   394  C CG  . TRP A 1 50  ? -2.255  20.430  7.404   1.00 48.06 ? 50   TRP A CG  1 
ATOM   395  C CD1 . TRP A 1 50  ? -1.770  21.230  6.413   1.00 47.19 ? 50   TRP A CD1 1 
ATOM   396  C CD2 . TRP A 1 50  ? -1.840  21.034  8.639   1.00 46.92 ? 50   TRP A CD2 1 
ATOM   397  N NE1 . TRP A 1 50  ? -1.077  22.288  6.946   1.00 44.49 ? 50   TRP A NE1 1 
ATOM   398  C CE2 . TRP A 1 50  ? -1.101  22.191  8.312   1.00 43.75 ? 50   TRP A CE2 1 
ATOM   399  C CE3 . TRP A 1 50  ? -2.018  20.704  9.991   1.00 45.13 ? 50   TRP A CE3 1 
ATOM   400  C CZ2 . TRP A 1 50  ? -0.538  23.022  9.280   1.00 41.07 ? 50   TRP A CZ2 1 
ATOM   401  C CZ3 . TRP A 1 50  ? -1.459  21.533  10.957  1.00 43.91 ? 50   TRP A CZ3 1 
ATOM   402  C CH2 . TRP A 1 50  ? -0.725  22.678  10.594  1.00 42.27 ? 50   TRP A CH2 1 
ATOM   403  N N   . PRO A 1 51  ? -6.090  18.838  6.337   1.00 48.68 ? 51   PRO A N   1 
ATOM   404  C CA  . PRO A 1 51  ? -7.111  18.161  5.534   1.00 47.94 ? 51   PRO A CA  1 
ATOM   405  C C   . PRO A 1 51  ? -6.591  16.882  4.884   1.00 47.75 ? 51   PRO A C   1 
ATOM   406  O O   . PRO A 1 51  ? -7.265  15.850  4.889   1.00 47.79 ? 51   PRO A O   1 
ATOM   407  C CB  . PRO A 1 51  ? -7.488  19.218  4.497   1.00 48.24 ? 51   PRO A CB  1 
ATOM   408  C CG  . PRO A 1 51  ? -7.243  20.512  5.228   1.00 47.37 ? 51   PRO A CG  1 
ATOM   409  C CD  . PRO A 1 51  ? -5.932  20.240  5.907   1.00 46.82 ? 51   PRO A CD  1 
ATOM   410  N N   . GLU A 1 52  ? -5.388  16.961  4.324   1.00 46.58 ? 52   GLU A N   1 
ATOM   411  C CA  . GLU A 1 52  ? -4.775  15.820  3.659   1.00 44.89 ? 52   GLU A CA  1 
ATOM   412  C C   . GLU A 1 52  ? -4.859  14.597  4.574   1.00 43.02 ? 52   GLU A C   1 
ATOM   413  O O   . GLU A 1 52  ? -5.058  13.475  4.103   1.00 39.41 ? 52   GLU A O   1 
ATOM   414  C CB  . GLU A 1 52  ? -3.307  16.146  3.322   1.00 46.57 ? 52   GLU A CB  1 
ATOM   415  C CG  . GLU A 1 52  ? -2.780  15.572  2.001   1.00 48.54 ? 52   GLU A CG  1 
ATOM   416  C CD  . GLU A 1 52  ? -2.415  14.086  2.073   1.00 53.13 ? 52   GLU A CD  1 
ATOM   417  O OE1 . GLU A 1 52  ? -3.257  13.274  2.527   1.00 53.16 ? 52   GLU A OE1 1 
ATOM   418  O OE2 . GLU A 1 52  ? -1.284  13.727  1.662   1.00 52.00 ? 52   GLU A OE2 1 
ATOM   419  N N   . TYR A 1 53  ? -4.745  14.837  5.884   1.00 41.92 ? 53   TYR A N   1 
ATOM   420  C CA  . TYR A 1 53  ? -4.761  13.773  6.889   1.00 40.87 ? 53   TYR A CA  1 
ATOM   421  C C   . TYR A 1 53  ? -5.989  13.606  7.784   1.00 41.09 ? 53   TYR A C   1 
ATOM   422  O O   . TYR A 1 53  ? -6.159  12.561  8.411   1.00 40.22 ? 53   TYR A O   1 
ATOM   423  C CB  . TYR A 1 53  ? -3.543  13.917  7.790   1.00 38.44 ? 53   TYR A CB  1 
ATOM   424  C CG  . TYR A 1 53  ? -2.255  13.613  7.091   1.00 38.55 ? 53   TYR A CG  1 
ATOM   425  C CD1 . TYR A 1 53  ? -1.597  14.583  6.339   1.00 37.07 ? 53   TYR A CD1 1 
ATOM   426  C CD2 . TYR A 1 53  ? -1.706  12.334  7.148   1.00 40.66 ? 53   TYR A CD2 1 
ATOM   427  C CE1 . TYR A 1 53  ? -0.428  14.283  5.659   1.00 39.15 ? 53   TYR A CE1 1 
ATOM   428  C CE2 . TYR A 1 53  ? -0.539  12.022  6.471   1.00 40.25 ? 53   TYR A CE2 1 
ATOM   429  C CZ  . TYR A 1 53  ? 0.092   12.997  5.728   1.00 40.46 ? 53   TYR A CZ  1 
ATOM   430  O OH  . TYR A 1 53  ? 1.229   12.665  5.038   1.00 46.18 ? 53   TYR A OH  1 
ATOM   431  N N   . LYS A 1 54  ? -6.831  14.627  7.851   1.00 41.93 ? 54   LYS A N   1 
ATOM   432  C CA  . LYS A 1 54  ? -8.018  14.591  8.695   1.00 43.01 ? 54   LYS A CA  1 
ATOM   433  C C   . LYS A 1 54  ? -8.705  13.229  8.761   1.00 45.21 ? 54   LYS A C   1 
ATOM   434  O O   . LYS A 1 54  ? -9.030  12.736  9.845   1.00 45.95 ? 54   LYS A O   1 
ATOM   435  C CB  . LYS A 1 54  ? -9.030  15.641  8.222   1.00 42.12 ? 54   LYS A CB  1 
ATOM   436  C CG  . LYS A 1 54  ? -9.482  15.440  6.786   1.00 44.19 ? 54   LYS A CG  1 
ATOM   437  C CD  . LYS A 1 54  ? -10.602 16.396  6.389   1.00 48.02 ? 54   LYS A CD  1 
ATOM   438  C CE  . LYS A 1 54  ? -11.100 16.107  4.964   1.00 48.35 ? 54   LYS A CE  1 
ATOM   439  N NZ  . LYS A 1 54  ? -12.310 16.900  4.577   1.00 47.83 ? 54   LYS A NZ  1 
ATOM   440  N N   . ASN A 1 55  ? -8.904  12.611  7.602   1.00 45.83 ? 55   ASN A N   1 
ATOM   441  C CA  . ASN A 1 55  ? -9.610  11.338  7.529   1.00 43.99 ? 55   ASN A CA  1 
ATOM   442  C C   . ASN A 1 55  ? -9.005  10.057  8.114   1.00 41.89 ? 55   ASN A C   1 
ATOM   443  O O   . ASN A 1 55  ? -9.585  9.479   9.021   1.00 44.50 ? 55   ASN A O   1 
ATOM   444  C CB  . ASN A 1 55  ? -10.032 11.092  6.077   1.00 46.51 ? 55   ASN A CB  1 
ATOM   445  C CG  . ASN A 1 55  ? -11.160 12.022  5.628   1.00 50.15 ? 55   ASN A CG  1 
ATOM   446  O OD1 . ASN A 1 55  ? -11.553 12.026  4.452   1.00 50.88 ? 55   ASN A OD1 1 
ATOM   447  N ND2 . ASN A 1 55  ? -11.692 12.807  6.566   1.00 48.50 ? 55   ASN A ND2 1 
ATOM   448  N N   . ARG A 1 56  ? -7.851  9.612   7.628   1.00 39.11 ? 56   ARG A N   1 
ATOM   449  C CA  . ARG A 1 56  ? -7.277  8.359   8.113   1.00 36.73 ? 56   ARG A CA  1 
ATOM   450  C C   . ARG A 1 56  ? -6.271  8.390   9.260   1.00 38.95 ? 56   ARG A C   1 
ATOM   451  O O   . ARG A 1 56  ? -5.709  7.342   9.600   1.00 40.12 ? 56   ARG A O   1 
ATOM   452  C CB  . ARG A 1 56  ? -6.649  7.601   6.943   1.00 33.54 ? 56   ARG A CB  1 
ATOM   453  C CG  . ARG A 1 56  ? -7.639  7.179   5.855   1.00 35.99 ? 56   ARG A CG  1 
ATOM   454  C CD  . ARG A 1 56  ? -6.964  6.424   4.702   1.00 36.41 ? 56   ARG A CD  1 
ATOM   455  N NE  . ARG A 1 56  ? -5.784  7.133   4.216   1.00 41.01 ? 56   ARG A NE  1 
ATOM   456  C CZ  . ARG A 1 56  ? -4.528  6.841   4.556   1.00 41.21 ? 56   ARG A CZ  1 
ATOM   457  N NH1 . ARG A 1 56  ? -4.276  5.833   5.382   1.00 38.88 ? 56   ARG A NH1 1 
ATOM   458  N NH2 . ARG A 1 56  ? -3.524  7.585   4.101   1.00 41.17 ? 56   ARG A NH2 1 
ATOM   459  N N   . THR A 1 57  ? -6.044  9.552   9.877   1.00 38.60 ? 57   THR A N   1 
ATOM   460  C CA  . THR A 1 57  ? -5.052  9.643   10.963  1.00 36.35 ? 57   THR A CA  1 
ATOM   461  C C   . THR A 1 57  ? -5.567  9.967   12.367  1.00 36.39 ? 57   THR A C   1 
ATOM   462  O O   . THR A 1 57  ? -6.352  10.895  12.562  1.00 35.81 ? 57   THR A O   1 
ATOM   463  C CB  . THR A 1 57  ? -3.955  10.667  10.614  1.00 35.05 ? 57   THR A CB  1 
ATOM   464  O OG1 . THR A 1 57  ? -3.370  10.329  9.350   1.00 32.54 ? 57   THR A OG1 1 
ATOM   465  C CG2 . THR A 1 57  ? -2.869  10.670  11.682  1.00 33.79 ? 57   THR A CG2 1 
ATOM   466  N N   . ILE A 1 58  ? -5.097  9.194   13.344  1.00 36.36 ? 58   ILE A N   1 
ATOM   467  C CA  . ILE A 1 58  ? -5.490  9.364   14.743  1.00 37.11 ? 58   ILE A CA  1 
ATOM   468  C C   . ILE A 1 58  ? -4.314  9.851   15.580  1.00 38.27 ? 58   ILE A C   1 
ATOM   469  O O   . ILE A 1 58  ? -3.189  9.382   15.413  1.00 39.29 ? 58   ILE A O   1 
ATOM   470  C CB  . ILE A 1 58  ? -5.973  8.028   15.366  1.00 35.86 ? 58   ILE A CB  1 
ATOM   471  C CG1 . ILE A 1 58  ? -7.204  7.504   14.622  1.00 36.86 ? 58   ILE A CG1 1 
ATOM   472  C CG2 . ILE A 1 58  ? -6.255  8.214   16.844  1.00 32.97 ? 58   ILE A CG2 1 
ATOM   473  C CD1 . ILE A 1 58  ? -8.415  8.407   14.670  1.00 35.85 ? 58   ILE A CD1 1 
ATOM   474  N N   . PHE A 1 59  ? -4.571  10.786  16.488  1.00 38.55 ? 59   PHE A N   1 
ATOM   475  C CA  . PHE A 1 59  ? -3.510  11.285  17.354  1.00 38.63 ? 59   PHE A CA  1 
ATOM   476  C C   . PHE A 1 59  ? -3.686  10.691  18.747  1.00 38.97 ? 59   PHE A C   1 
ATOM   477  O O   . PHE A 1 59  ? -4.535  11.129  19.533  1.00 36.52 ? 59   PHE A O   1 
ATOM   478  C CB  . PHE A 1 59  ? -3.523  12.815  17.418  1.00 36.72 ? 59   PHE A CB  1 
ATOM   479  C CG  . PHE A 1 59  ? -2.350  13.403  18.153  1.00 32.71 ? 59   PHE A CG  1 
ATOM   480  C CD1 . PHE A 1 59  ? -1.111  12.765  18.137  1.00 32.01 ? 59   PHE A CD1 1 
ATOM   481  C CD2 . PHE A 1 59  ? -2.474  14.610  18.828  1.00 33.21 ? 59   PHE A CD2 1 
ATOM   482  C CE1 . PHE A 1 59  ? -0.005  13.320  18.780  1.00 31.70 ? 59   PHE A CE1 1 
ATOM   483  C CE2 . PHE A 1 59  ? -1.372  15.178  19.478  1.00 34.49 ? 59   PHE A CE2 1 
ATOM   484  C CZ  . PHE A 1 59  ? -0.133  14.529  19.454  1.00 32.24 ? 59   PHE A CZ  1 
ATOM   485  N N   . ASP A 1 60  ? -2.875  9.674   19.018  1.00 38.64 ? 60   ASP A N   1 
ATOM   486  C CA  . ASP A 1 60  ? -2.890  8.959   20.279  1.00 38.91 ? 60   ASP A CA  1 
ATOM   487  C C   . ASP A 1 60  ? -2.012  9.679   21.298  1.00 39.77 ? 60   ASP A C   1 
ATOM   488  O O   . ASP A 1 60  ? -0.835  9.337   21.480  1.00 38.88 ? 60   ASP A O   1 
ATOM   489  C CB  . ASP A 1 60  ? -2.378  7.536   20.059  1.00 38.81 ? 60   ASP A CB  1 
ATOM   490  C CG  . ASP A 1 60  ? -2.690  6.619   21.218  1.00 39.18 ? 60   ASP A CG  1 
ATOM   491  O OD1 . ASP A 1 60  ? -2.449  7.026   22.370  1.00 43.83 ? 60   ASP A OD1 1 
ATOM   492  O OD2 . ASP A 1 60  ? -3.167  5.494   20.981  1.00 35.97 ? 60   ASP A OD2 1 
ATOM   493  N N   . ILE A 1 61  ? -2.593  10.679  21.953  1.00 38.61 ? 61   ILE A N   1 
ATOM   494  C CA  . ILE A 1 61  ? -1.893  11.459  22.968  1.00 37.68 ? 61   ILE A CA  1 
ATOM   495  C C   . ILE A 1 61  ? -1.401  10.559  24.100  1.00 37.04 ? 61   ILE A C   1 
ATOM   496  O O   . ILE A 1 61  ? -0.229  10.569  24.443  1.00 36.80 ? 61   ILE A O   1 
ATOM   497  C CB  . ILE A 1 61  ? -2.819  12.547  23.562  1.00 36.58 ? 61   ILE A CB  1 
ATOM   498  C CG1 . ILE A 1 61  ? -3.171  13.576  22.479  1.00 35.28 ? 61   ILE A CG1 1 
ATOM   499  C CG2 . ILE A 1 61  ? -2.146  13.204  24.757  1.00 34.57 ? 61   ILE A CG2 1 
ATOM   500  C CD1 . ILE A 1 61  ? -4.210  14.601  22.898  1.00 32.79 ? 61   ILE A CD1 1 
ATOM   501  N N   . THR A 1 62  ? -2.310  9.775   24.662  1.00 38.00 ? 62   THR A N   1 
ATOM   502  C CA  . THR A 1 62  ? -2.001  8.862   25.757  1.00 39.44 ? 62   THR A CA  1 
ATOM   503  C C   . THR A 1 62  ? -0.801  7.943   25.503  1.00 41.23 ? 62   THR A C   1 
ATOM   504  O O   . THR A 1 62  ? -0.075  7.591   26.428  1.00 40.47 ? 62   THR A O   1 
ATOM   505  C CB  . THR A 1 62  ? -3.206  7.952   26.063  1.00 38.28 ? 62   THR A CB  1 
ATOM   506  O OG1 . THR A 1 62  ? -4.396  8.737   26.136  1.00 38.81 ? 62   THR A OG1 1 
ATOM   507  C CG2 . THR A 1 62  ? -3.001  7.230   27.375  1.00 36.27 ? 62   THR A CG2 1 
ATOM   508  N N   . ASN A 1 63  ? -0.607  7.551   24.249  1.00 43.07 ? 63   ASN A N   1 
ATOM   509  C CA  . ASN A 1 63  ? 0.477   6.651   23.876  1.00 45.13 ? 63   ASN A CA  1 
ATOM   510  C C   . ASN A 1 63  ? 1.704   7.322   23.267  1.00 45.99 ? 63   ASN A C   1 
ATOM   511  O O   . ASN A 1 63  ? 1.990   7.135   22.079  1.00 47.56 ? 63   ASN A O   1 
ATOM   512  C CB  . ASN A 1 63  ? -0.050  5.600   22.898  1.00 48.51 ? 63   ASN A CB  1 
ATOM   513  C CG  . ASN A 1 63  ? -0.630  4.393   23.597  1.00 50.94 ? 63   ASN A CG  1 
ATOM   514  O OD1 . ASN A 1 63  ? 0.102   3.624   24.223  1.00 53.51 ? 63   ASN A OD1 1 
ATOM   515  N ND2 . ASN A 1 63  ? -1.948  4.215   23.502  1.00 50.51 ? 63   ASN A ND2 1 
ATOM   516  N N   . ASN A 1 64  ? 2.434   8.088   24.069  1.00 43.99 ? 64   ASN A N   1 
ATOM   517  C CA  . ASN A 1 64  ? 3.635   8.755   23.581  1.00 43.51 ? 64   ASN A CA  1 
ATOM   518  C C   . ASN A 1 64  ? 3.382   9.694   22.417  1.00 43.08 ? 64   ASN A C   1 
ATOM   519  O O   . ASN A 1 64  ? 4.235   9.833   21.543  1.00 44.27 ? 64   ASN A O   1 
ATOM   520  C CB  . ASN A 1 64  ? 4.679   7.724   23.139  1.00 44.19 ? 64   ASN A CB  1 
ATOM   521  C CG  . ASN A 1 64  ? 5.445   7.129   24.299  1.00 45.66 ? 64   ASN A CG  1 
ATOM   522  O OD1 . ASN A 1 64  ? 6.080   6.089   24.161  1.00 47.64 ? 64   ASN A OD1 1 
ATOM   523  N ND2 . ASN A 1 64  ? 5.403   7.793   25.448  1.00 48.28 ? 64   ASN A ND2 1 
ATOM   524  N N   . LEU A 1 65  ? 2.212   10.324  22.384  1.00 40.78 ? 65   LEU A N   1 
ATOM   525  C CA  . LEU A 1 65  ? 1.903   11.261  21.307  1.00 37.79 ? 65   LEU A CA  1 
ATOM   526  C C   . LEU A 1 65  ? 2.033   10.666  19.901  1.00 35.26 ? 65   LEU A C   1 
ATOM   527  O O   . LEU A 1 65  ? 2.348   11.379  18.959  1.00 34.33 ? 65   LEU A O   1 
ATOM   528  C CB  . LEU A 1 65  ? 2.827   12.480  21.429  1.00 35.67 ? 65   LEU A CB  1 
ATOM   529  C CG  . LEU A 1 65  ? 2.757   13.150  22.804  1.00 32.85 ? 65   LEU A CG  1 
ATOM   530  C CD1 . LEU A 1 65  ? 3.945   14.071  23.001  1.00 31.49 ? 65   LEU A CD1 1 
ATOM   531  C CD2 . LEU A 1 65  ? 1.442   13.908  22.936  1.00 28.25 ? 65   LEU A CD2 1 
ATOM   532  N N   . SER A 1 66  ? 1.778   9.369   19.761  1.00 34.56 ? 66   SER A N   1 
ATOM   533  C CA  . SER A 1 66  ? 1.896   8.708   18.464  1.00 34.66 ? 66   SER A CA  1 
ATOM   534  C C   . SER A 1 66  ? 0.789   9.103   17.499  1.00 35.83 ? 66   SER A C   1 
ATOM   535  O O   . SER A 1 66  ? -0.243  9.646   17.901  1.00 37.54 ? 66   SER A O   1 
ATOM   536  C CB  . SER A 1 66  ? 1.848   7.188   18.632  1.00 31.92 ? 66   SER A CB  1 
ATOM   537  O OG  . SER A 1 66  ? 2.837   6.729   19.524  1.00 34.94 ? 66   SER A OG  1 
ATOM   538  N N   . ILE A 1 67  ? 1.024   8.839   16.217  1.00 33.18 ? 67   ILE A N   1 
ATOM   539  C CA  . ILE A 1 67  ? 0.033   9.083   15.189  1.00 30.35 ? 67   ILE A CA  1 
ATOM   540  C C   . ILE A 1 67  ? -0.195  7.707   14.576  1.00 33.20 ? 67   ILE A C   1 
ATOM   541  O O   . ILE A 1 67  ? 0.750   7.030   14.162  1.00 33.90 ? 67   ILE A O   1 
ATOM   542  C CB  . ILE A 1 67  ? 0.532   10.041  14.113  1.00 30.07 ? 67   ILE A CB  1 
ATOM   543  C CG1 . ILE A 1 67  ? 1.843   9.539   13.516  1.00 32.30 ? 67   ILE A CG1 1 
ATOM   544  C CG2 . ILE A 1 67  ? 0.724   11.401  14.700  1.00 31.75 ? 67   ILE A CG2 1 
ATOM   545  C CD1 . ILE A 1 67  ? 2.219   10.240  12.212  1.00 31.30 ? 67   ILE A CD1 1 
ATOM   546  N N   . VAL A 1 68  ? -1.450  7.279   14.552  1.00 33.37 ? 68   VAL A N   1 
ATOM   547  C CA  . VAL A 1 68  ? -1.813  5.978   14.019  1.00 31.66 ? 68   VAL A CA  1 
ATOM   548  C C   . VAL A 1 68  ? -2.455  6.155   12.658  1.00 32.68 ? 68   VAL A C   1 
ATOM   549  O O   . VAL A 1 68  ? -3.477  6.831   12.538  1.00 35.71 ? 68   VAL A O   1 
ATOM   550  C CB  . VAL A 1 68  ? -2.823  5.287   14.945  1.00 31.34 ? 68   VAL A CB  1 
ATOM   551  C CG1 . VAL A 1 68  ? -3.317  4.006   14.319  1.00 31.30 ? 68   VAL A CG1 1 
ATOM   552  C CG2 . VAL A 1 68  ? -2.188  5.018   16.284  1.00 30.90 ? 68   VAL A CG2 1 
ATOM   553  N N   . ILE A 1 69  ? -1.862  5.557   11.632  1.00 30.54 ? 69   ILE A N   1 
ATOM   554  C CA  . ILE A 1 69  ? -2.430  5.663   10.299  1.00 29.45 ? 69   ILE A CA  1 
ATOM   555  C C   . ILE A 1 69  ? -3.280  4.427   10.093  1.00 29.99 ? 69   ILE A C   1 
ATOM   556  O O   . ILE A 1 69  ? -2.767  3.314   10.065  1.00 30.07 ? 69   ILE A O   1 
ATOM   557  C CB  . ILE A 1 69  ? -1.337  5.730   9.227   1.00 29.79 ? 69   ILE A CB  1 
ATOM   558  C CG1 . ILE A 1 69  ? -0.338  6.836   9.588   1.00 28.27 ? 69   ILE A CG1 1 
ATOM   559  C CG2 . ILE A 1 69  ? -1.968  6.006   7.861   1.00 26.73 ? 69   ILE A CG2 1 
ATOM   560  C CD1 . ILE A 1 69  ? 0.823   6.959   8.627   1.00 24.20 ? 69   ILE A CD1 1 
ATOM   561  N N   . LEU A 1 70  ? -4.588  4.628   9.971   1.00 29.70 ? 70   LEU A N   1 
ATOM   562  C CA  . LEU A 1 70  ? -5.525  3.523   9.795   1.00 27.97 ? 70   LEU A CA  1 
ATOM   563  C C   . LEU A 1 70  ? -5.720  3.221   8.330   1.00 27.19 ? 70   LEU A C   1 
ATOM   564  O O   . LEU A 1 70  ? -5.761  4.129   7.518   1.00 30.58 ? 70   LEU A O   1 
ATOM   565  C CB  . LEU A 1 70  ? -6.897  3.882   10.375  1.00 27.68 ? 70   LEU A CB  1 
ATOM   566  C CG  . LEU A 1 70  ? -7.055  4.540   11.742  1.00 28.72 ? 70   LEU A CG  1 
ATOM   567  C CD1 . LEU A 1 70  ? -8.528  4.828   11.988  1.00 23.31 ? 70   LEU A CD1 1 
ATOM   568  C CD2 . LEU A 1 70  ? -6.477  3.635   12.818  1.00 29.36 ? 70   LEU A CD2 1 
ATOM   569  N N   . ALA A 1 71  ? -5.859  1.950   7.984   1.00 26.35 ? 71   ALA A N   1 
ATOM   570  C CA  . ALA A 1 71  ? -6.098  1.600   6.589   1.00 24.87 ? 71   ALA A CA  1 
ATOM   571  C C   . ALA A 1 71  ? -4.963  2.120   5.722   1.00 25.42 ? 71   ALA A C   1 
ATOM   572  O O   . ALA A 1 71  ? -5.175  2.965   4.853   1.00 25.84 ? 71   ALA A O   1 
ATOM   573  C CB  . ALA A 1 71  ? -7.432  2.205   6.132   1.00 19.08 ? 71   ALA A CB  1 
ATOM   574  N N   . LEU A 1 72  ? -3.759  1.618   5.963   1.00 26.97 ? 72   LEU A N   1 
ATOM   575  C CA  . LEU A 1 72  ? -2.581  2.047   5.211   1.00 28.17 ? 72   LEU A CA  1 
ATOM   576  C C   . LEU A 1 72  ? -2.723  2.046   3.684   1.00 28.83 ? 72   LEU A C   1 
ATOM   577  O O   . LEU A 1 72  ? -3.391  1.203   3.094   1.00 32.07 ? 72   LEU A O   1 
ATOM   578  C CB  . LEU A 1 72  ? -1.377  1.188   5.602   1.00 27.39 ? 72   LEU A CB  1 
ATOM   579  C CG  . LEU A 1 72  ? -0.316  1.865   6.471   1.00 29.14 ? 72   LEU A CG  1 
ATOM   580  C CD1 . LEU A 1 72  ? -0.983  2.468   7.673   1.00 29.71 ? 72   LEU A CD1 1 
ATOM   581  C CD2 . LEU A 1 72  ? 0.744   0.854   6.906   1.00 32.86 ? 72   LEU A CD2 1 
ATOM   582  N N   . ARG A 1 73  ? -2.102  3.019   3.047   1.00 28.38 ? 73   ARG A N   1 
ATOM   583  C CA  . ARG A 1 73  ? -2.123  3.087   1.601   1.00 29.16 ? 73   ARG A CA  1 
ATOM   584  C C   . ARG A 1 73  ? -0.673  3.122   1.158   1.00 32.23 ? 73   ARG A C   1 
ATOM   585  O O   . ARG A 1 73  ? 0.200   3.642   1.861   1.00 33.70 ? 73   ARG A O   1 
ATOM   586  C CB  . ARG A 1 73  ? -2.835  4.336   1.134   1.00 26.82 ? 73   ARG A CB  1 
ATOM   587  C CG  . ARG A 1 73  ? -4.308  4.205   1.146   1.00 30.41 ? 73   ARG A CG  1 
ATOM   588  C CD  . ARG A 1 73  ? -4.932  5.565   1.013   1.00 36.47 ? 73   ARG A CD  1 
ATOM   589  N NE  . ARG A 1 73  ? -6.381  5.501   0.877   1.00 40.64 ? 73   ARG A NE  1 
ATOM   590  C CZ  . ARG A 1 73  ? -7.149  6.572   0.749   1.00 42.30 ? 73   ARG A CZ  1 
ATOM   591  N NH1 . ARG A 1 73  ? -6.587  7.772   0.743   1.00 46.20 ? 73   ARG A NH1 1 
ATOM   592  N NH2 . ARG A 1 73  ? -8.466  6.446   0.630   1.00 45.63 ? 73   ARG A NH2 1 
ATOM   593  N N   . PRO A 1 74  ? -0.385  2.570   -0.017  1.00 32.96 ? 74   PRO A N   1 
ATOM   594  C CA  . PRO A 1 74  ? 1.009   2.597   -0.452  1.00 35.01 ? 74   PRO A CA  1 
ATOM   595  C C   . PRO A 1 74  ? 1.697   3.963   -0.412  1.00 34.75 ? 74   PRO A C   1 
ATOM   596  O O   . PRO A 1 74  ? 2.921   4.027   -0.352  1.00 37.30 ? 74   PRO A O   1 
ATOM   597  C CB  . PRO A 1 74  ? 0.940   2.003   -1.859  1.00 33.73 ? 74   PRO A CB  1 
ATOM   598  C CG  . PRO A 1 74  ? -0.452  2.275   -2.297  1.00 34.56 ? 74   PRO A CG  1 
ATOM   599  C CD  . PRO A 1 74  ? -1.260  2.019   -1.061  1.00 32.92 ? 74   PRO A CD  1 
ATOM   600  N N   . SER A 1 75  ? 0.925   5.044   -0.411  1.00 34.03 ? 75   SER A N   1 
ATOM   601  C CA  . SER A 1 75  ? 1.512   6.382   -0.409  1.00 35.36 ? 75   SER A CA  1 
ATOM   602  C C   . SER A 1 75  ? 1.890   6.897   0.972   1.00 36.32 ? 75   SER A C   1 
ATOM   603  O O   . SER A 1 75  ? 2.598   7.895   1.097   1.00 37.30 ? 75   SER A O   1 
ATOM   604  C CB  . SER A 1 75  ? 0.570   7.380   -1.093  1.00 34.21 ? 75   SER A CB  1 
ATOM   605  O OG  . SER A 1 75  ? -0.684  7.446   -0.436  1.00 33.21 ? 75   SER A OG  1 
ATOM   606  N N   . ASP A 1 76  ? 1.423   6.222   2.013   1.00 37.29 ? 76   ASP A N   1 
ATOM   607  C CA  . ASP A 1 76  ? 1.740   6.646   3.372   1.00 36.94 ? 76   ASP A CA  1 
ATOM   608  C C   . ASP A 1 76  ? 3.232   6.458   3.619   1.00 37.52 ? 76   ASP A C   1 
ATOM   609  O O   . ASP A 1 76  ? 3.758   6.864   4.648   1.00 37.19 ? 76   ASP A O   1 
ATOM   610  C CB  . ASP A 1 76  ? 0.913   5.837   4.362   1.00 36.07 ? 76   ASP A CB  1 
ATOM   611  C CG  . ASP A 1 76  ? -0.557  6.171   4.288   1.00 33.57 ? 76   ASP A CG  1 
ATOM   612  O OD1 . ASP A 1 76  ? -1.383  5.300   4.621   1.00 35.79 ? 76   ASP A OD1 1 
ATOM   613  O OD2 . ASP A 1 76  ? -0.886  7.310   3.908   1.00 33.07 ? 76   ASP A OD2 1 
ATOM   614  N N   . GLU A 1 77  ? 3.901   5.827   2.659   1.00 37.99 ? 77   GLU A N   1 
ATOM   615  C CA  . GLU A 1 77  ? 5.331   5.603   2.720   1.00 38.41 ? 77   GLU A CA  1 
ATOM   616  C C   . GLU A 1 77  ? 5.982   6.946   2.951   1.00 39.51 ? 77   GLU A C   1 
ATOM   617  O O   . GLU A 1 77  ? 5.507   7.968   2.447   1.00 39.65 ? 77   GLU A O   1 
ATOM   618  C CB  . GLU A 1 77  ? 5.809   5.012   1.392   1.00 42.18 ? 77   GLU A CB  1 
ATOM   619  C CG  . GLU A 1 77  ? 7.240   5.369   0.958   1.00 46.56 ? 77   GLU A CG  1 
ATOM   620  C CD  . GLU A 1 77  ? 7.295   6.587   0.042   1.00 50.04 ? 77   GLU A CD  1 
ATOM   621  O OE1 . GLU A 1 77  ? 6.368   6.743   -0.783  1.00 49.38 ? 77   GLU A OE1 1 
ATOM   622  O OE2 . GLU A 1 77  ? 8.267   7.381   0.134   1.00 52.51 ? 77   GLU A OE2 1 
ATOM   623  N N   . GLY A 1 78  ? 7.062   6.955   3.721   1.00 40.49 ? 78   GLY A N   1 
ATOM   624  C CA  . GLY A 1 78  ? 7.755   8.203   3.983   1.00 42.58 ? 78   GLY A CA  1 
ATOM   625  C C   . GLY A 1 78  ? 8.412   8.277   5.341   1.00 43.08 ? 78   GLY A C   1 
ATOM   626  O O   . GLY A 1 78  ? 8.292   7.363   6.157   1.00 42.91 ? 78   GLY A O   1 
ATOM   627  N N   . THR A 1 79  ? 9.121   9.370   5.583   1.00 44.08 ? 79   THR A N   1 
ATOM   628  C CA  . THR A 1 79  ? 9.785   9.555   6.859   1.00 45.88 ? 79   THR A CA  1 
ATOM   629  C C   . THR A 1 79  ? 9.038   10.577  7.696   1.00 45.50 ? 79   THR A C   1 
ATOM   630  O O   . THR A 1 79  ? 8.879   11.737  7.305   1.00 42.01 ? 79   THR A O   1 
ATOM   631  C CB  . THR A 1 79  ? 11.245  10.028  6.691   1.00 47.34 ? 79   THR A CB  1 
ATOM   632  O OG1 . THR A 1 79  ? 11.976  9.051   5.944   1.00 47.29 ? 79   THR A OG1 1 
ATOM   633  C CG2 . THR A 1 79  ? 11.915  10.210  8.065   1.00 46.65 ? 79   THR A CG2 1 
ATOM   634  N N   . TYR A 1 80  ? 8.575   10.122  8.851   1.00 46.82 ? 80   TYR A N   1 
ATOM   635  C CA  . TYR A 1 80  ? 7.851   10.978  9.772   1.00 49.50 ? 80   TYR A CA  1 
ATOM   636  C C   . TYR A 1 80  ? 8.803   11.421  10.867  1.00 51.33 ? 80   TYR A C   1 
ATOM   637  O O   . TYR A 1 80  ? 9.689   10.658  11.267  1.00 52.83 ? 80   TYR A O   1 
ATOM   638  C CB  . TYR A 1 80  ? 6.665   10.222  10.385  1.00 47.62 ? 80   TYR A CB  1 
ATOM   639  C CG  . TYR A 1 80  ? 5.645   9.834   9.348   1.00 46.89 ? 80   TYR A CG  1 
ATOM   640  C CD1 . TYR A 1 80  ? 5.842   8.725   8.524   1.00 46.57 ? 80   TYR A CD1 1 
ATOM   641  C CD2 . TYR A 1 80  ? 4.540   10.640  9.110   1.00 45.72 ? 80   TYR A CD2 1 
ATOM   642  C CE1 . TYR A 1 80  ? 4.966   8.439   7.482   1.00 45.03 ? 80   TYR A CE1 1 
ATOM   643  C CE2 . TYR A 1 80  ? 3.664   10.364  8.075   1.00 45.16 ? 80   TYR A CE2 1 
ATOM   644  C CZ  . TYR A 1 80  ? 3.882   9.270   7.266   1.00 44.86 ? 80   TYR A CZ  1 
ATOM   645  O OH  . TYR A 1 80  ? 3.020   9.033   6.230   1.00 48.21 ? 80   TYR A OH  1 
ATOM   646  N N   . GLU A 1 81  ? 8.638   12.662  11.323  1.00 50.88 ? 81   GLU A N   1 
ATOM   647  C CA  . GLU A 1 81  ? 9.464   13.198  12.400  1.00 49.58 ? 81   GLU A CA  1 
ATOM   648  C C   . GLU A 1 81  ? 8.550   13.922  13.367  1.00 47.37 ? 81   GLU A C   1 
ATOM   649  O O   . GLU A 1 81  ? 7.685   14.686  12.954  1.00 47.75 ? 81   GLU A O   1 
ATOM   650  C CB  . GLU A 1 81  ? 10.536  14.145  11.859  1.00 52.84 ? 81   GLU A CB  1 
ATOM   651  C CG  . GLU A 1 81  ? 10.047  15.189  10.874  1.00 56.35 ? 81   GLU A CG  1 
ATOM   652  C CD  . GLU A 1 81  ? 11.124  16.206  10.559  1.00 58.43 ? 81   GLU A CD  1 
ATOM   653  O OE1 . GLU A 1 81  ? 12.280  15.789  10.318  1.00 58.80 ? 81   GLU A OE1 1 
ATOM   654  O OE2 . GLU A 1 81  ? 10.820  17.418  10.548  1.00 59.01 ? 81   GLU A OE2 1 
ATOM   655  N N   . CYS A 1 82  ? 8.737   13.671  14.656  1.00 46.08 ? 82   CYS A N   1 
ATOM   656  C CA  . CYS A 1 82  ? 7.897   14.279  15.682  1.00 46.00 ? 82   CYS A CA  1 
ATOM   657  C C   . CYS A 1 82  ? 8.668   15.146  16.670  1.00 46.23 ? 82   CYS A C   1 
ATOM   658  O O   . CYS A 1 82  ? 9.423   14.633  17.499  1.00 48.39 ? 82   CYS A O   1 
ATOM   659  C CB  . CYS A 1 82  ? 7.150   13.180  16.439  1.00 44.57 ? 82   CYS A CB  1 
ATOM   660  S SG  . CYS A 1 82  ? 6.198   13.749  17.878  1.00 45.91 ? 82   CYS A SG  1 
ATOM   661  N N   . VAL A 1 83  ? 8.467   16.458  16.588  1.00 43.27 ? 83   VAL A N   1 
ATOM   662  C CA  . VAL A 1 83  ? 9.149   17.378  17.487  1.00 42.34 ? 83   VAL A CA  1 
ATOM   663  C C   . VAL A 1 83  ? 8.197   17.976  18.512  1.00 41.72 ? 83   VAL A C   1 
ATOM   664  O O   . VAL A 1 83  ? 7.127   18.463  18.163  1.00 42.64 ? 83   VAL A O   1 
ATOM   665  C CB  . VAL A 1 83  ? 9.831   18.520  16.705  1.00 42.31 ? 83   VAL A CB  1 
ATOM   666  C CG1 . VAL A 1 83  ? 8.908   19.026  15.605  1.00 40.50 ? 83   VAL A CG1 1 
ATOM   667  C CG2 . VAL A 1 83  ? 10.201  19.655  17.662  1.00 40.06 ? 83   VAL A CG2 1 
ATOM   668  N N   . VAL A 1 84  ? 8.590   17.926  19.779  1.00 40.47 ? 84   VAL A N   1 
ATOM   669  C CA  . VAL A 1 84  ? 7.774   18.469  20.859  1.00 40.27 ? 84   VAL A CA  1 
ATOM   670  C C   . VAL A 1 84  ? 8.573   19.573  21.543  1.00 40.07 ? 84   VAL A C   1 
ATOM   671  O O   . VAL A 1 84  ? 9.766   19.401  21.787  1.00 38.66 ? 84   VAL A O   1 
ATOM   672  C CB  . VAL A 1 84  ? 7.378   17.349  21.863  1.00 38.12 ? 84   VAL A CB  1 
ATOM   673  C CG1 . VAL A 1 84  ? 8.461   16.316  21.931  1.00 39.55 ? 84   VAL A CG1 1 
ATOM   674  C CG2 . VAL A 1 84  ? 7.137   17.928  23.239  1.00 39.62 ? 84   VAL A CG2 1 
ATOM   675  N N   . LEU A 1 85  ? 7.925   20.705  21.828  1.00 40.33 ? 85   LEU A N   1 
ATOM   676  C CA  . LEU A 1 85  ? 8.599   21.846  22.453  1.00 43.74 ? 85   LEU A CA  1 
ATOM   677  C C   . LEU A 1 85  ? 7.993   22.279  23.787  1.00 48.73 ? 85   LEU A C   1 
ATOM   678  O O   . LEU A 1 85  ? 6.770   22.424  23.916  1.00 51.86 ? 85   LEU A O   1 
ATOM   679  C CB  . LEU A 1 85  ? 8.596   23.052  21.505  1.00 40.48 ? 85   LEU A CB  1 
ATOM   680  C CG  . LEU A 1 85  ? 9.121   22.888  20.079  1.00 38.28 ? 85   LEU A CG  1 
ATOM   681  C CD1 . LEU A 1 85  ? 8.159   22.050  19.274  1.00 42.07 ? 85   LEU A CD1 1 
ATOM   682  C CD2 . LEU A 1 85  ? 9.254   24.233  19.431  1.00 37.01 ? 85   LEU A CD2 1 
ATOM   683  N N   . LYS A 1 86  ? 8.858   22.494  24.776  1.00 51.92 ? 86   LYS A N   1 
ATOM   684  C CA  . LYS A 1 86  ? 8.427   22.927  26.104  1.00 54.27 ? 86   LYS A CA  1 
ATOM   685  C C   . LYS A 1 86  ? 8.644   24.431  26.190  1.00 54.35 ? 86   LYS A C   1 
ATOM   686  O O   . LYS A 1 86  ? 9.595   24.955  25.620  1.00 52.25 ? 86   LYS A O   1 
ATOM   687  C CB  . LYS A 1 86  ? 9.257   22.228  27.188  1.00 56.57 ? 86   LYS A CB  1 
ATOM   688  C CG  . LYS A 1 86  ? 8.778   22.484  28.615  1.00 60.36 ? 86   LYS A CG  1 
ATOM   689  C CD  . LYS A 1 86  ? 7.375   21.920  28.833  1.00 62.68 ? 86   LYS A CD  1 
ATOM   690  C CE  . LYS A 1 86  ? 7.055   21.768  30.307  1.00 61.44 ? 86   LYS A CE  1 
ATOM   691  N NZ  . LYS A 1 86  ? 5.790   21.014  30.494  1.00 61.52 ? 86   LYS A NZ  1 
ATOM   692  N N   . TYR A 1 87  ? 7.767   25.133  26.896  1.00 57.25 ? 87   TYR A N   1 
ATOM   693  C CA  . TYR A 1 87  ? 7.938   26.575  27.001  1.00 60.77 ? 87   TYR A CA  1 
ATOM   694  C C   . TYR A 1 87  ? 8.930   26.967  28.092  1.00 64.71 ? 87   TYR A C   1 
ATOM   695  O O   . TYR A 1 87  ? 8.550   27.198  29.250  1.00 65.17 ? 87   TYR A O   1 
ATOM   696  C CB  . TYR A 1 87  ? 6.605   27.290  27.246  1.00 57.27 ? 87   TYR A CB  1 
ATOM   697  C CG  . TYR A 1 87  ? 6.687   28.792  27.021  1.00 55.72 ? 87   TYR A CG  1 
ATOM   698  C CD1 . TYR A 1 87  ? 7.350   29.625  27.923  1.00 55.27 ? 87   TYR A CD1 1 
ATOM   699  C CD2 . TYR A 1 87  ? 6.139   29.374  25.877  1.00 56.46 ? 87   TYR A CD2 1 
ATOM   700  C CE1 . TYR A 1 87  ? 7.473   31.002  27.688  1.00 57.16 ? 87   TYR A CE1 1 
ATOM   701  C CE2 . TYR A 1 87  ? 6.254   30.743  25.630  1.00 57.67 ? 87   TYR A CE2 1 
ATOM   702  C CZ  . TYR A 1 87  ? 6.923   31.555  26.535  1.00 58.81 ? 87   TYR A CZ  1 
ATOM   703  O OH  . TYR A 1 87  ? 7.062   32.902  26.269  1.00 56.99 ? 87   TYR A OH  1 
ATOM   704  N N   . GLU A 1 88  ? 10.208  27.020  27.715  1.00 67.21 ? 88   GLU A N   1 
ATOM   705  C CA  . GLU A 1 88  ? 11.257  27.437  28.631  1.00 68.07 ? 88   GLU A CA  1 
ATOM   706  C C   . GLU A 1 88  ? 10.989  28.926  28.780  1.00 69.66 ? 88   GLU A C   1 
ATOM   707  O O   . GLU A 1 88  ? 11.184  29.700  27.831  1.00 69.15 ? 88   GLU A O   1 
ATOM   708  C CB  . GLU A 1 88  ? 12.635  27.224  28.016  1.00 68.43 ? 88   GLU A CB  1 
ATOM   709  C CG  . GLU A 1 88  ? 13.742  27.950  28.745  1.00 70.35 ? 88   GLU A CG  1 
ATOM   710  C CD  . GLU A 1 88  ? 14.819  28.415  27.803  1.00 73.58 ? 88   GLU A CD  1 
ATOM   711  O OE1 . GLU A 1 88  ? 14.492  29.158  26.849  1.00 75.74 ? 88   GLU A OE1 1 
ATOM   712  O OE2 . GLU A 1 88  ? 15.995  28.040  28.003  1.00 75.46 ? 88   GLU A OE2 1 
ATOM   713  N N   . LYS A 1 89  ? 10.527  29.316  29.963  1.00 71.34 ? 89   LYS A N   1 
ATOM   714  C CA  . LYS A 1 89  ? 10.182  30.704  30.250  1.00 71.60 ? 89   LYS A CA  1 
ATOM   715  C C   . LYS A 1 89  ? 10.848  31.715  29.327  1.00 70.26 ? 89   LYS A C   1 
ATOM   716  O O   . LYS A 1 89  ? 12.074  31.878  29.339  1.00 69.15 ? 89   LYS A O   1 
ATOM   717  C CB  . LYS A 1 89  ? 10.474  30.998  31.717  1.00 72.85 ? 89   LYS A CB  1 
ATOM   718  C CG  . LYS A 1 89  ? 9.714   30.034  32.612  1.00 76.53 ? 89   LYS A CG  1 
ATOM   719  C CD  . LYS A 1 89  ? 9.574   30.529  34.043  1.00 80.14 ? 89   LYS A CD  1 
ATOM   720  C CE  . LYS A 1 89  ? 8.630   29.621  34.817  1.00 80.83 ? 89   LYS A CE  1 
ATOM   721  N NZ  . LYS A 1 89  ? 8.362   30.125  36.185  1.00 81.98 ? 89   LYS A NZ  1 
ATOM   722  N N   . ASP A 1 90  ? 9.998   32.359  28.525  1.00 68.04 ? 90   ASP A N   1 
ATOM   723  C CA  . ASP A 1 90  ? 10.357  33.366  27.528  1.00 66.06 ? 90   ASP A CA  1 
ATOM   724  C C   . ASP A 1 90  ? 10.198  32.824  26.128  1.00 63.79 ? 90   ASP A C   1 
ATOM   725  O O   . ASP A 1 90  ? 10.025  33.588  25.182  1.00 61.58 ? 90   ASP A O   1 
ATOM   726  C CB  . ASP A 1 90  ? 11.802  33.837  27.670  1.00 68.38 ? 90   ASP A CB  1 
ATOM   727  C CG  . ASP A 1 90  ? 12.365  34.366  26.359  1.00 70.22 ? 90   ASP A CG  1 
ATOM   728  O OD1 . ASP A 1 90  ? 12.005  35.494  25.962  1.00 71.19 ? 90   ASP A OD1 1 
ATOM   729  O OD2 . ASP A 1 90  ? 13.158  33.644  25.709  1.00 70.29 ? 90   ASP A OD2 1 
ATOM   730  N N   . ALA A 1 91  ? 10.274  31.507  25.983  1.00 62.99 ? 91   ALA A N   1 
ATOM   731  C CA  . ALA A 1 91  ? 10.157  30.928  24.658  1.00 62.27 ? 91   ALA A CA  1 
ATOM   732  C C   . ALA A 1 91  ? 9.804   29.456  24.649  1.00 60.82 ? 91   ALA A C   1 
ATOM   733  O O   . ALA A 1 91  ? 9.505   28.855  25.686  1.00 62.60 ? 91   ALA A O   1 
ATOM   734  C CB  . ALA A 1 91  ? 11.459  31.146  23.904  1.00 62.68 ? 91   ALA A CB  1 
ATOM   735  N N   . PHE A 1 92  ? 9.825   28.889  23.450  1.00 58.58 ? 92   PHE A N   1 
ATOM   736  C CA  . PHE A 1 92  ? 9.546   27.478  23.265  1.00 56.64 ? 92   PHE A CA  1 
ATOM   737  C C   . PHE A 1 92  ? 10.826  26.724  22.897  1.00 56.53 ? 92   PHE A C   1 
ATOM   738  O O   . PHE A 1 92  ? 11.256  26.738  21.741  1.00 56.40 ? 92   PHE A O   1 
ATOM   739  C CB  . PHE A 1 92  ? 8.506   27.259  22.158  1.00 54.12 ? 92   PHE A CB  1 
ATOM   740  C CG  . PHE A 1 92  ? 7.087   27.520  22.584  1.00 50.31 ? 92   PHE A CG  1 
ATOM   741  C CD1 . PHE A 1 92  ? 6.437   28.680  22.192  1.00 48.74 ? 92   PHE A CD1 1 
ATOM   742  C CD2 . PHE A 1 92  ? 6.401   26.595  23.362  1.00 47.95 ? 92   PHE A CD2 1 
ATOM   743  C CE1 . PHE A 1 92  ? 5.124   28.913  22.566  1.00 49.16 ? 92   PHE A CE1 1 
ATOM   744  C CE2 . PHE A 1 92  ? 5.088   26.822  23.742  1.00 46.81 ? 92   PHE A CE2 1 
ATOM   745  C CZ  . PHE A 1 92  ? 4.447   27.983  23.342  1.00 47.23 ? 92   PHE A CZ  1 
ATOM   746  N N   . LYS A 1 93  ? 11.433  26.074  23.884  1.00 57.68 ? 93   LYS A N   1 
ATOM   747  C CA  . LYS A 1 93  ? 12.645  25.277  23.670  1.00 58.19 ? 93   LYS A CA  1 
ATOM   748  C C   . LYS A 1 93  ? 12.176  23.828  23.462  1.00 59.22 ? 93   LYS A C   1 
ATOM   749  O O   . LYS A 1 93  ? 11.483  23.268  24.316  1.00 58.23 ? 93   LYS A O   1 
ATOM   750  C CB  . LYS A 1 93  ? 13.565  25.371  24.900  1.00 57.30 ? 93   LYS A CB  1 
ATOM   751  C CG  . LYS A 1 93  ? 14.965  24.779  24.716  1.00 57.67 ? 93   LYS A CG  1 
ATOM   752  C CD  . LYS A 1 93  ? 15.942  25.285  25.783  1.00 55.56 ? 93   LYS A CD  1 
ATOM   753  C CE  . LYS A 1 93  ? 15.748  24.623  27.136  1.00 56.37 ? 93   LYS A CE  1 
ATOM   754  N NZ  . LYS A 1 93  ? 16.245  23.216  27.178  1.00 55.65 ? 93   LYS A NZ  1 
ATOM   755  N N   . ARG A 1 94  ? 12.529  23.225  22.330  1.00 59.95 ? 94   ARG A N   1 
ATOM   756  C CA  . ARG A 1 94  ? 12.097  21.858  22.076  1.00 60.25 ? 94   ARG A CA  1 
ATOM   757  C C   . ARG A 1 94  ? 12.864  20.862  22.947  1.00 59.60 ? 94   ARG A C   1 
ATOM   758  O O   . ARG A 1 94  ? 14.098  20.872  22.999  1.00 59.72 ? 94   ARG A O   1 
ATOM   759  C CB  . ARG A 1 94  ? 12.240  21.511  20.592  1.00 60.53 ? 94   ARG A CB  1 
ATOM   760  C CG  . ARG A 1 94  ? 13.650  21.295  20.107  1.00 62.24 ? 94   ARG A CG  1 
ATOM   761  C CD  . ARG A 1 94  ? 13.639  21.019  18.623  1.00 63.08 ? 94   ARG A CD  1 
ATOM   762  N NE  . ARG A 1 94  ? 14.932  20.548  18.150  1.00 66.91 ? 94   ARG A NE  1 
ATOM   763  C CZ  . ARG A 1 94  ? 15.226  20.329  16.872  1.00 70.28 ? 94   ARG A CZ  1 
ATOM   764  N NH1 . ARG A 1 94  ? 14.309  20.543  15.933  1.00 70.87 ? 94   ARG A NH1 1 
ATOM   765  N NH2 . ARG A 1 94  ? 16.436  19.894  16.532  1.00 70.89 ? 94   ARG A NH2 1 
ATOM   766  N N   . GLU A 1 95  ? 12.110  20.008  23.631  1.00 57.18 ? 95   GLU A N   1 
ATOM   767  C CA  . GLU A 1 95  ? 12.684  19.035  24.531  1.00 55.91 ? 95   GLU A CA  1 
ATOM   768  C C   . GLU A 1 95  ? 12.699  17.627  23.963  1.00 55.93 ? 95   GLU A C   1 
ATOM   769  O O   . GLU A 1 95  ? 12.951  16.682  24.708  1.00 57.81 ? 95   GLU A O   1 
ATOM   770  C CB  . GLU A 1 95  ? 11.913  19.043  25.852  1.00 56.45 ? 95   GLU A CB  1 
ATOM   771  C CG  . GLU A 1 95  ? 10.698  18.133  25.864  1.00 59.52 ? 95   GLU A CG  1 
ATOM   772  C CD  . GLU A 1 95  ? 9.791   18.349  27.066  1.00 60.61 ? 95   GLU A CD  1 
ATOM   773  O OE1 . GLU A 1 95  ? 10.309  18.639  28.166  1.00 59.71 ? 95   GLU A OE1 1 
ATOM   774  O OE2 . GLU A 1 95  ? 8.556   18.213  26.911  1.00 60.39 ? 95   GLU A OE2 1 
ATOM   775  N N   . HIS A 1 96  ? 12.425  17.471  22.666  1.00 54.62 ? 96   HIS A N   1 
ATOM   776  C CA  . HIS A 1 96  ? 12.437  16.137  22.053  1.00 51.77 ? 96   HIS A CA  1 
ATOM   777  C C   . HIS A 1 96  ? 12.197  16.040  20.550  1.00 49.95 ? 96   HIS A C   1 
ATOM   778  O O   . HIS A 1 96  ? 11.497  16.854  19.948  1.00 49.69 ? 96   HIS A O   1 
ATOM   779  C CB  . HIS A 1 96  ? 11.435  15.214  22.741  1.00 51.42 ? 96   HIS A CB  1 
ATOM   780  C CG  . HIS A 1 96  ? 11.501  13.797  22.260  1.00 54.76 ? 96   HIS A CG  1 
ATOM   781  N ND1 . HIS A 1 96  ? 12.621  13.008  22.422  1.00 55.83 ? 96   HIS A ND1 1 
ATOM   782  C CD2 . HIS A 1 96  ? 10.596  13.033  21.607  1.00 54.64 ? 96   HIS A CD2 1 
ATOM   783  C CE1 . HIS A 1 96  ? 12.401  11.820  21.889  1.00 56.37 ? 96   HIS A CE1 1 
ATOM   784  N NE2 . HIS A 1 96  ? 11.180  11.809  21.387  1.00 54.22 ? 96   HIS A NE2 1 
ATOM   785  N N   . LEU A 1 97  ? 12.781  15.008  19.955  1.00 48.08 ? 97   LEU A N   1 
ATOM   786  C CA  . LEU A 1 97  ? 12.644  14.765  18.530  1.00 46.55 ? 97   LEU A CA  1 
ATOM   787  C C   . LEU A 1 97  ? 12.825  13.282  18.190  1.00 45.82 ? 97   LEU A C   1 
ATOM   788  O O   . LEU A 1 97  ? 13.867  12.682  18.473  1.00 44.93 ? 97   LEU A O   1 
ATOM   789  C CB  . LEU A 1 97  ? 13.663  15.594  17.746  1.00 44.09 ? 97   LEU A CB  1 
ATOM   790  C CG  . LEU A 1 97  ? 13.515  15.524  16.227  1.00 40.54 ? 97   LEU A CG  1 
ATOM   791  C CD1 . LEU A 1 97  ? 12.241  16.254  15.839  1.00 41.53 ? 97   LEU A CD1 1 
ATOM   792  C CD2 . LEU A 1 97  ? 14.719  16.146  15.543  1.00 37.69 ? 97   LEU A CD2 1 
ATOM   793  N N   . ALA A 1 98  ? 11.789  12.698  17.592  1.00 44.38 ? 98   ALA A N   1 
ATOM   794  C CA  . ALA A 1 98  ? 11.821  11.301  17.182  1.00 41.93 ? 98   ALA A CA  1 
ATOM   795  C C   . ALA A 1 98  ? 11.667  11.348  15.685  1.00 41.28 ? 98   ALA A C   1 
ATOM   796  O O   . ALA A 1 98  ? 11.137  12.317  15.138  1.00 39.51 ? 98   ALA A O   1 
ATOM   797  C CB  . ALA A 1 98  ? 10.673  10.518  17.804  1.00 37.99 ? 98   ALA A CB  1 
ATOM   798  N N   . GLU A 1 99  ? 12.150  10.310  15.020  1.00 42.86 ? 99   GLU A N   1 
ATOM   799  C CA  . GLU A 1 99  ? 12.074  10.239  13.572  1.00 44.12 ? 99   GLU A CA  1 
ATOM   800  C C   . GLU A 1 99  ? 11.964  8.780   13.187  1.00 45.38 ? 99   GLU A C   1 
ATOM   801  O O   . GLU A 1 99  ? 12.718  7.935   13.681  1.00 46.92 ? 99   GLU A O   1 
ATOM   802  C CB  . GLU A 1 99  ? 13.327  10.833  12.945  1.00 42.97 ? 99   GLU A CB  1 
ATOM   803  C CG  . GLU A 1 99  ? 13.205  11.110  11.473  1.00 47.56 ? 99   GLU A CG  1 
ATOM   804  C CD  . GLU A 1 99  ? 14.541  11.495  10.862  1.00 52.20 ? 99   GLU A CD  1 
ATOM   805  O OE1 . GLU A 1 99  ? 15.412  10.599  10.758  1.00 52.68 ? 99   GLU A OE1 1 
ATOM   806  O OE2 . GLU A 1 99  ? 14.725  12.684  10.501  1.00 50.09 ? 99   GLU A OE2 1 
ATOM   807  N N   . VAL A 1 100 ? 11.006  8.482   12.318  1.00 44.51 ? 100  VAL A N   1 
ATOM   808  C CA  . VAL A 1 100 ? 10.812  7.123   11.852  1.00 41.58 ? 100  VAL A CA  1 
ATOM   809  C C   . VAL A 1 100 ? 10.385  7.176   10.396  1.00 41.66 ? 100  VAL A C   1 
ATOM   810  O O   . VAL A 1 100 ? 9.702   8.114   9.970   1.00 41.13 ? 100  VAL A O   1 
ATOM   811  C CB  . VAL A 1 100 ? 9.741   6.378   12.693  1.00 39.66 ? 100  VAL A CB  1 
ATOM   812  C CG1 . VAL A 1 100 ? 8.392   7.056   12.562  1.00 39.85 ? 100  VAL A CG1 1 
ATOM   813  C CG2 . VAL A 1 100 ? 9.659   4.934   12.256  1.00 37.25 ? 100  VAL A CG2 1 
ATOM   814  N N   . THR A 1 101 ? 10.820  6.184   9.628   1.00 41.11 ? 101  THR A N   1 
ATOM   815  C CA  . THR A 1 101 ? 10.463  6.104   8.216   1.00 39.48 ? 101  THR A CA  1 
ATOM   816  C C   . THR A 1 101 ? 9.531   4.897   8.058   1.00 38.76 ? 101  THR A C   1 
ATOM   817  O O   . THR A 1 101 ? 9.797   3.826   8.611   1.00 37.66 ? 101  THR A O   1 
ATOM   818  C CB  . THR A 1 101 ? 11.693  5.889   7.352   1.00 37.84 ? 101  THR A CB  1 
ATOM   819  O OG1 . THR A 1 101 ? 11.881  4.484   7.171   1.00 40.99 ? 101  THR A OG1 1 
ATOM   820  C CG2 . THR A 1 101 ? 12.931  6.480   8.020   1.00 34.17 ? 101  THR A CG2 1 
ATOM   821  N N   . LEU A 1 102 ? 8.450   5.072   7.298   1.00 36.98 ? 102  LEU A N   1 
ATOM   822  C CA  . LEU A 1 102 ? 7.463   4.009   7.105   1.00 34.14 ? 102  LEU A CA  1 
ATOM   823  C C   . LEU A 1 102 ? 7.441   3.346   5.736   1.00 31.20 ? 102  LEU A C   1 
ATOM   824  O O   . LEU A 1 102 ? 7.338   4.018   4.717   1.00 31.55 ? 102  LEU A O   1 
ATOM   825  C CB  . LEU A 1 102 ? 6.061   4.546   7.398   1.00 33.50 ? 102  LEU A CB  1 
ATOM   826  C CG  . LEU A 1 102 ? 4.923   3.532   7.295   1.00 31.56 ? 102  LEU A CG  1 
ATOM   827  C CD1 . LEU A 1 102 ? 5.109   2.469   8.359   1.00 30.54 ? 102  LEU A CD1 1 
ATOM   828  C CD2 . LEU A 1 102 ? 3.587   4.240   7.448   1.00 28.40 ? 102  LEU A CD2 1 
ATOM   829  N N   . SER A 1 103 ? 7.528   2.022   5.722   1.00 29.66 ? 103  SER A N   1 
ATOM   830  C CA  . SER A 1 103 ? 7.478   1.259   4.479   1.00 29.92 ? 103  SER A CA  1 
ATOM   831  C C   . SER A 1 103 ? 6.112   0.610   4.428   1.00 30.10 ? 103  SER A C   1 
ATOM   832  O O   . SER A 1 103 ? 5.578   0.206   5.455   1.00 33.03 ? 103  SER A O   1 
ATOM   833  C CB  . SER A 1 103 ? 8.544   0.152   4.444   1.00 29.70 ? 103  SER A CB  1 
ATOM   834  O OG  . SER A 1 103 ? 9.766   0.607   3.884   1.00 32.53 ? 103  SER A OG  1 
ATOM   835  N N   . VAL A 1 104 ? 5.546   0.508   3.236   1.00 28.84 ? 104  VAL A N   1 
ATOM   836  C CA  . VAL A 1 104 ? 4.236   -0.104  3.070   1.00 27.13 ? 104  VAL A CA  1 
ATOM   837  C C   . VAL A 1 104 ? 4.297   -1.230  2.033   1.00 26.40 ? 104  VAL A C   1 
ATOM   838  O O   . VAL A 1 104 ? 4.430   -0.973  0.839   1.00 26.76 ? 104  VAL A O   1 
ATOM   839  C CB  . VAL A 1 104 ? 3.200   0.966   2.625   1.00 26.51 ? 104  VAL A CB  1 
ATOM   840  C CG1 . VAL A 1 104 ? 1.902   0.312   2.213   1.00 29.47 ? 104  VAL A CG1 1 
ATOM   841  C CG2 . VAL A 1 104 ? 2.964   1.954   3.742   1.00 25.51 ? 104  VAL A CG2 1 
ATOM   842  N N   . LYS A 1 105 ? 4.207   -2.477  2.482   1.00 26.93 ? 105  LYS A N   1 
ATOM   843  C CA  . LYS A 1 105 ? 4.233   -3.626  1.561   1.00 28.17 ? 105  LYS A CA  1 
ATOM   844  C C   . LYS A 1 105 ? 2.865   -3.809  0.869   1.00 26.34 ? 105  LYS A C   1 
ATOM   845  O O   . LYS A 1 105 ? 1.813   -3.717  1.512   1.00 26.19 ? 105  LYS A O   1 
ATOM   846  C CB  . LYS A 1 105 ? 4.610   -4.909  2.320   1.00 29.69 ? 105  LYS A CB  1 
ATOM   847  C CG  . LYS A 1 105 ? 5.966   -4.844  3.019   1.00 34.55 ? 105  LYS A CG  1 
ATOM   848  C CD  . LYS A 1 105 ? 7.106   -5.142  2.063   1.00 39.90 ? 105  LYS A CD  1 
ATOM   849  C CE  . LYS A 1 105 ? 7.092   -6.622  1.653   1.00 45.68 ? 105  LYS A CE  1 
ATOM   850  N NZ  . LYS A 1 105 ? 8.055   -6.955  0.553   1.00 48.35 ? 105  LYS A NZ  1 
ATOM   851  N N   . ALA A 1 106 ? 2.886   -4.057  -0.438  1.00 22.40 ? 106  ALA A N   1 
ATOM   852  C CA  . ALA A 1 106 ? 1.660   -4.238  -1.208  1.00 21.32 ? 106  ALA A CA  1 
ATOM   853  C C   . ALA A 1 106 ? 1.806   -5.337  -2.240  1.00 22.80 ? 106  ALA A C   1 
ATOM   854  O O   . ALA A 1 106 ? 1.529   -5.113  -3.414  1.00 23.46 ? 106  ALA A O   1 
ATOM   855  C CB  . ALA A 1 106 ? 1.280   -2.941  -1.906  1.00 18.35 ? 106  ALA A CB  1 
ATOM   856  N N   . ASP A 1 107 ? 2.227   -6.522  -1.808  1.00 22.82 ? 107  ASP A N   1 
ATOM   857  C CA  . ASP A 1 107 ? 2.408   -7.625  -2.733  1.00 24.88 ? 107  ASP A CA  1 
ATOM   858  C C   . ASP A 1 107 ? 1.108   -8.033  -3.383  1.00 27.46 ? 107  ASP A C   1 
ATOM   859  O O   . ASP A 1 107 ? 0.026   -7.758  -2.859  1.00 28.40 ? 107  ASP A O   1 
ATOM   860  C CB  . ASP A 1 107 ? 3.019   -8.834  -2.030  1.00 26.51 ? 107  ASP A CB  1 
ATOM   861  C CG  . ASP A 1 107 ? 4.491   -8.659  -1.758  1.00 29.29 ? 107  ASP A CG  1 
ATOM   862  O OD1 . ASP A 1 107 ? 5.067   -7.710  -2.319  1.00 33.87 ? 107  ASP A OD1 1 
ATOM   863  O OD2 . ASP A 1 107 ? 5.075   -9.465  -1.001  1.00 31.35 ? 107  ASP A OD2 1 
ATOM   864  N N   . PHE A 1 108 ? 1.237   -8.676  -4.544  1.00 28.52 ? 108  PHE A N   1 
ATOM   865  C CA  . PHE A 1 108 ? 0.105   -9.167  -5.318  1.00 27.27 ? 108  PHE A CA  1 
ATOM   866  C C   . PHE A 1 108 ? -0.083  -10.627 -4.977  1.00 25.40 ? 108  PHE A C   1 
ATOM   867  O O   . PHE A 1 108 ? 0.846   -11.409 -5.072  1.00 26.90 ? 108  PHE A O   1 
ATOM   868  C CB  . PHE A 1 108 ? 0.374   -9.014  -6.826  1.00 27.42 ? 108  PHE A CB  1 
ATOM   869  C CG  . PHE A 1 108 ? -0.135  -7.718  -7.403  1.00 31.08 ? 108  PHE A CG  1 
ATOM   870  C CD1 . PHE A 1 108 ? 0.726   -6.653  -7.627  1.00 29.04 ? 108  PHE A CD1 1 
ATOM   871  C CD2 . PHE A 1 108 ? -1.499  -7.538  -7.642  1.00 30.33 ? 108  PHE A CD2 1 
ATOM   872  C CE1 . PHE A 1 108 ? 0.240   -5.432  -8.073  1.00 29.56 ? 108  PHE A CE1 1 
ATOM   873  C CE2 . PHE A 1 108 ? -1.995  -6.320  -8.083  1.00 28.47 ? 108  PHE A CE2 1 
ATOM   874  C CZ  . PHE A 1 108 ? -1.127  -5.264  -8.299  1.00 28.32 ? 108  PHE A CZ  1 
ATOM   875  N N   . PRO A 1 109 ? -1.277  -11.019 -4.544  1.00 26.31 ? 109  PRO A N   1 
ATOM   876  C CA  . PRO A 1 109 ? -1.402  -12.449 -4.234  1.00 26.61 ? 109  PRO A CA  1 
ATOM   877  C C   . PRO A 1 109 ? -1.190  -13.254 -5.513  1.00 28.03 ? 109  PRO A C   1 
ATOM   878  O O   . PRO A 1 109 ? -1.402  -12.749 -6.608  1.00 29.76 ? 109  PRO A O   1 
ATOM   879  C CB  . PRO A 1 109 ? -2.823  -12.562 -3.688  1.00 25.72 ? 109  PRO A CB  1 
ATOM   880  C CG  . PRO A 1 109 ? -3.561  -11.468 -4.430  1.00 30.15 ? 109  PRO A CG  1 
ATOM   881  C CD  . PRO A 1 109 ? -2.562  -10.312 -4.404  1.00 26.87 ? 109  PRO A CD  1 
ATOM   882  N N   . THR A 1 110 ? -0.753  -14.496 -5.388  1.00 31.00 ? 110  THR A N   1 
ATOM   883  C CA  . THR A 1 110 ? -0.535  -15.325 -6.559  1.00 33.22 ? 110  THR A CA  1 
ATOM   884  C C   . THR A 1 110 ? -1.841  -15.347 -7.360  1.00 35.68 ? 110  THR A C   1 
ATOM   885  O O   . THR A 1 110 ? -2.900  -15.686 -6.823  1.00 37.23 ? 110  THR A O   1 
ATOM   886  C CB  . THR A 1 110 ? -0.124  -16.744 -6.144  1.00 33.18 ? 110  THR A CB  1 
ATOM   887  O OG1 . THR A 1 110 ? -0.183  -17.600 -7.283  1.00 38.97 ? 110  THR A OG1 1 
ATOM   888  C CG2 . THR A 1 110 ? -1.046  -17.285 -5.071  1.00 38.45 ? 110  THR A CG2 1 
ATOM   889  N N   . PRO A 1 111 ? -1.784  -14.978 -8.659  1.00 36.91 ? 111  PRO A N   1 
ATOM   890  C CA  . PRO A 1 111 ? -2.975  -14.950 -9.517  1.00 35.49 ? 111  PRO A CA  1 
ATOM   891  C C   . PRO A 1 111 ? -3.658  -16.295 -9.658  1.00 35.79 ? 111  PRO A C   1 
ATOM   892  O O   . PRO A 1 111 ? -3.002  -17.336 -9.615  1.00 35.88 ? 111  PRO A O   1 
ATOM   893  C CB  . PRO A 1 111 ? -2.426  -14.449 -10.845 1.00 35.69 ? 111  PRO A CB  1 
ATOM   894  C CG  . PRO A 1 111 ? -1.054  -15.058 -10.873 1.00 34.48 ? 111  PRO A CG  1 
ATOM   895  C CD  . PRO A 1 111 ? -0.564  -14.778 -9.468  1.00 35.68 ? 111  PRO A CD  1 
ATOM   896  N N   . SER A 1 112 ? -4.975  -16.263 -9.825  1.00 35.71 ? 112  SER A N   1 
ATOM   897  C CA  . SER A 1 112 ? -5.754  -17.484 -10.005 1.00 37.03 ? 112  SER A CA  1 
ATOM   898  C C   . SER A 1 112 ? -6.283  -17.503 -11.436 1.00 38.05 ? 112  SER A C   1 
ATOM   899  O O   . SER A 1 112 ? -6.740  -16.473 -11.936 1.00 39.48 ? 112  SER A O   1 
ATOM   900  C CB  . SER A 1 112 ? -6.928  -17.521 -9.034  1.00 35.73 ? 112  SER A CB  1 
ATOM   901  O OG  . SER A 1 112 ? -7.804  -16.443 -9.282  1.00 36.93 ? 112  SER A OG  1 
ATOM   902  N N   . ILE A 1 113 ? -6.227  -18.674 -12.073 1.00 38.29 ? 113  ILE A N   1 
ATOM   903  C CA  . ILE A 1 113 ? -6.674  -18.872 -13.460 1.00 36.83 ? 113  ILE A CA  1 
ATOM   904  C C   . ILE A 1 113 ? -7.973  -19.696 -13.669 1.00 36.49 ? 113  ILE A C   1 
ATOM   905  O O   . ILE A 1 113 ? -8.171  -20.739 -13.054 1.00 36.10 ? 113  ILE A O   1 
ATOM   906  C CB  . ILE A 1 113 ? -5.552  -19.537 -14.273 1.00 34.62 ? 113  ILE A CB  1 
ATOM   907  C CG1 . ILE A 1 113 ? -4.321  -18.634 -14.293 1.00 37.24 ? 113  ILE A CG1 1 
ATOM   908  C CG2 . ILE A 1 113 ? -6.021  -19.816 -15.671 1.00 37.52 ? 113  ILE A CG2 1 
ATOM   909  C CD1 . ILE A 1 113 ? -3.161  -19.171 -15.137 1.00 35.52 ? 113  ILE A CD1 1 
ATOM   910  N N   . SER A 1 114 ? -8.851  -19.215 -14.542 1.00 37.00 ? 114  SER A N   1 
ATOM   911  C CA  . SER A 1 114 ? -10.096 -19.915 -14.855 1.00 38.00 ? 114  SER A CA  1 
ATOM   912  C C   . SER A 1 114 ? -10.042 -20.388 -16.303 1.00 41.33 ? 114  SER A C   1 
ATOM   913  O O   . SER A 1 114 ? -9.473  -19.706 -17.158 1.00 43.52 ? 114  SER A O   1 
ATOM   914  C CB  . SER A 1 114 ? -11.293 -18.992 -14.682 1.00 33.84 ? 114  SER A CB  1 
ATOM   915  O OG  . SER A 1 114 ? -11.371 -18.558 -13.352 1.00 34.56 ? 114  SER A OG  1 
ATOM   916  N N   . ASP A 1 115 ? -10.625 -21.551 -16.579 1.00 42.28 ? 115  ASP A N   1 
ATOM   917  C CA  . ASP A 1 115 ? -10.629 -22.075 -17.934 1.00 43.95 ? 115  ASP A CA  1 
ATOM   918  C C   . ASP A 1 115 ? -12.006 -22.558 -18.338 1.00 44.22 ? 115  ASP A C   1 
ATOM   919  O O   . ASP A 1 115 ? -12.695 -23.213 -17.559 1.00 45.83 ? 115  ASP A O   1 
ATOM   920  C CB  . ASP A 1 115 ? -9.614  -23.212 -18.085 1.00 44.70 ? 115  ASP A CB  1 
ATOM   921  C CG  . ASP A 1 115 ? -9.887  -24.374 -17.161 1.00 48.13 ? 115  ASP A CG  1 
ATOM   922  O OD1 . ASP A 1 115 ? -9.275  -25.444 -17.370 1.00 52.47 ? 115  ASP A OD1 1 
ATOM   923  O OD2 . ASP A 1 115 ? -10.698 -24.228 -16.222 1.00 52.62 ? 115  ASP A OD2 1 
ATOM   924  N N   . PHE A 1 116 ? -12.409 -22.228 -19.560 1.00 44.11 ? 116  PHE A N   1 
ATOM   925  C CA  . PHE A 1 116 ? -13.712 -22.642 -20.050 1.00 43.45 ? 116  PHE A CA  1 
ATOM   926  C C   . PHE A 1 116 ? -13.875 -22.435 -21.546 1.00 43.80 ? 116  PHE A C   1 
ATOM   927  O O   . PHE A 1 116 ? -13.272 -21.533 -22.127 1.00 45.42 ? 116  PHE A O   1 
ATOM   928  C CB  . PHE A 1 116 ? -14.798 -21.896 -19.283 1.00 42.74 ? 116  PHE A CB  1 
ATOM   929  C CG  . PHE A 1 116 ? -14.647 -20.408 -19.306 1.00 42.61 ? 116  PHE A CG  1 
ATOM   930  C CD1 . PHE A 1 116 ? -15.133 -19.665 -20.375 1.00 43.96 ? 116  PHE A CD1 1 
ATOM   931  C CD2 . PHE A 1 116 ? -14.057 -19.739 -18.238 1.00 42.02 ? 116  PHE A CD2 1 
ATOM   932  C CE1 . PHE A 1 116 ? -15.041 -18.267 -20.381 1.00 43.38 ? 116  PHE A CE1 1 
ATOM   933  C CE2 . PHE A 1 116 ? -13.959 -18.346 -18.233 1.00 42.23 ? 116  PHE A CE2 1 
ATOM   934  C CZ  . PHE A 1 116 ? -14.454 -17.612 -19.304 1.00 43.62 ? 116  PHE A CZ  1 
ATOM   935  N N   . GLU A 1 117 ? -14.695 -23.282 -22.163 1.00 43.55 ? 117  GLU A N   1 
ATOM   936  C CA  . GLU A 1 117 ? -14.949 -23.215 -23.597 1.00 42.09 ? 117  GLU A CA  1 
ATOM   937  C C   . GLU A 1 117 ? -15.835 -22.051 -24.009 1.00 41.97 ? 117  GLU A C   1 
ATOM   938  O O   . GLU A 1 117 ? -16.731 -21.637 -23.272 1.00 39.55 ? 117  GLU A O   1 
ATOM   939  C CB  . GLU A 1 117 ? -15.609 -24.495 -24.072 1.00 40.46 ? 117  GLU A CB  1 
ATOM   940  C CG  . GLU A 1 117 ? -14.770 -25.732 -23.926 1.00 43.63 ? 117  GLU A CG  1 
ATOM   941  C CD  . GLU A 1 117 ? -15.557 -26.975 -24.284 1.00 47.06 ? 117  GLU A CD  1 
ATOM   942  O OE1 . GLU A 1 117 ? -16.497 -27.323 -23.528 1.00 45.56 ? 117  GLU A OE1 1 
ATOM   943  O OE2 . GLU A 1 117 ? -15.246 -27.589 -25.329 1.00 48.30 ? 117  GLU A OE2 1 
ATOM   944  N N   . ILE A 1 118 ? -15.574 -21.539 -25.205 1.00 42.33 ? 118  ILE A N   1 
ATOM   945  C CA  . ILE A 1 118 ? -16.347 -20.447 -25.775 1.00 44.62 ? 118  ILE A CA  1 
ATOM   946  C C   . ILE A 1 118 ? -17.036 -21.060 -26.991 1.00 47.86 ? 118  ILE A C   1 
ATOM   947  O O   . ILE A 1 118 ? -16.758 -22.210 -27.339 1.00 47.91 ? 118  ILE A O   1 
ATOM   948  C CB  . ILE A 1 118 ? -15.438 -19.300 -26.239 1.00 44.99 ? 118  ILE A CB  1 
ATOM   949  C CG1 . ILE A 1 118 ? -14.305 -19.861 -27.111 1.00 45.75 ? 118  ILE A CG1 1 
ATOM   950  C CG2 . ILE A 1 118 ? -14.898 -18.543 -25.037 1.00 45.05 ? 118  ILE A CG2 1 
ATOM   951  C CD1 . ILE A 1 118 ? -13.344 -18.815 -27.620 1.00 43.41 ? 118  ILE A CD1 1 
ATOM   952  N N   . PRO A 1 119 ? -17.942 -20.312 -27.649 1.00 49.93 ? 119  PRO A N   1 
ATOM   953  C CA  . PRO A 1 119 ? -18.627 -20.859 -28.823 1.00 51.18 ? 119  PRO A CA  1 
ATOM   954  C C   . PRO A 1 119 ? -17.729 -20.753 -30.056 1.00 52.42 ? 119  PRO A C   1 
ATOM   955  O O   . PRO A 1 119 ? -17.915 -19.884 -30.902 1.00 55.40 ? 119  PRO A O   1 
ATOM   956  C CB  . PRO A 1 119 ? -19.867 -19.978 -28.932 1.00 51.40 ? 119  PRO A CB  1 
ATOM   957  C CG  . PRO A 1 119 ? -19.322 -18.633 -28.555 1.00 49.47 ? 119  PRO A CG  1 
ATOM   958  C CD  . PRO A 1 119 ? -18.442 -18.956 -27.342 1.00 50.92 ? 119  PRO A CD  1 
ATOM   959  N N   . THR A 1 120 ? -16.743 -21.632 -30.139 1.00 52.17 ? 120  THR A N   1 
ATOM   960  C CA  . THR A 1 120 ? -15.810 -21.651 -31.253 1.00 52.14 ? 120  THR A CA  1 
ATOM   961  C C   . THR A 1 120 ? -15.097 -22.980 -31.151 1.00 52.61 ? 120  THR A C   1 
ATOM   962  O O   . THR A 1 120 ? -14.413 -23.258 -30.170 1.00 52.92 ? 120  THR A O   1 
ATOM   963  C CB  . THR A 1 120 ? -14.762 -20.511 -31.163 1.00 52.27 ? 120  THR A CB  1 
ATOM   964  O OG1 . THR A 1 120 ? -15.405 -19.234 -31.288 1.00 50.88 ? 120  THR A OG1 1 
ATOM   965  C CG2 . THR A 1 120 ? -13.729 -20.656 -32.269 1.00 50.26 ? 120  THR A CG2 1 
ATOM   966  N N   . SER A 1 121 ? -15.270 -23.805 -32.171 1.00 53.25 ? 121  SER A N   1 
ATOM   967  C CA  . SER A 1 121 ? -14.666 -25.124 -32.199 1.00 54.17 ? 121  SER A CA  1 
ATOM   968  C C   . SER A 1 121 ? -13.201 -25.157 -31.781 1.00 53.65 ? 121  SER A C   1 
ATOM   969  O O   . SER A 1 121 ? -12.364 -24.477 -32.369 1.00 54.95 ? 121  SER A O   1 
ATOM   970  C CB  . SER A 1 121 ? -14.811 -25.722 -33.598 1.00 54.35 ? 121  SER A CB  1 
ATOM   971  O OG  . SER A 1 121 ? -14.411 -24.786 -34.583 1.00 57.56 ? 121  SER A OG  1 
ATOM   972  N N   . ASN A 1 122 ? -12.908 -25.947 -30.752 1.00 53.43 ? 122  ASN A N   1 
ATOM   973  C CA  . ASN A 1 122 ? -11.543 -26.129 -30.261 1.00 52.92 ? 122  ASN A CA  1 
ATOM   974  C C   . ASN A 1 122 ? -10.958 -25.066 -29.336 1.00 50.68 ? 122  ASN A C   1 
ATOM   975  O O   . ASN A 1 122 ? -10.016 -25.346 -28.594 1.00 47.83 ? 122  ASN A O   1 
ATOM   976  C CB  . ASN A 1 122 ? -10.594 -26.324 -31.447 1.00 55.96 ? 122  ASN A CB  1 
ATOM   977  C CG  . ASN A 1 122 ? -10.677 -27.717 -32.038 1.00 58.77 ? 122  ASN A CG  1 
ATOM   978  O OD1 . ASN A 1 122 ? -10.205 -27.961 -33.149 1.00 61.84 ? 122  ASN A OD1 1 
ATOM   979  N ND2 . ASN A 1 122 ? -11.268 -28.643 -31.290 1.00 57.12 ? 122  ASN A ND2 1 
ATOM   980  N N   . ILE A 1 123 ? -11.525 -23.864 -29.360 1.00 48.81 ? 123  ILE A N   1 
ATOM   981  C CA  . ILE A 1 123 ? -11.012 -22.765 -28.546 1.00 44.44 ? 123  ILE A CA  1 
ATOM   982  C C   . ILE A 1 123 ? -11.458 -22.716 -27.093 1.00 43.78 ? 123  ILE A C   1 
ATOM   983  O O   . ILE A 1 123 ? -12.652 -22.658 -26.793 1.00 43.88 ? 123  ILE A O   1 
ATOM   984  C CB  . ILE A 1 123 ? -11.344 -21.399 -29.180 1.00 40.71 ? 123  ILE A CB  1 
ATOM   985  C CG1 . ILE A 1 123 ? -10.902 -21.366 -30.648 1.00 37.47 ? 123  ILE A CG1 1 
ATOM   986  C CG2 . ILE A 1 123 ? -10.664 -20.296 -28.399 1.00 39.33 ? 123  ILE A CG2 1 
ATOM   987  C CD1 . ILE A 1 123 ? -9.457  -21.777 -30.877 1.00 36.60 ? 123  ILE A CD1 1 
ATOM   988  N N   . ARG A 1 124 ? -10.469 -22.723 -26.201 1.00 42.10 ? 124  ARG A N   1 
ATOM   989  C CA  . ARG A 1 124 ? -10.695 -22.642 -24.763 1.00 39.71 ? 124  ARG A CA  1 
ATOM   990  C C   . ARG A 1 124 ? -10.147 -21.300 -24.266 1.00 39.82 ? 124  ARG A C   1 
ATOM   991  O O   . ARG A 1 124 ? -9.126  -20.815 -24.753 1.00 41.25 ? 124  ARG A O   1 
ATOM   992  C CB  . ARG A 1 124 ? -9.988  -23.790 -24.048 1.00 36.46 ? 124  ARG A CB  1 
ATOM   993  C CG  . ARG A 1 124 ? -10.208 -23.801 -22.549 1.00 36.94 ? 124  ARG A CG  1 
ATOM   994  C CD  . ARG A 1 124 ? -9.864  -25.157 -21.963 1.00 37.45 ? 124  ARG A CD  1 
ATOM   995  N NE  . ARG A 1 124 ? -10.874 -26.152 -22.322 1.00 36.68 ? 124  ARG A NE  1 
ATOM   996  C CZ  . ARG A 1 124 ? -11.816 -26.592 -21.494 1.00 35.53 ? 124  ARG A CZ  1 
ATOM   997  N NH1 . ARG A 1 124 ? -11.872 -26.136 -20.255 1.00 32.95 ? 124  ARG A NH1 1 
ATOM   998  N NH2 . ARG A 1 124 ? -12.720 -27.469 -21.913 1.00 36.45 ? 124  ARG A NH2 1 
ATOM   999  N N   . ARG A 1 125 ? -10.828 -20.697 -23.301 1.00 38.15 ? 125  ARG A N   1 
ATOM   1000 C CA  . ARG A 1 125 ? -10.406 -19.403 -22.778 1.00 35.40 ? 125  ARG A CA  1 
ATOM   1001 C C   . ARG A 1 125 ? -9.943  -19.446 -21.323 1.00 33.85 ? 125  ARG A C   1 
ATOM   1002 O O   . ARG A 1 125 ? -10.541 -20.129 -20.500 1.00 33.72 ? 125  ARG A O   1 
ATOM   1003 C CB  . ARG A 1 125 ? -11.561 -18.408 -22.909 1.00 34.16 ? 125  ARG A CB  1 
ATOM   1004 C CG  . ARG A 1 125 ? -11.293 -17.080 -22.256 1.00 33.61 ? 125  ARG A CG  1 
ATOM   1005 C CD  . ARG A 1 125 ? -12.231 -16.031 -22.789 1.00 37.85 ? 125  ARG A CD  1 
ATOM   1006 N NE  . ARG A 1 125 ? -12.290 -16.050 -24.251 1.00 39.86 ? 125  ARG A NE  1 
ATOM   1007 C CZ  . ARG A 1 125 ? -12.784 -15.062 -24.993 1.00 40.66 ? 125  ARG A CZ  1 
ATOM   1008 N NH1 . ARG A 1 125 ? -13.262 -13.972 -24.415 1.00 40.00 ? 125  ARG A NH1 1 
ATOM   1009 N NH2 . ARG A 1 125 ? -12.794 -15.149 -26.315 1.00 42.70 ? 125  ARG A NH2 1 
ATOM   1010 N N   . ILE A 1 126 ? -8.873  -18.723 -21.008 1.00 30.92 ? 126  ILE A N   1 
ATOM   1011 C CA  . ILE A 1 126 ? -8.393  -18.680 -19.638 1.00 30.90 ? 126  ILE A CA  1 
ATOM   1012 C C   . ILE A 1 126 ? -8.295  -17.254 -19.145 1.00 31.12 ? 126  ILE A C   1 
ATOM   1013 O O   . ILE A 1 126 ? -7.898  -16.356 -19.878 1.00 29.55 ? 126  ILE A O   1 
ATOM   1014 C CB  . ILE A 1 126 ? -7.007  -19.341 -19.461 1.00 32.02 ? 126  ILE A CB  1 
ATOM   1015 C CG1 . ILE A 1 126 ? -6.062  -18.889 -20.569 1.00 29.14 ? 126  ILE A CG1 1 
ATOM   1016 C CG2 . ILE A 1 126 ? -7.148  -20.853 -19.414 1.00 33.29 ? 126  ILE A CG2 1 
ATOM   1017 C CD1 . ILE A 1 126 ? -4.722  -19.563 -20.502 1.00 27.34 ? 126  ILE A CD1 1 
ATOM   1018 N N   . ILE A 1 127 ? -8.672  -17.051 -17.891 1.00 31.40 ? 127  ILE A N   1 
ATOM   1019 C CA  . ILE A 1 127 ? -8.605  -15.733 -17.303 1.00 31.21 ? 127  ILE A CA  1 
ATOM   1020 C C   . ILE A 1 127 ? -7.734  -15.744 -16.050 1.00 33.19 ? 127  ILE A C   1 
ATOM   1021 O O   . ILE A 1 127 ? -7.975  -16.492 -15.114 1.00 36.27 ? 127  ILE A O   1 
ATOM   1022 C CB  . ILE A 1 127 ? -10.000 -15.211 -16.964 1.00 28.46 ? 127  ILE A CB  1 
ATOM   1023 C CG1 . ILE A 1 127 ? -10.756 -14.925 -18.256 1.00 26.30 ? 127  ILE A CG1 1 
ATOM   1024 C CG2 . ILE A 1 127 ? -9.899  -13.957 -16.114 1.00 26.10 ? 127  ILE A CG2 1 
ATOM   1025 C CD1 . ILE A 1 127 ? -12.190 -14.537 -18.026 1.00 28.24 ? 127  ILE A CD1 1 
ATOM   1026 N N   . CYS A 1 128 ? -6.705  -14.907 -16.071 1.00 32.67 ? 128  CYS A N   1 
ATOM   1027 C CA  . CYS A 1 128 ? -5.769  -14.762 -14.980 1.00 29.12 ? 128  CYS A CA  1 
ATOM   1028 C C   . CYS A 1 128 ? -6.061  -13.427 -14.323 1.00 26.65 ? 128  CYS A C   1 
ATOM   1029 O O   . CYS A 1 128 ? -6.022  -12.397 -14.970 1.00 27.91 ? 128  CYS A O   1 
ATOM   1030 C CB  . CYS A 1 128 ? -4.342  -14.775 -15.540 1.00 29.25 ? 128  CYS A CB  1 
ATOM   1031 S SG  . CYS A 1 128 ? -3.011  -14.282 -14.401 1.00 29.65 ? 128  CYS A SG  1 
ATOM   1032 N N   . SER A 1 129 ? -6.380  -13.441 -13.043 1.00 24.68 ? 129  SER A N   1 
ATOM   1033 C CA  . SER A 1 129 ? -6.639  -12.199 -12.346 1.00 25.71 ? 129  SER A CA  1 
ATOM   1034 C C   . SER A 1 129 ? -6.045  -12.262 -10.942 1.00 27.03 ? 129  SER A C   1 
ATOM   1035 O O   . SER A 1 129 ? -5.842  -13.341 -10.384 1.00 28.55 ? 129  SER A O   1 
ATOM   1036 C CB  . SER A 1 129 ? -8.149  -11.930 -12.280 1.00 26.80 ? 129  SER A CB  1 
ATOM   1037 O OG  . SER A 1 129 ? -8.845  -13.031 -11.728 1.00 29.21 ? 129  SER A OG  1 
ATOM   1038 N N   . THR A 1 130 ? -5.728  -11.094 -10.399 1.00 25.15 ? 130  THR A N   1 
ATOM   1039 C CA  . THR A 1 130 ? -5.181  -10.974 -9.057  1.00 24.61 ? 130  THR A CA  1 
ATOM   1040 C C   . THR A 1 130 ? -5.406  -9.527  -8.635  1.00 24.40 ? 130  THR A C   1 
ATOM   1041 O O   . THR A 1 130 ? -5.680  -8.677  -9.484  1.00 25.22 ? 130  THR A O   1 
ATOM   1042 C CB  . THR A 1 130 ? -3.693  -11.278 -9.025  1.00 26.08 ? 130  THR A CB  1 
ATOM   1043 O OG1 . THR A 1 130 ? -3.181  -10.949 -7.725  1.00 27.60 ? 130  THR A OG1 1 
ATOM   1044 C CG2 . THR A 1 130 ? -2.968  -10.467 -10.093 1.00 28.11 ? 130  THR A CG2 1 
ATOM   1045 N N   . SER A 1 131 ? -5.296  -9.231  -7.344  1.00 21.59 ? 131  SER A N   1 
ATOM   1046 C CA  . SER A 1 131 ? -5.540  -7.864  -6.903  1.00 23.31 ? 131  SER A CA  1 
ATOM   1047 C C   . SER A 1 131 ? -5.165  -7.571  -5.458  1.00 25.45 ? 131  SER A C   1 
ATOM   1048 O O   . SER A 1 131 ? -4.893  -8.479  -4.675  1.00 27.96 ? 131  SER A O   1 
ATOM   1049 C CB  . SER A 1 131 ? -7.013  -7.503  -7.112  1.00 23.49 ? 131  SER A CB  1 
ATOM   1050 O OG  . SER A 1 131 ? -7.865  -8.333  -6.346  1.00 16.90 ? 131  SER A OG  1 
ATOM   1051 N N   . GLY A 1 132 ? -5.169  -6.289  -5.116  1.00 25.10 ? 132  GLY A N   1 
ATOM   1052 C CA  . GLY A 1 132 ? -4.804  -5.878  -3.779  1.00 24.44 ? 132  GLY A CA  1 
ATOM   1053 C C   . GLY A 1 132 ? -3.327  -5.571  -3.767  1.00 26.75 ? 132  GLY A C   1 
ATOM   1054 O O   . GLY A 1 132 ? -2.703  -5.530  -2.708  1.00 27.63 ? 132  GLY A O   1 
ATOM   1055 N N   . GLY A 1 133 ? -2.763  -5.359  -4.957  1.00 29.16 ? 133  GLY A N   1 
ATOM   1056 C CA  . GLY A 1 133 ? -1.347  -5.049  -5.061  1.00 31.67 ? 133  GLY A CA  1 
ATOM   1057 C C   . GLY A 1 133 ? -0.980  -3.620  -5.445  1.00 31.35 ? 133  GLY A C   1 
ATOM   1058 O O   . GLY A 1 133 ? -1.845  -2.810  -5.761  1.00 31.58 ? 133  GLY A O   1 
ATOM   1059 N N   . PHE A 1 134 ? 0.319   -3.322  -5.407  1.00 30.98 ? 134  PHE A N   1 
ATOM   1060 C CA  . PHE A 1 134 ? 0.859   -2.006  -5.768  1.00 28.38 ? 134  PHE A CA  1 
ATOM   1061 C C   . PHE A 1 134 ? 2.380   -2.120  -6.000  1.00 28.64 ? 134  PHE A C   1 
ATOM   1062 O O   . PHE A 1 134 ? 3.079   -2.860  -5.286  1.00 27.11 ? 134  PHE A O   1 
ATOM   1063 C CB  . PHE A 1 134 ? 0.578   -1.002  -4.651  1.00 27.86 ? 134  PHE A CB  1 
ATOM   1064 C CG  . PHE A 1 134 ? 0.912   0.412   -5.011  1.00 26.71 ? 134  PHE A CG  1 
ATOM   1065 C CD1 . PHE A 1 134 ? 0.068   1.153   -5.831  1.00 27.43 ? 134  PHE A CD1 1 
ATOM   1066 C CD2 . PHE A 1 134 ? 2.074   1.006   -4.536  1.00 26.05 ? 134  PHE A CD2 1 
ATOM   1067 C CE1 . PHE A 1 134 ? 0.382   2.468   -6.168  1.00 26.40 ? 134  PHE A CE1 1 
ATOM   1068 C CE2 . PHE A 1 134 ? 2.398   2.318   -4.866  1.00 22.63 ? 134  PHE A CE2 1 
ATOM   1069 C CZ  . PHE A 1 134 ? 1.555   3.049   -5.678  1.00 24.66 ? 134  PHE A CZ  1 
ATOM   1070 N N   . PRO A 1 135 ? 2.921   -1.370  -6.979  1.00 28.20 ? 135  PRO A N   1 
ATOM   1071 C CA  . PRO A 1 135 ? 2.289   -0.416  -7.900  1.00 28.06 ? 135  PRO A CA  1 
ATOM   1072 C C   . PRO A 1 135 ? 1.463   -1.049  -9.015  1.00 29.75 ? 135  PRO A C   1 
ATOM   1073 O O   . PRO A 1 135 ? 1.119   -2.232  -8.962  1.00 29.54 ? 135  PRO A O   1 
ATOM   1074 C CB  . PRO A 1 135 ? 3.476   0.352   -8.452  1.00 24.84 ? 135  PRO A CB  1 
ATOM   1075 C CG  . PRO A 1 135 ? 4.499   -0.737  -8.571  1.00 25.64 ? 135  PRO A CG  1 
ATOM   1076 C CD  . PRO A 1 135 ? 4.370   -1.449  -7.248  1.00 27.73 ? 135  PRO A CD  1 
ATOM   1077 N N   . GLU A 1 136 ? 1.162   -0.245  -10.033 1.00 28.42 ? 136  GLU A N   1 
ATOM   1078 C CA  . GLU A 1 136 ? 0.374   -0.716  -11.158 1.00 27.19 ? 136  GLU A CA  1 
ATOM   1079 C C   . GLU A 1 136 ? 1.035   -1.950  -11.761 1.00 27.59 ? 136  GLU A C   1 
ATOM   1080 O O   . GLU A 1 136 ? 2.225   -1.944  -12.072 1.00 28.30 ? 136  GLU A O   1 
ATOM   1081 C CB  . GLU A 1 136 ? 0.246   0.382   -12.214 1.00 27.22 ? 136  GLU A CB  1 
ATOM   1082 C CG  . GLU A 1 136 ? -0.735  0.063   -13.330 1.00 28.42 ? 136  GLU A CG  1 
ATOM   1083 C CD  . GLU A 1 136 ? -0.318  0.633   -14.670 1.00 31.18 ? 136  GLU A CD  1 
ATOM   1084 O OE1 . GLU A 1 136 ? -0.006  1.841   -14.751 1.00 33.11 ? 136  GLU A OE1 1 
ATOM   1085 O OE2 . GLU A 1 136 ? -0.314  -0.136  -15.649 1.00 32.50 ? 136  GLU A OE2 1 
ATOM   1086 N N   . PRO A 1 137 ? 0.257   -3.027  -11.927 1.00 28.95 ? 137  PRO A N   1 
ATOM   1087 C CA  . PRO A 1 137 ? 0.640   -4.334  -12.477 1.00 30.27 ? 137  PRO A CA  1 
ATOM   1088 C C   . PRO A 1 137 ? 0.715   -4.440  -13.999 1.00 31.40 ? 137  PRO A C   1 
ATOM   1089 O O   . PRO A 1 137 ? 0.020   -3.731  -14.721 1.00 34.35 ? 137  PRO A O   1 
ATOM   1090 C CB  . PRO A 1 137 ? -0.428  -5.253  -11.911 1.00 27.91 ? 137  PRO A CB  1 
ATOM   1091 C CG  . PRO A 1 137 ? -1.629  -4.364  -11.947 1.00 29.97 ? 137  PRO A CG  1 
ATOM   1092 C CD  . PRO A 1 137 ? -1.113  -3.075  -11.388 1.00 30.90 ? 137  PRO A CD  1 
ATOM   1093 N N   . HIS A 1 138 ? 1.570   -5.335  -14.477 1.00 30.22 ? 138  HIS A N   1 
ATOM   1094 C CA  . HIS A 1 138 ? 1.715   -5.560  -15.903 1.00 31.99 ? 138  HIS A CA  1 
ATOM   1095 C C   . HIS A 1 138 ? 1.635   -7.050  -16.169 1.00 32.17 ? 138  HIS A C   1 
ATOM   1096 O O   . HIS A 1 138 ? 2.508   -7.821  -15.780 1.00 31.26 ? 138  HIS A O   1 
ATOM   1097 C CB  . HIS A 1 138 ? 3.021   -4.961  -16.414 1.00 34.29 ? 138  HIS A CB  1 
ATOM   1098 C CG  . HIS A 1 138 ? 3.015   -3.466  -16.431 1.00 37.19 ? 138  HIS A CG  1 
ATOM   1099 N ND1 . HIS A 1 138 ? 3.225   -2.705  -15.300 1.00 37.98 ? 138  HIS A ND1 1 
ATOM   1100 C CD2 . HIS A 1 138 ? 2.761   -2.588  -17.431 1.00 39.42 ? 138  HIS A CD2 1 
ATOM   1101 C CE1 . HIS A 1 138 ? 3.103   -1.424  -15.604 1.00 41.33 ? 138  HIS A CE1 1 
ATOM   1102 N NE2 . HIS A 1 138 ? 2.822   -1.326  -16.891 1.00 40.98 ? 138  HIS A NE2 1 
ATOM   1103 N N   . LEU A 1 139 ? 0.558   -7.442  -16.835 1.00 31.81 ? 139  LEU A N   1 
ATOM   1104 C CA  . LEU A 1 139 ? 0.300   -8.837  -17.115 1.00 32.83 ? 139  LEU A CA  1 
ATOM   1105 C C   . LEU A 1 139 ? 0.731   -9.258  -18.515 1.00 34.03 ? 139  LEU A C   1 
ATOM   1106 O O   . LEU A 1 139 ? 0.555   -8.525  -19.487 1.00 34.16 ? 139  LEU A O   1 
ATOM   1107 C CB  . LEU A 1 139 ? -1.187  -9.109  -16.866 1.00 30.12 ? 139  LEU A CB  1 
ATOM   1108 C CG  . LEU A 1 139 ? -1.720  -10.531 -16.865 1.00 28.80 ? 139  LEU A CG  1 
ATOM   1109 C CD1 . LEU A 1 139 ? -3.004  -10.539 -16.091 1.00 28.23 ? 139  LEU A CD1 1 
ATOM   1110 C CD2 . LEU A 1 139 ? -1.940  -11.031 -18.291 1.00 29.96 ? 139  LEU A CD2 1 
ATOM   1111 N N   . SER A 1 140 ? 1.315   -10.447 -18.598 1.00 34.34 ? 140  SER A N   1 
ATOM   1112 C CA  . SER A 1 140 ? 1.798   -10.984 -19.859 1.00 34.44 ? 140  SER A CA  1 
ATOM   1113 C C   . SER A 1 140 ? 1.653   -12.497 -19.865 1.00 32.66 ? 140  SER A C   1 
ATOM   1114 O O   . SER A 1 140 ? 1.890   -13.150 -18.855 1.00 31.84 ? 140  SER A O   1 
ATOM   1115 C CB  . SER A 1 140 ? 3.272   -10.604 -20.066 1.00 37.62 ? 140  SER A CB  1 
ATOM   1116 O OG  . SER A 1 140 ? 4.095   -11.070 -19.001 1.00 38.74 ? 140  SER A OG  1 
ATOM   1117 N N   . TRP A 1 141 ? 1.251   -13.043 -21.007 1.00 31.44 ? 141  TRP A N   1 
ATOM   1118 C CA  . TRP A 1 141 ? 1.082   -14.475 -21.157 1.00 29.60 ? 141  TRP A CA  1 
ATOM   1119 C C   . TRP A 1 141 ? 2.320   -15.069 -21.808 1.00 30.99 ? 141  TRP A C   1 
ATOM   1120 O O   . TRP A 1 141 ? 2.868   -14.511 -22.751 1.00 29.32 ? 141  TRP A O   1 
ATOM   1121 C CB  . TRP A 1 141 ? -0.143  -14.775 -22.008 1.00 28.01 ? 141  TRP A CB  1 
ATOM   1122 C CG  . TRP A 1 141 ? -1.398  -14.342 -21.362 1.00 32.84 ? 141  TRP A CG  1 
ATOM   1123 C CD1 . TRP A 1 141 ? -2.026  -13.134 -21.490 1.00 34.62 ? 141  TRP A CD1 1 
ATOM   1124 C CD2 . TRP A 1 141 ? -2.207  -15.127 -20.478 1.00 34.53 ? 141  TRP A CD2 1 
ATOM   1125 N NE1 . TRP A 1 141 ? -3.185  -13.121 -20.745 1.00 35.47 ? 141  TRP A NE1 1 
ATOM   1126 C CE2 . TRP A 1 141 ? -3.323  -14.330 -20.118 1.00 35.54 ? 141  TRP A CE2 1 
ATOM   1127 C CE3 . TRP A 1 141 ? -2.102  -16.426 -19.960 1.00 32.41 ? 141  TRP A CE3 1 
ATOM   1128 C CZ2 . TRP A 1 141 ? -4.323  -14.797 -19.265 1.00 35.92 ? 141  TRP A CZ2 1 
ATOM   1129 C CZ3 . TRP A 1 141 ? -3.099  -16.886 -19.114 1.00 33.38 ? 141  TRP A CZ3 1 
ATOM   1130 C CH2 . TRP A 1 141 ? -4.196  -16.074 -18.777 1.00 36.01 ? 141  TRP A CH2 1 
ATOM   1131 N N   . LEU A 1 142 ? 2.760   -16.207 -21.293 1.00 32.51 ? 142  LEU A N   1 
ATOM   1132 C CA  . LEU A 1 142 ? 3.936   -16.860 -21.818 1.00 33.53 ? 142  LEU A CA  1 
ATOM   1133 C C   . LEU A 1 142 ? 3.655   -18.262 -22.348 1.00 37.31 ? 142  LEU A C   1 
ATOM   1134 O O   . LEU A 1 142 ? 2.848   -19.018 -21.789 1.00 38.60 ? 142  LEU A O   1 
ATOM   1135 C CB  . LEU A 1 142 ? 4.998   -16.936 -20.726 1.00 31.55 ? 142  LEU A CB  1 
ATOM   1136 C CG  . LEU A 1 142 ? 5.564   -15.608 -20.235 1.00 31.21 ? 142  LEU A CG  1 
ATOM   1137 C CD1 . LEU A 1 142 ? 6.504   -15.839 -19.073 1.00 31.87 ? 142  LEU A CD1 1 
ATOM   1138 C CD2 . LEU A 1 142 ? 6.314   -14.932 -21.359 1.00 32.46 ? 142  LEU A CD2 1 
ATOM   1139 N N   . GLU A 1 143 ? 4.327   -18.593 -23.442 1.00 39.39 ? 143  GLU A N   1 
ATOM   1140 C CA  . GLU A 1 143 ? 4.234   -19.914 -24.049 1.00 41.30 ? 143  GLU A CA  1 
ATOM   1141 C C   . GLU A 1 143 ? 5.587   -20.219 -24.665 1.00 42.84 ? 143  GLU A C   1 
ATOM   1142 O O   . GLU A 1 143 ? 5.957   -19.651 -25.699 1.00 43.00 ? 143  GLU A O   1 
ATOM   1143 C CB  . GLU A 1 143 ? 3.158   -19.973 -25.131 1.00 40.78 ? 143  GLU A CB  1 
ATOM   1144 C CG  . GLU A 1 143 ? 3.225   -21.246 -25.958 1.00 39.56 ? 143  GLU A CG  1 
ATOM   1145 C CD  . GLU A 1 143 ? 1.862   -21.840 -26.220 1.00 41.95 ? 143  GLU A CD  1 
ATOM   1146 O OE1 . GLU A 1 143 ? 0.997   -21.122 -26.771 1.00 42.94 ? 143  GLU A OE1 1 
ATOM   1147 O OE2 . GLU A 1 143 ? 1.652   -23.026 -25.873 1.00 42.46 ? 143  GLU A OE2 1 
ATOM   1148 N N   . ASN A 1 144 ? 6.324   -21.110 -24.015 1.00 43.96 ? 144  ASN A N   1 
ATOM   1149 C CA  . ASN A 1 144 ? 7.643   -21.483 -24.493 1.00 46.35 ? 144  ASN A CA  1 
ATOM   1150 C C   . ASN A 1 144 ? 8.541   -20.262 -24.470 1.00 45.10 ? 144  ASN A C   1 
ATOM   1151 O O   . ASN A 1 144 ? 9.172   -19.949 -25.478 1.00 44.90 ? 144  ASN A O   1 
ATOM   1152 C CB  . ASN A 1 144 ? 7.565   -22.010 -25.928 1.00 50.85 ? 144  ASN A CB  1 
ATOM   1153 C CG  . ASN A 1 144 ? 8.924   -22.434 -26.460 1.00 55.78 ? 144  ASN A CG  1 
ATOM   1154 O OD1 . ASN A 1 144 ? 9.470   -23.454 -26.033 1.00 57.51 ? 144  ASN A OD1 1 
ATOM   1155 N ND2 . ASN A 1 144 ? 9.488   -21.644 -27.386 1.00 55.48 ? 144  ASN A ND2 1 
ATOM   1156 N N   . GLY A 1 145 ? 8.596   -19.580 -23.330 1.00 45.05 ? 145  GLY A N   1 
ATOM   1157 C CA  . GLY A 1 145 ? 9.424   -18.389 -23.214 1.00 47.39 ? 145  GLY A CA  1 
ATOM   1158 C C   . GLY A 1 145 ? 9.140   -17.385 -24.321 1.00 49.37 ? 145  GLY A C   1 
ATOM   1159 O O   . GLY A 1 145 ? 10.047  -16.688 -24.794 1.00 49.14 ? 145  GLY A O   1 
ATOM   1160 N N   . GLU A 1 146 ? 7.871   -17.325 -24.730 1.00 50.08 ? 146  GLU A N   1 
ATOM   1161 C CA  . GLU A 1 146 ? 7.412   -16.425 -25.780 1.00 49.66 ? 146  GLU A CA  1 
ATOM   1162 C C   . GLU A 1 146 ? 6.193   -15.678 -25.254 1.00 47.98 ? 146  GLU A C   1 
ATOM   1163 O O   . GLU A 1 146 ? 5.332   -16.286 -24.615 1.00 47.96 ? 146  GLU A O   1 
ATOM   1164 C CB  . GLU A 1 146 ? 7.031   -17.236 -27.020 1.00 52.79 ? 146  GLU A CB  1 
ATOM   1165 C CG  . GLU A 1 146 ? 7.660   -16.728 -28.312 1.00 59.92 ? 146  GLU A CG  1 
ATOM   1166 C CD  . GLU A 1 146 ? 9.177   -16.878 -28.329 1.00 62.70 ? 146  GLU A CD  1 
ATOM   1167 O OE1 . GLU A 1 146 ? 9.673   -17.980 -28.662 1.00 63.85 ? 146  GLU A OE1 1 
ATOM   1168 O OE2 . GLU A 1 146 ? 9.875   -15.892 -27.998 1.00 65.07 ? 146  GLU A OE2 1 
ATOM   1169 N N   . GLU A 1 147 ? 6.126   -14.372 -25.518 1.00 45.58 ? 147  GLU A N   1 
ATOM   1170 C CA  . GLU A 1 147 ? 5.008   -13.547 -25.052 1.00 44.40 ? 147  GLU A CA  1 
ATOM   1171 C C   . GLU A 1 147 ? 3.838   -13.484 -26.011 1.00 41.82 ? 147  GLU A C   1 
ATOM   1172 O O   . GLU A 1 147 ? 3.896   -12.795 -27.024 1.00 42.98 ? 147  GLU A O   1 
ATOM   1173 C CB  . GLU A 1 147 ? 5.454   -12.117 -24.794 1.00 46.86 ? 147  GLU A CB  1 
ATOM   1174 C CG  . GLU A 1 147 ? 6.534   -11.975 -23.769 1.00 53.33 ? 147  GLU A CG  1 
ATOM   1175 C CD  . GLU A 1 147 ? 6.867   -10.524 -23.506 1.00 58.46 ? 147  GLU A CD  1 
ATOM   1176 O OE1 . GLU A 1 147 ? 6.019   -9.811  -22.912 1.00 61.27 ? 147  GLU A OE1 1 
ATOM   1177 O OE2 . GLU A 1 147 ? 7.971   -10.090 -23.909 1.00 60.10 ? 147  GLU A OE2 1 
ATOM   1178 N N   . LEU A 1 148 ? 2.761   -14.176 -25.668 1.00 38.33 ? 148  LEU A N   1 
ATOM   1179 C CA  . LEU A 1 148 ? 1.568   -14.194 -26.494 1.00 34.93 ? 148  LEU A CA  1 
ATOM   1180 C C   . LEU A 1 148 ? 0.797   -12.890 -26.326 1.00 31.83 ? 148  LEU A C   1 
ATOM   1181 O O   . LEU A 1 148 ? 0.995   -12.169 -25.356 1.00 30.43 ? 148  LEU A O   1 
ATOM   1182 C CB  . LEU A 1 148 ? 0.683   -15.371 -26.086 1.00 36.13 ? 148  LEU A CB  1 
ATOM   1183 C CG  . LEU A 1 148 ? 1.466   -16.669 -25.916 1.00 35.35 ? 148  LEU A CG  1 
ATOM   1184 C CD1 . LEU A 1 148 ? 0.558   -17.774 -25.400 1.00 35.08 ? 148  LEU A CD1 1 
ATOM   1185 C CD2 . LEU A 1 148 ? 2.103   -17.027 -27.243 1.00 35.17 ? 148  LEU A CD2 1 
ATOM   1186 N N   . ASN A 1 149 ? -0.081  -12.598 -27.279 1.00 31.33 ? 149  ASN A N   1 
ATOM   1187 C CA  . ASN A 1 149 ? -0.900  -11.392 -27.232 1.00 29.28 ? 149  ASN A CA  1 
ATOM   1188 C C   . ASN A 1 149 ? -2.138  -11.689 -26.431 1.00 27.26 ? 149  ASN A C   1 
ATOM   1189 O O   . ASN A 1 149 ? -2.723  -12.754 -26.581 1.00 26.39 ? 149  ASN A O   1 
ATOM   1190 C CB  . ASN A 1 149 ? -1.343  -10.962 -28.630 1.00 29.68 ? 149  ASN A CB  1 
ATOM   1191 C CG  . ASN A 1 149 ? -0.210  -10.435 -29.469 1.00 28.58 ? 149  ASN A CG  1 
ATOM   1192 O OD1 . ASN A 1 149 ? 0.451   -9.447  -29.121 1.00 28.05 ? 149  ASN A OD1 1 
ATOM   1193 N ND2 . ASN A 1 149 ? 0.020   -11.091 -30.593 1.00 29.10 ? 149  ASN A ND2 1 
ATOM   1194 N N   . ALA A 1 150 ? -2.542  -10.731 -25.602 1.00 27.09 ? 150  ALA A N   1 
ATOM   1195 C CA  . ALA A 1 150 ? -3.724  -10.869 -24.758 1.00 27.32 ? 150  ALA A CA  1 
ATOM   1196 C C   . ALA A 1 150 ? -5.010  -10.446 -25.462 1.00 27.84 ? 150  ALA A C   1 
ATOM   1197 O O   . ALA A 1 150 ? -5.048  -9.436  -26.165 1.00 26.03 ? 150  ALA A O   1 
ATOM   1198 C CB  . ALA A 1 150 ? -3.544  -10.055 -23.490 1.00 24.08 ? 150  ALA A CB  1 
ATOM   1199 N N   . ILE A 1 151 ? -6.062  -11.231 -25.256 1.00 30.13 ? 151  ILE A N   1 
ATOM   1200 C CA  . ILE A 1 151 ? -7.377  -10.959 -25.832 1.00 32.58 ? 151  ILE A CA  1 
ATOM   1201 C C   . ILE A 1 151 ? -8.012  -9.713  -25.197 1.00 35.57 ? 151  ILE A C   1 
ATOM   1202 O O   . ILE A 1 151 ? -8.497  -8.829  -25.903 1.00 38.03 ? 151  ILE A O   1 
ATOM   1203 C CB  . ILE A 1 151 ? -8.322  -12.150 -25.597 1.00 31.70 ? 151  ILE A CB  1 
ATOM   1204 C CG1 . ILE A 1 151 ? -7.685  -13.423 -26.144 1.00 34.06 ? 151  ILE A CG1 1 
ATOM   1205 C CG2 . ILE A 1 151 ? -9.665  -11.897 -26.231 1.00 30.43 ? 151  ILE A CG2 1 
ATOM   1206 C CD1 . ILE A 1 151 ? -7.200  -13.298 -27.569 1.00 38.24 ? 151  ILE A CD1 1 
ATOM   1207 N N   . ASN A 1 152 ? -7.991  -9.650  -23.865 1.00 34.70 ? 152  ASN A N   1 
ATOM   1208 C CA  . ASN A 1 152 ? -8.578  -8.542  -23.105 1.00 33.11 ? 152  ASN A CA  1 
ATOM   1209 C C   . ASN A 1 152 ? -7.774  -8.361  -21.800 1.00 32.78 ? 152  ASN A C   1 
ATOM   1210 O O   . ASN A 1 152 ? -7.402  -9.344  -21.165 1.00 35.13 ? 152  ASN A O   1 
ATOM   1211 C CB  . ASN A 1 152 ? -10.038 -8.903  -22.784 1.00 33.10 ? 152  ASN A CB  1 
ATOM   1212 C CG  . ASN A 1 152 ? -10.798 -7.794  -22.078 1.00 35.03 ? 152  ASN A CG  1 
ATOM   1213 O OD1 . ASN A 1 152 ? -10.246 -7.062  -21.265 1.00 39.73 ? 152  ASN A OD1 1 
ATOM   1214 N ND2 . ASN A 1 152 ? -12.092 -7.693  -22.372 1.00 36.59 ? 152  ASN A ND2 1 
ATOM   1215 N N   . THR A 1 153 ? -7.480  -7.124  -21.404 1.00 27.45 ? 153  THR A N   1 
ATOM   1216 C CA  . THR A 1 153 ? -6.768  -6.911  -20.156 1.00 26.94 ? 153  THR A CA  1 
ATOM   1217 C C   . THR A 1 153 ? -7.156  -5.611  -19.496 1.00 29.01 ? 153  THR A C   1 
ATOM   1218 O O   . THR A 1 153 ? -6.753  -4.535  -19.926 1.00 31.85 ? 153  THR A O   1 
ATOM   1219 C CB  . THR A 1 153 ? -5.251  -6.909  -20.328 1.00 26.05 ? 153  THR A CB  1 
ATOM   1220 O OG1 . THR A 1 153 ? -4.861  -8.096  -21.009 1.00 32.91 ? 153  THR A OG1 1 
ATOM   1221 C CG2 . THR A 1 153 ? -4.557  -6.905  -18.967 1.00 20.95 ? 153  THR A CG2 1 
ATOM   1222 N N   . THR A 1 154 ? -7.929  -5.722  -18.426 1.00 29.10 ? 154  THR A N   1 
ATOM   1223 C CA  . THR A 1 154 ? -8.381  -4.563  -17.682 1.00 27.95 ? 154  THR A CA  1 
ATOM   1224 C C   . THR A 1 154 ? -7.466  -4.361  -16.490 1.00 27.84 ? 154  THR A C   1 
ATOM   1225 O O   . THR A 1 154 ? -6.945  -5.323  -15.942 1.00 30.27 ? 154  THR A O   1 
ATOM   1226 C CB  . THR A 1 154 ? -9.815  -4.773  -17.196 1.00 27.48 ? 154  THR A CB  1 
ATOM   1227 O OG1 . THR A 1 154 ? -10.258 -6.075  -17.594 1.00 31.75 ? 154  THR A OG1 1 
ATOM   1228 C CG2 . THR A 1 154 ? -10.732 -3.741  -17.789 1.00 23.55 ? 154  THR A CG2 1 
ATOM   1229 N N   . VAL A 1 155 ? -7.273  -3.105  -16.100 1.00 26.90 ? 155  VAL A N   1 
ATOM   1230 C CA  . VAL A 1 155 ? -6.428  -2.745  -14.964 1.00 25.99 ? 155  VAL A CA  1 
ATOM   1231 C C   . VAL A 1 155 ? -6.975  -1.469  -14.331 1.00 28.03 ? 155  VAL A C   1 
ATOM   1232 O O   . VAL A 1 155 ? -7.029  -0.425  -14.976 1.00 31.50 ? 155  VAL A O   1 
ATOM   1233 C CB  . VAL A 1 155 ? -4.964  -2.521  -15.419 1.00 24.22 ? 155  VAL A CB  1 
ATOM   1234 C CG1 . VAL A 1 155 ? -4.259  -1.527  -14.514 1.00 24.54 ? 155  VAL A CG1 1 
ATOM   1235 C CG2 . VAL A 1 155 ? -4.228  -3.839  -15.388 1.00 25.07 ? 155  VAL A CG2 1 
ATOM   1236 N N   . SER A 1 156 ? -7.397  -1.538  -13.074 1.00 28.52 ? 156  SER A N   1 
ATOM   1237 C CA  . SER A 1 156 ? -7.938  -0.335  -12.439 1.00 30.14 ? 156  SER A CA  1 
ATOM   1238 C C   . SER A 1 156 ? -7.428  -0.171  -11.033 1.00 29.83 ? 156  SER A C   1 
ATOM   1239 O O   . SER A 1 156 ? -6.935  -1.121  -10.430 1.00 31.76 ? 156  SER A O   1 
ATOM   1240 C CB  . SER A 1 156 ? -9.471  -0.360  -12.421 1.00 29.09 ? 156  SER A CB  1 
ATOM   1241 O OG  . SER A 1 156 ? -9.975  -1.425  -11.635 1.00 24.14 ? 156  SER A OG  1 
ATOM   1242 N N   . GLN A 1 157 ? -7.546  1.046   -10.517 1.00 27.99 ? 157  GLN A N   1 
ATOM   1243 C CA  . GLN A 1 157 ? -7.082  1.334   -9.177  1.00 28.59 ? 157  GLN A CA  1 
ATOM   1244 C C   . GLN A 1 157 ? -8.190  1.854   -8.279  1.00 29.90 ? 157  GLN A C   1 
ATOM   1245 O O   . GLN A 1 157 ? -8.941  2.768   -8.629  1.00 28.56 ? 157  GLN A O   1 
ATOM   1246 C CB  . GLN A 1 157 ? -5.930  2.336   -9.215  1.00 27.13 ? 157  GLN A CB  1 
ATOM   1247 C CG  . GLN A 1 157 ? -5.351  2.634   -7.857  1.00 26.16 ? 157  GLN A CG  1 
ATOM   1248 C CD  . GLN A 1 157 ? -4.300  3.696   -7.913  1.00 27.61 ? 157  GLN A CD  1 
ATOM   1249 O OE1 . GLN A 1 157 ? -4.481  4.717   -8.577  1.00 31.07 ? 157  GLN A OE1 1 
ATOM   1250 N NE2 . GLN A 1 157 ? -3.196  3.485   -7.202  1.00 27.17 ? 157  GLN A NE2 1 
ATOM   1251 N N   . ASP A 1 158 ? -8.282  1.250   -7.105  1.00 32.63 ? 158  ASP A N   1 
ATOM   1252 C CA  . ASP A 1 158 ? -9.294  1.636   -6.150  1.00 33.97 ? 158  ASP A CA  1 
ATOM   1253 C C   . ASP A 1 158 ? -8.950  2.994   -5.573  1.00 35.58 ? 158  ASP A C   1 
ATOM   1254 O O   . ASP A 1 158 ? -7.862  3.194   -5.026  1.00 32.95 ? 158  ASP A O   1 
ATOM   1255 C CB  . ASP A 1 158 ? -9.378  0.615   -5.030  1.00 34.97 ? 158  ASP A CB  1 
ATOM   1256 C CG  . ASP A 1 158 ? -10.718 0.615   -4.367  1.00 34.77 ? 158  ASP A CG  1 
ATOM   1257 O OD1 . ASP A 1 158 ? -11.208 1.726   -4.061  1.00 33.97 ? 158  ASP A OD1 1 
ATOM   1258 O OD2 . ASP A 1 158 ? -11.268 -0.493  -4.158  1.00 32.11 ? 158  ASP A OD2 1 
ATOM   1259 N N   . PRO A 1 159 ? -9.882  3.953   -5.695  1.00 37.29 ? 159  PRO A N   1 
ATOM   1260 C CA  . PRO A 1 159 ? -9.714  5.322   -5.194  1.00 37.26 ? 159  PRO A CA  1 
ATOM   1261 C C   . PRO A 1 159 ? -9.543  5.291   -3.677  1.00 37.64 ? 159  PRO A C   1 
ATOM   1262 O O   . PRO A 1 159 ? -8.828  6.096   -3.094  1.00 37.05 ? 159  PRO A O   1 
ATOM   1263 C CB  . PRO A 1 159 ? -11.022 5.997   -5.600  1.00 36.12 ? 159  PRO A CB  1 
ATOM   1264 C CG  . PRO A 1 159 ? -11.536 5.158   -6.722  1.00 33.94 ? 159  PRO A CG  1 
ATOM   1265 C CD  . PRO A 1 159 ? -11.217 3.778   -6.293  1.00 34.80 ? 159  PRO A CD  1 
ATOM   1266 N N   . GLU A 1 160 ? -10.228 4.335   -3.064  1.00 39.23 ? 160  GLU A N   1 
ATOM   1267 C CA  . GLU A 1 160 ? -10.212 4.135   -1.628  1.00 41.74 ? 160  GLU A CA  1 
ATOM   1268 C C   . GLU A 1 160 ? -8.915  3.488   -1.142  1.00 40.21 ? 160  GLU A C   1 
ATOM   1269 O O   . GLU A 1 160 ? -8.058  4.149   -0.565  1.00 40.46 ? 160  GLU A O   1 
ATOM   1270 C CB  . GLU A 1 160 ? -11.419 3.273   -1.243  1.00 45.63 ? 160  GLU A CB  1 
ATOM   1271 C CG  . GLU A 1 160 ? -12.636 4.067   -0.820  1.00 51.21 ? 160  GLU A CG  1 
ATOM   1272 C CD  . GLU A 1 160 ? -12.651 4.311   0.679   1.00 56.12 ? 160  GLU A CD  1 
ATOM   1273 O OE1 . GLU A 1 160 ? -12.946 3.351   1.429   1.00 58.10 ? 160  GLU A OE1 1 
ATOM   1274 O OE2 . GLU A 1 160 ? -12.356 5.450   1.110   1.00 57.15 ? 160  GLU A OE2 1 
ATOM   1275 N N   . THR A 1 161 ? -8.782  2.192   -1.388  1.00 38.30 ? 161  THR A N   1 
ATOM   1276 C CA  . THR A 1 161 ? -7.611  1.440   -0.982  1.00 35.28 ? 161  THR A CA  1 
ATOM   1277 C C   . THR A 1 161 ? -6.345  1.878   -1.707  1.00 34.98 ? 161  THR A C   1 
ATOM   1278 O O   . THR A 1 161 ? -5.242  1.639   -1.222  1.00 35.74 ? 161  THR A O   1 
ATOM   1279 C CB  . THR A 1 161 ? -7.815  -0.052  -1.244  1.00 36.97 ? 161  THR A CB  1 
ATOM   1280 O OG1 . THR A 1 161 ? -7.931  -0.286  -2.653  1.00 34.27 ? 161  THR A OG1 1 
ATOM   1281 C CG2 . THR A 1 161 ? -9.074  -0.531  -0.563  1.00 40.22 ? 161  THR A CG2 1 
ATOM   1282 N N   . GLU A 1 162 ? -6.502  2.503   -2.871  1.00 34.58 ? 162  GLU A N   1 
ATOM   1283 C CA  . GLU A 1 162 ? -5.356  2.960   -3.663  1.00 31.56 ? 162  GLU A CA  1 
ATOM   1284 C C   . GLU A 1 162 ? -4.641  1.759   -4.293  1.00 31.53 ? 162  GLU A C   1 
ATOM   1285 O O   . GLU A 1 162 ? -3.524  1.880   -4.798  1.00 30.63 ? 162  GLU A O   1 
ATOM   1286 C CB  . GLU A 1 162 ? -4.404  3.748   -2.759  1.00 26.31 ? 162  GLU A CB  1 
ATOM   1287 C CG  . GLU A 1 162 ? -3.162  4.292   -3.410  1.00 20.26 ? 162  GLU A CG  1 
ATOM   1288 C CD  . GLU A 1 162 ? -2.516  5.378   -2.560  1.00 24.24 ? 162  GLU A CD  1 
ATOM   1289 O OE1 . GLU A 1 162 ? -1.320  5.254   -2.239  1.00 22.41 ? 162  GLU A OE1 1 
ATOM   1290 O OE2 . GLU A 1 162 ? -3.205  6.368   -2.216  1.00 24.70 ? 162  GLU A OE2 1 
ATOM   1291 N N   . LEU A 1 163 ? -5.317  0.610   -4.281  1.00 29.53 ? 163  LEU A N   1 
ATOM   1292 C CA  . LEU A 1 163 ? -4.761  -0.625  -4.806  1.00 26.61 ? 163  LEU A CA  1 
ATOM   1293 C C   . LEU A 1 163 ? -5.281  -1.014  -6.181  1.00 25.76 ? 163  LEU A C   1 
ATOM   1294 O O   . LEU A 1 163 ? -6.366  -0.592  -6.596  1.00 23.39 ? 163  LEU A O   1 
ATOM   1295 C CB  . LEU A 1 163 ? -5.014  -1.748  -3.803  1.00 26.58 ? 163  LEU A CB  1 
ATOM   1296 C CG  . LEU A 1 163 ? -4.487  -1.403  -2.406  1.00 29.35 ? 163  LEU A CG  1 
ATOM   1297 C CD1 . LEU A 1 163 ? -4.984  -2.413  -1.383  1.00 28.37 ? 163  LEU A CD1 1 
ATOM   1298 C CD2 . LEU A 1 163 ? -2.962  -1.358  -2.439  1.00 29.68 ? 163  LEU A CD2 1 
ATOM   1299 N N   . TYR A 1 164 ? -4.497  -1.850  -6.862  1.00 24.21 ? 164  TYR A N   1 
ATOM   1300 C CA  . TYR A 1 164 ? -4.791  -2.316  -8.217  1.00 23.57 ? 164  TYR A CA  1 
ATOM   1301 C C   . TYR A 1 164 ? -5.397  -3.700  -8.339  1.00 24.55 ? 164  TYR A C   1 
ATOM   1302 O O   . TYR A 1 164 ? -5.305  -4.515  -7.428  1.00 26.78 ? 164  TYR A O   1 
ATOM   1303 C CB  . TYR A 1 164 ? -3.518  -2.289  -9.068  1.00 24.30 ? 164  TYR A CB  1 
ATOM   1304 C CG  . TYR A 1 164 ? -3.078  -0.913  -9.487  1.00 22.42 ? 164  TYR A CG  1 
ATOM   1305 C CD1 . TYR A 1 164 ? -2.196  -0.170  -8.703  1.00 21.68 ? 164  TYR A CD1 1 
ATOM   1306 C CD2 . TYR A 1 164 ? -3.572  -0.343  -10.662 1.00 21.61 ? 164  TYR A CD2 1 
ATOM   1307 C CE1 . TYR A 1 164 ? -1.817  1.105   -9.081  1.00 23.99 ? 164  TYR A CE1 1 
ATOM   1308 C CE2 . TYR A 1 164 ? -3.207  0.924   -11.050 1.00 22.79 ? 164  TYR A CE2 1 
ATOM   1309 C CZ  . TYR A 1 164 ? -2.327  1.645   -10.261 1.00 24.73 ? 164  TYR A CZ  1 
ATOM   1310 O OH  . TYR A 1 164 ? -1.935  2.892   -10.676 1.00 25.59 ? 164  TYR A OH  1 
ATOM   1311 N N   . ALA A 1 165 ? -5.999  -3.955  -9.499  1.00 23.77 ? 165  ALA A N   1 
ATOM   1312 C CA  . ALA A 1 165 ? -6.638  -5.234  -9.817  1.00 25.18 ? 165  ALA A CA  1 
ATOM   1313 C C   . ALA A 1 165 ? -6.486  -5.502  -11.317 1.00 26.39 ? 165  ALA A C   1 
ATOM   1314 O O   . ALA A 1 165 ? -6.945  -4.712  -12.140 1.00 30.41 ? 165  ALA A O   1 
ATOM   1315 C CB  . ALA A 1 165 ? -8.131  -5.199  -9.433  1.00 21.19 ? 165  ALA A CB  1 
ATOM   1316 N N   . VAL A 1 166 ? -5.844  -6.610  -11.672 1.00 24.92 ? 166  VAL A N   1 
ATOM   1317 C CA  . VAL A 1 166 ? -5.643  -6.964  -13.073 1.00 23.43 ? 166  VAL A CA  1 
ATOM   1318 C C   . VAL A 1 166 ? -6.444  -8.184  -13.450 1.00 24.35 ? 166  VAL A C   1 
ATOM   1319 O O   . VAL A 1 166 ? -6.640  -9.086  -12.640 1.00 28.12 ? 166  VAL A O   1 
ATOM   1320 C CB  . VAL A 1 166 ? -4.221  -7.376  -13.368 1.00 23.55 ? 166  VAL A CB  1 
ATOM   1321 C CG1 . VAL A 1 166 ? -3.936  -7.214  -14.831 1.00 24.03 ? 166  VAL A CG1 1 
ATOM   1322 C CG2 . VAL A 1 166 ? -3.288  -6.626  -12.518 1.00 27.29 ? 166  VAL A CG2 1 
ATOM   1323 N N   . SER A 1 167 ? -6.865  -8.229  -14.700 1.00 22.30 ? 167  SER A N   1 
ATOM   1324 C CA  . SER A 1 167 ? -7.605  -9.365  -15.197 1.00 20.21 ? 167  SER A CA  1 
ATOM   1325 C C   . SER A 1 167 ? -7.439  -9.424  -16.713 1.00 22.26 ? 167  SER A C   1 
ATOM   1326 O O   . SER A 1 167 ? -7.763  -8.468  -17.421 1.00 23.19 ? 167  SER A O   1 
ATOM   1327 C CB  . SER A 1 167 ? -9.069  -9.247  -14.812 1.00 15.91 ? 167  SER A CB  1 
ATOM   1328 O OG  . SER A 1 167 ? -9.732  -10.471 -15.052 1.00 13.48 ? 167  SER A OG  1 
ATOM   1329 N N   . SER A 1 168 ? -6.922  -10.542 -17.208 1.00 20.04 ? 168  SER A N   1 
ATOM   1330 C CA  . SER A 1 168 ? -6.719  -10.690 -18.636 1.00 21.43 ? 168  SER A CA  1 
ATOM   1331 C C   . SER A 1 168 ? -7.206  -12.043 -19.136 1.00 22.84 ? 168  SER A C   1 
ATOM   1332 O O   . SER A 1 168 ? -7.112  -13.044 -18.434 1.00 22.70 ? 168  SER A O   1 
ATOM   1333 C CB  . SER A 1 168 ? -5.238  -10.494 -18.973 1.00 21.88 ? 168  SER A CB  1 
ATOM   1334 O OG  . SER A 1 168 ? -4.971  -10.854 -20.314 1.00 20.30 ? 168  SER A OG  1 
ATOM   1335 N N   . LYS A 1 169 ? -7.736  -12.045 -20.356 1.00 23.00 ? 169  LYS A N   1 
ATOM   1336 C CA  . LYS A 1 169 ? -8.271  -13.239 -21.008 1.00 21.95 ? 169  LYS A CA  1 
ATOM   1337 C C   . LYS A 1 169 ? -7.369  -13.665 -22.157 1.00 21.92 ? 169  LYS A C   1 
ATOM   1338 O O   . LYS A 1 169 ? -6.759  -12.832 -22.814 1.00 22.68 ? 169  LYS A O   1 
ATOM   1339 C CB  . LYS A 1 169 ? -9.652  -12.946 -21.581 1.00 20.44 ? 169  LYS A CB  1 
ATOM   1340 C CG  . LYS A 1 169 ? -10.529 -12.129 -20.686 1.00 16.21 ? 169  LYS A CG  1 
ATOM   1341 C CD  . LYS A 1 169 ? -11.716 -11.603 -21.453 1.00 20.36 ? 169  LYS A CD  1 
ATOM   1342 C CE  . LYS A 1 169 ? -12.981 -11.633 -20.609 1.00 22.40 ? 169  LYS A CE  1 
ATOM   1343 N NZ  . LYS A 1 169 ? -13.935 -10.550 -20.972 1.00 20.89 ? 169  LYS A NZ  1 
ATOM   1344 N N   . LEU A 1 170 ? -7.314  -14.964 -22.402 1.00 22.98 ? 170  LEU A N   1 
ATOM   1345 C CA  . LEU A 1 170 ? -6.498  -15.515 -23.474 1.00 26.01 ? 170  LEU A CA  1 
ATOM   1346 C C   . LEU A 1 170 ? -7.142  -16.764 -24.050 1.00 27.50 ? 170  LEU A C   1 
ATOM   1347 O O   . LEU A 1 170 ? -7.664  -17.594 -23.315 1.00 30.33 ? 170  LEU A O   1 
ATOM   1348 C CB  . LEU A 1 170 ? -5.104  -15.883 -22.972 1.00 24.90 ? 170  LEU A CB  1 
ATOM   1349 C CG  . LEU A 1 170 ? -4.320  -16.543 -24.108 1.00 26.20 ? 170  LEU A CG  1 
ATOM   1350 C CD1 . LEU A 1 170 ? -3.766  -15.446 -25.008 1.00 26.64 ? 170  LEU A CD1 1 
ATOM   1351 C CD2 . LEU A 1 170 ? -3.196  -17.418 -23.585 1.00 25.31 ? 170  LEU A CD2 1 
ATOM   1352 N N   . ASP A 1 171 ? -7.092  -16.903 -25.365 1.00 28.72 ? 171  ASP A N   1 
ATOM   1353 C CA  . ASP A 1 171 ? -7.668  -18.060 -26.018 1.00 30.12 ? 171  ASP A CA  1 
ATOM   1354 C C   . ASP A 1 171 ? -6.576  -18.927 -26.609 1.00 32.06 ? 171  ASP A C   1 
ATOM   1355 O O   . ASP A 1 171 ? -5.486  -18.446 -26.896 1.00 32.23 ? 171  ASP A O   1 
ATOM   1356 C CB  . ASP A 1 171 ? -8.619  -17.620 -27.127 1.00 31.33 ? 171  ASP A CB  1 
ATOM   1357 C CG  . ASP A 1 171 ? -9.877  -16.990 -26.592 1.00 32.17 ? 171  ASP A CG  1 
ATOM   1358 O OD1 . ASP A 1 171 ? -9.973  -16.843 -25.356 1.00 31.63 ? 171  ASP A OD1 1 
ATOM   1359 O OD2 . ASP A 1 171 ? -10.762 -16.646 -27.405 1.00 30.68 ? 171  ASP A OD2 1 
ATOM   1360 N N   . PHE A 1 172 ? -6.874  -20.215 -26.762 1.00 34.90 ? 172  PHE A N   1 
ATOM   1361 C CA  . PHE A 1 172 ? -5.937  -21.171 -27.351 1.00 38.91 ? 172  PHE A CA  1 
ATOM   1362 C C   . PHE A 1 172 ? -6.707  -22.326 -27.972 1.00 41.30 ? 172  PHE A C   1 
ATOM   1363 O O   . PHE A 1 172 ? -7.847  -22.583 -27.601 1.00 40.75 ? 172  PHE A O   1 
ATOM   1364 C CB  . PHE A 1 172 ? -4.922  -21.699 -26.317 1.00 35.68 ? 172  PHE A CB  1 
ATOM   1365 C CG  . PHE A 1 172 ? -5.539  -22.445 -25.177 1.00 34.71 ? 172  PHE A CG  1 
ATOM   1366 C CD1 . PHE A 1 172 ? -6.292  -21.781 -24.221 1.00 32.24 ? 172  PHE A CD1 1 
ATOM   1367 C CD2 . PHE A 1 172 ? -5.376  -23.821 -25.061 1.00 35.97 ? 172  PHE A CD2 1 
ATOM   1368 C CE1 . PHE A 1 172 ? -6.876  -22.471 -23.167 1.00 33.44 ? 172  PHE A CE1 1 
ATOM   1369 C CE2 . PHE A 1 172 ? -5.961  -24.525 -24.006 1.00 34.91 ? 172  PHE A CE2 1 
ATOM   1370 C CZ  . PHE A 1 172 ? -6.713  -23.845 -23.059 1.00 33.61 ? 172  PHE A CZ  1 
ATOM   1371 N N   . ASN A 1 173 ? -6.083  -23.001 -28.933 1.00 46.19 ? 173  ASN A N   1 
ATOM   1372 C CA  . ASN A 1 173 ? -6.709  -24.125 -29.615 1.00 49.81 ? 173  ASN A CA  1 
ATOM   1373 C C   . ASN A 1 173 ? -6.488  -25.381 -28.785 1.00 50.12 ? 173  ASN A C   1 
ATOM   1374 O O   . ASN A 1 173 ? -5.343  -25.729 -28.468 1.00 52.08 ? 173  ASN A O   1 
ATOM   1375 C CB  . ASN A 1 173 ? -6.101  -24.288 -31.011 1.00 53.59 ? 173  ASN A CB  1 
ATOM   1376 C CG  . ASN A 1 173 ? -6.888  -25.242 -31.875 1.00 58.29 ? 173  ASN A CG  1 
ATOM   1377 O OD1 . ASN A 1 173 ? -6.925  -26.437 -31.600 1.00 58.57 ? 173  ASN A OD1 1 
ATOM   1378 N ND2 . ASN A 1 173 ? -7.539  -24.706 -32.907 1.00 63.81 ? 173  ASN A ND2 1 
ATOM   1379 N N   . MET A 1 174 ? -7.580  -26.054 -28.426 1.00 49.33 ? 174  MET A N   1 
ATOM   1380 C CA  . MET A 1 174 ? -7.516  -27.262 -27.602 1.00 48.05 ? 174  MET A CA  1 
ATOM   1381 C C   . MET A 1 174 ? -6.892  -28.478 -28.273 1.00 48.84 ? 174  MET A C   1 
ATOM   1382 O O   . MET A 1 174 ? -6.562  -29.454 -27.596 1.00 49.56 ? 174  MET A O   1 
ATOM   1383 C CB  . MET A 1 174 ? -8.912  -27.651 -27.123 1.00 45.38 ? 174  MET A CB  1 
ATOM   1384 C CG  . MET A 1 174 ? -9.557  -26.678 -26.177 1.00 43.17 ? 174  MET A CG  1 
ATOM   1385 S SD  . MET A 1 174 ? -11.220 -27.192 -25.744 1.00 38.27 ? 174  MET A SD  1 
ATOM   1386 C CE  . MET A 1 174 ? -12.188 -26.163 -26.800 1.00 40.51 ? 174  MET A CE  1 
ATOM   1387 N N   . THR A 1 175 ? -6.734  -28.433 -29.594 1.00 49.47 ? 175  THR A N   1 
ATOM   1388 C CA  . THR A 1 175 ? -6.174  -29.569 -30.322 1.00 48.69 ? 175  THR A CA  1 
ATOM   1389 C C   . THR A 1 175 ? -4.777  -29.960 -29.879 1.00 49.37 ? 175  THR A C   1 
ATOM   1390 O O   . THR A 1 175 ? -4.456  -31.147 -29.851 1.00 50.85 ? 175  THR A O   1 
ATOM   1391 C CB  . THR A 1 175 ? -6.127  -29.325 -31.838 1.00 47.20 ? 175  THR A CB  1 
ATOM   1392 O OG1 . THR A 1 175 ? -5.245  -28.231 -32.115 1.00 48.44 ? 175  THR A OG1 1 
ATOM   1393 C CG2 . THR A 1 175 ? -7.522  -29.038 -32.374 1.00 41.96 ? 175  THR A CG2 1 
ATOM   1394 N N   . THR A 1 176 ? -3.942  -28.985 -29.538 1.00 50.28 ? 176  THR A N   1 
ATOM   1395 C CA  . THR A 1 176 ? -2.580  -29.303 -29.099 1.00 53.55 ? 176  THR A CA  1 
ATOM   1396 C C   . THR A 1 176 ? -2.387  -29.199 -27.584 1.00 53.69 ? 176  THR A C   1 
ATOM   1397 O O   . THR A 1 176 ? -3.250  -28.683 -26.866 1.00 54.23 ? 176  THR A O   1 
ATOM   1398 C CB  . THR A 1 176 ? -1.543  -28.383 -29.766 1.00 53.47 ? 176  THR A CB  1 
ATOM   1399 O OG1 . THR A 1 176 ? -1.779  -27.034 -29.352 1.00 57.29 ? 176  THR A OG1 1 
ATOM   1400 C CG2 . THR A 1 176 ? -1.646  -28.466 -31.281 1.00 53.85 ? 176  THR A CG2 1 
ATOM   1401 N N   . ASN A 1 177 ? -1.254  -29.714 -27.107 1.00 53.23 ? 177  ASN A N   1 
ATOM   1402 C CA  . ASN A 1 177 ? -0.913  -29.651 -25.685 1.00 52.81 ? 177  ASN A CA  1 
ATOM   1403 C C   . ASN A 1 177 ? -0.420  -28.224 -25.420 1.00 50.70 ? 177  ASN A C   1 
ATOM   1404 O O   . ASN A 1 177 ? 0.206   -27.613 -26.289 1.00 50.90 ? 177  ASN A O   1 
ATOM   1405 C CB  . ASN A 1 177 ? 0.208   -30.650 -25.351 1.00 54.01 ? 177  ASN A CB  1 
ATOM   1406 C CG  . ASN A 1 177 ? -0.290  -32.083 -25.206 1.00 54.51 ? 177  ASN A CG  1 
ATOM   1407 O OD1 . ASN A 1 177 ? -1.091  -32.392 -24.321 1.00 55.38 ? 177  ASN A OD1 1 
ATOM   1408 N ND2 . ASN A 1 177 ? 0.196   -32.967 -26.069 1.00 55.62 ? 177  ASN A ND2 1 
ATOM   1409 N N   . HIS A 1 178 ? -0.704  -27.686 -24.237 1.00 47.47 ? 178  HIS A N   1 
ATOM   1410 C CA  . HIS A 1 178 ? -0.263  -26.333 -23.917 1.00 44.63 ? 178  HIS A CA  1 
ATOM   1411 C C   . HIS A 1 178 ? 0.189   -26.194 -22.474 1.00 43.53 ? 178  HIS A C   1 
ATOM   1412 O O   . HIS A 1 178 ? -0.240  -26.943 -21.601 1.00 42.88 ? 178  HIS A O   1 
ATOM   1413 C CB  . HIS A 1 178 ? -1.381  -25.321 -24.174 1.00 44.22 ? 178  HIS A CB  1 
ATOM   1414 C CG  . HIS A 1 178 ? -1.694  -25.111 -25.622 1.00 45.29 ? 178  HIS A CG  1 
ATOM   1415 N ND1 . HIS A 1 178 ? -0.788  -24.576 -26.511 1.00 44.23 ? 178  HIS A ND1 1 
ATOM   1416 C CD2 . HIS A 1 178 ? -2.819  -25.363 -26.336 1.00 46.36 ? 178  HIS A CD2 1 
ATOM   1417 C CE1 . HIS A 1 178 ? -1.340  -24.508 -27.710 1.00 45.56 ? 178  HIS A CE1 1 
ATOM   1418 N NE2 . HIS A 1 178 ? -2.573  -24.980 -27.631 1.00 44.70 ? 178  HIS A NE2 1 
ATOM   1419 N N   . SER A 1 179 ? 1.051   -25.212 -22.239 1.00 44.26 ? 179  SER A N   1 
ATOM   1420 C CA  . SER A 1 179 ? 1.572   -24.916 -20.910 1.00 43.60 ? 179  SER A CA  1 
ATOM   1421 C C   . SER A 1 179 ? 1.878   -23.407 -20.777 1.00 43.71 ? 179  SER A C   1 
ATOM   1422 O O   . SER A 1 179 ? 3.011   -22.970 -21.021 1.00 45.05 ? 179  SER A O   1 
ATOM   1423 C CB  . SER A 1 179 ? 2.841   -25.731 -20.668 1.00 42.29 ? 179  SER A CB  1 
ATOM   1424 O OG  . SER A 1 179 ? 3.285   -25.567 -19.337 1.00 43.38 ? 179  SER A OG  1 
ATOM   1425 N N   . PHE A 1 180 ? 0.872   -22.614 -20.395 1.00 40.73 ? 180  PHE A N   1 
ATOM   1426 C CA  . PHE A 1 180 ? 1.062   -21.167 -20.251 1.00 37.70 ? 180  PHE A CA  1 
ATOM   1427 C C   . PHE A 1 180 ? 1.363   -20.691 -18.842 1.00 36.57 ? 180  PHE A C   1 
ATOM   1428 O O   . PHE A 1 180 ? 0.936   -21.285 -17.855 1.00 34.50 ? 180  PHE A O   1 
ATOM   1429 C CB  . PHE A 1 180 ? -0.175  -20.377 -20.688 1.00 37.27 ? 180  PHE A CB  1 
ATOM   1430 C CG  . PHE A 1 180 ? -0.846  -20.908 -21.898 1.00 37.16 ? 180  PHE A CG  1 
ATOM   1431 C CD1 . PHE A 1 180 ? -1.811  -21.891 -21.788 1.00 36.99 ? 180  PHE A CD1 1 
ATOM   1432 C CD2 . PHE A 1 180 ? -0.523  -20.417 -23.156 1.00 37.51 ? 180  PHE A CD2 1 
ATOM   1433 C CE1 . PHE A 1 180 ? -2.444  -22.382 -22.910 1.00 37.35 ? 180  PHE A CE1 1 
ATOM   1434 C CE2 . PHE A 1 180 ? -1.146  -20.899 -24.283 1.00 35.48 ? 180  PHE A CE2 1 
ATOM   1435 C CZ  . PHE A 1 180 ? -2.113  -21.885 -24.161 1.00 37.14 ? 180  PHE A CZ  1 
ATOM   1436 N N   . MET A 1 181 ? 2.080   -19.577 -18.769 1.00 36.82 ? 181  MET A N   1 
ATOM   1437 C CA  . MET A 1 181 ? 2.390   -18.943 -17.497 1.00 36.85 ? 181  MET A CA  1 
ATOM   1438 C C   . MET A 1 181 ? 1.822   -17.524 -17.555 1.00 36.09 ? 181  MET A C   1 
ATOM   1439 O O   . MET A 1 181 ? 1.951   -16.832 -18.572 1.00 35.21 ? 181  MET A O   1 
ATOM   1440 C CB  . MET A 1 181 ? 3.906   -18.856 -17.253 1.00 36.78 ? 181  MET A CB  1 
ATOM   1441 C CG  . MET A 1 181 ? 4.234   -18.147 -15.933 1.00 35.38 ? 181  MET A CG  1 
ATOM   1442 S SD  . MET A 1 181 ? 5.961   -17.875 -15.588 1.00 32.49 ? 181  MET A SD  1 
ATOM   1443 C CE  . MET A 1 181 ? 6.581   -19.576 -15.468 1.00 27.11 ? 181  MET A CE  1 
ATOM   1444 N N   . CYS A 1 182 ? 1.167   -17.102 -16.483 1.00 33.13 ? 182  CYS A N   1 
ATOM   1445 C CA  . CYS A 1 182 ? 0.643   -15.753 -16.440 1.00 30.76 ? 182  CYS A CA  1 
ATOM   1446 C C   . CYS A 1 182 ? 1.636   -15.043 -15.567 1.00 30.41 ? 182  CYS A C   1 
ATOM   1447 O O   . CYS A 1 182 ? 1.740   -15.344 -14.386 1.00 32.38 ? 182  CYS A O   1 
ATOM   1448 C CB  . CYS A 1 182 ? -0.728  -15.705 -15.787 1.00 29.59 ? 182  CYS A CB  1 
ATOM   1449 S SG  . CYS A 1 182 ? -1.417  -14.025 -15.641 1.00 30.19 ? 182  CYS A SG  1 
ATOM   1450 N N   . LEU A 1 183 ? 2.392   -14.127 -16.148 1.00 28.08 ? 183  LEU A N   1 
ATOM   1451 C CA  . LEU A 1 183 ? 3.380   -13.405 -15.375 1.00 26.62 ? 183  LEU A CA  1 
ATOM   1452 C C   . LEU A 1 183 ? 2.826   -12.034 -15.113 1.00 26.48 ? 183  LEU A C   1 
ATOM   1453 O O   . LEU A 1 183 ? 2.272   -11.416 -16.012 1.00 28.70 ? 183  LEU A O   1 
ATOM   1454 C CB  . LEU A 1 183 ? 4.690   -13.308 -16.156 1.00 27.14 ? 183  LEU A CB  1 
ATOM   1455 C CG  . LEU A 1 183 ? 5.922   -12.786 -15.413 1.00 25.94 ? 183  LEU A CG  1 
ATOM   1456 C CD1 . LEU A 1 183 ? 6.092   -13.526 -14.085 1.00 25.19 ? 183  LEU A CD1 1 
ATOM   1457 C CD2 . LEU A 1 183 ? 7.144   -12.969 -16.305 1.00 24.60 ? 183  LEU A CD2 1 
ATOM   1458 N N   . ILE A 1 184 ? 2.956   -11.564 -13.878 1.00 27.06 ? 184  ILE A N   1 
ATOM   1459 C CA  . ILE A 1 184 ? 2.465   -10.237 -13.506 1.00 25.79 ? 184  ILE A CA  1 
ATOM   1460 C C   . ILE A 1 184 ? 3.568   -9.426  -12.828 1.00 24.82 ? 184  ILE A C   1 
ATOM   1461 O O   . ILE A 1 184 ? 3.959   -9.699  -11.696 1.00 26.15 ? 184  ILE A O   1 
ATOM   1462 C CB  . ILE A 1 184 ? 1.233   -10.334 -12.562 1.00 24.19 ? 184  ILE A CB  1 
ATOM   1463 C CG1 . ILE A 1 184 ? 0.199   -11.284 -13.163 1.00 26.79 ? 184  ILE A CG1 1 
ATOM   1464 C CG2 . ILE A 1 184 ? 0.591   -8.978  -12.410 1.00 18.05 ? 184  ILE A CG2 1 
ATOM   1465 C CD1 . ILE A 1 184 ? -1.016  -11.517 -12.315 1.00 29.51 ? 184  ILE A CD1 1 
ATOM   1466 N N   . LYS A 1 185 ? 4.076   -8.435  -13.545 1.00 23.83 ? 185  LYS A N   1 
ATOM   1467 C CA  . LYS A 1 185 ? 5.129   -7.573  -13.038 1.00 24.01 ? 185  LYS A CA  1 
ATOM   1468 C C   . LYS A 1 185 ? 4.529   -6.301  -12.474 1.00 26.08 ? 185  LYS A C   1 
ATOM   1469 O O   . LYS A 1 185 ? 3.655   -5.690  -13.077 1.00 27.14 ? 185  LYS A O   1 
ATOM   1470 C CB  . LYS A 1 185 ? 6.091   -7.191  -14.159 1.00 22.89 ? 185  LYS A CB  1 
ATOM   1471 C CG  . LYS A 1 185 ? 6.971   -8.307  -14.651 1.00 26.44 ? 185  LYS A CG  1 
ATOM   1472 C CD  . LYS A 1 185 ? 7.573   -7.963  -16.006 1.00 30.97 ? 185  LYS A CD  1 
ATOM   1473 C CE  . LYS A 1 185 ? 8.348   -9.145  -16.600 1.00 33.76 ? 185  LYS A CE  1 
ATOM   1474 N NZ  . LYS A 1 185 ? 8.651   -8.960  -18.048 1.00 35.68 ? 185  LYS A NZ  1 
ATOM   1475 N N   . TYR A 1 186 ? 4.999   -5.913  -11.303 1.00 27.00 ? 186  TYR A N   1 
ATOM   1476 C CA  . TYR A 1 186 ? 4.551   -4.689  -10.668 1.00 27.35 ? 186  TYR A CA  1 
ATOM   1477 C C   . TYR A 1 186 ? 5.817   -4.221  -9.962  1.00 29.30 ? 186  TYR A C   1 
ATOM   1478 O O   . TYR A 1 186 ? 6.327   -4.889  -9.060  1.00 28.42 ? 186  TYR A O   1 
ATOM   1479 C CB  . TYR A 1 186 ? 3.385   -4.960  -9.706  1.00 24.55 ? 186  TYR A CB  1 
ATOM   1480 C CG  . TYR A 1 186 ? 3.697   -5.870  -8.549  1.00 21.61 ? 186  TYR A CG  1 
ATOM   1481 C CD1 . TYR A 1 186 ? 4.096   -5.347  -7.330  1.00 19.82 ? 186  TYR A CD1 1 
ATOM   1482 C CD2 . TYR A 1 186 ? 3.580   -7.251  -8.667  1.00 18.53 ? 186  TYR A CD2 1 
ATOM   1483 C CE1 . TYR A 1 186 ? 4.370   -6.171  -6.251  1.00 20.89 ? 186  TYR A CE1 1 
ATOM   1484 C CE2 . TYR A 1 186 ? 3.849   -8.085  -7.589  1.00 18.00 ? 186  TYR A CE2 1 
ATOM   1485 C CZ  . TYR A 1 186 ? 4.244   -7.537  -6.380  1.00 17.32 ? 186  TYR A CZ  1 
ATOM   1486 O OH  . TYR A 1 186 ? 4.511   -8.324  -5.284  1.00 13.18 ? 186  TYR A OH  1 
ATOM   1487 N N   . GLY A 1 187 ? 6.336   -3.084  -10.411 1.00 31.21 ? 187  GLY A N   1 
ATOM   1488 C CA  . GLY A 1 187 ? 7.575   -2.578  -9.861  1.00 33.09 ? 187  GLY A CA  1 
ATOM   1489 C C   . GLY A 1 187 ? 8.649   -3.546  -10.337 1.00 35.15 ? 187  GLY A C   1 
ATOM   1490 O O   . GLY A 1 187 ? 8.579   -4.057  -11.466 1.00 33.46 ? 187  GLY A O   1 
ATOM   1491 N N   . HIS A 1 188 ? 9.626   -3.833  -9.482  1.00 35.04 ? 188  HIS A N   1 
ATOM   1492 C CA  . HIS A 1 188 ? 10.681  -4.754  -9.847  1.00 35.31 ? 188  HIS A CA  1 
ATOM   1493 C C   . HIS A 1 188 ? 10.455  -6.155  -9.307  1.00 34.59 ? 188  HIS A C   1 
ATOM   1494 O O   . HIS A 1 188 ? 11.360  -6.976  -9.273  1.00 36.84 ? 188  HIS A O   1 
ATOM   1495 C CB  . HIS A 1 188 ? 12.023  -4.187  -9.402  1.00 40.23 ? 188  HIS A CB  1 
ATOM   1496 C CG  . HIS A 1 188 ? 12.362  -2.890  -10.074 1.00 46.22 ? 188  HIS A CG  1 
ATOM   1497 N ND1 . HIS A 1 188 ? 12.507  -2.782  -11.443 1.00 46.38 ? 188  HIS A ND1 1 
ATOM   1498 C CD2 . HIS A 1 188 ? 12.506  -1.637  -9.581  1.00 46.38 ? 188  HIS A CD2 1 
ATOM   1499 C CE1 . HIS A 1 188 ? 12.719  -1.518  -11.760 1.00 48.56 ? 188  HIS A CE1 1 
ATOM   1500 N NE2 . HIS A 1 188 ? 12.722  -0.802  -10.651 1.00 48.20 ? 188  HIS A NE2 1 
ATOM   1501 N N   . LEU A 1 189 ? 9.226   -6.428  -8.893  1.00 35.34 ? 189  LEU A N   1 
ATOM   1502 C CA  . LEU A 1 189 ? 8.855   -7.749  -8.389  1.00 33.98 ? 189  LEU A CA  1 
ATOM   1503 C C   . LEU A 1 189 ? 8.102   -8.502  -9.493  1.00 35.21 ? 189  LEU A C   1 
ATOM   1504 O O   . LEU A 1 189 ? 8.102   -8.088  -10.660 1.00 39.01 ? 189  LEU A O   1 
ATOM   1505 C CB  . LEU A 1 189 ? 7.961   -7.604  -7.155  1.00 30.14 ? 189  LEU A CB  1 
ATOM   1506 C CG  . LEU A 1 189 ? 8.571   -6.925  -5.921  1.00 26.53 ? 189  LEU A CG  1 
ATOM   1507 C CD1 . LEU A 1 189 ? 7.564   -6.920  -4.798  1.00 23.16 ? 189  LEU A CD1 1 
ATOM   1508 C CD2 . LEU A 1 189 ? 9.841   -7.657  -5.481  1.00 23.87 ? 189  LEU A CD2 1 
ATOM   1509 N N   . ARG A 1 190 ? 7.474   -9.614  -9.141  1.00 32.34 ? 190  ARG A N   1 
ATOM   1510 C CA  . ARG A 1 190 ? 6.710   -10.368 -10.126 1.00 32.37 ? 190  ARG A CA  1 
ATOM   1511 C C   . ARG A 1 190 ? 6.088   -11.601 -9.501  1.00 31.15 ? 190  ARG A C   1 
ATOM   1512 O O   . ARG A 1 190 ? 6.722   -12.291 -8.705  1.00 28.80 ? 190  ARG A O   1 
ATOM   1513 C CB  . ARG A 1 190 ? 7.581   -10.760 -11.332 1.00 34.02 ? 190  ARG A CB  1 
ATOM   1514 C CG  . ARG A 1 190 ? 8.912   -11.410 -10.980 1.00 36.86 ? 190  ARG A CG  1 
ATOM   1515 C CD  . ARG A 1 190 ? 9.347   -12.422 -12.035 1.00 37.78 ? 190  ARG A CD  1 
ATOM   1516 N NE  . ARG A 1 190 ? 9.542   -11.822 -13.355 1.00 37.98 ? 190  ARG A NE  1 
ATOM   1517 C CZ  . ARG A 1 190 ? 9.971   -12.492 -14.422 1.00 37.40 ? 190  ARG A CZ  1 
ATOM   1518 N NH1 . ARG A 1 190 ? 10.245  -13.790 -14.329 1.00 34.36 ? 190  ARG A NH1 1 
ATOM   1519 N NH2 . ARG A 1 190 ? 10.141  -11.864 -15.577 1.00 38.18 ? 190  ARG A NH2 1 
ATOM   1520 N N   . VAL A 1 191 ? 4.828   -11.849 -9.853  1.00 31.21 ? 191  VAL A N   1 
ATOM   1521 C CA  . VAL A 1 191 ? 4.089   -12.998 -9.342  1.00 32.49 ? 191  VAL A CA  1 
ATOM   1522 C C   . VAL A 1 191 ? 3.511   -13.747 -10.544 1.00 33.50 ? 191  VAL A C   1 
ATOM   1523 O O   . VAL A 1 191 ? 3.370   -13.169 -11.625 1.00 35.29 ? 191  VAL A O   1 
ATOM   1524 C CB  . VAL A 1 191 ? 2.942   -12.559 -8.382  1.00 29.62 ? 191  VAL A CB  1 
ATOM   1525 C CG1 . VAL A 1 191 ? 1.656   -12.302 -9.161  1.00 30.89 ? 191  VAL A CG1 1 
ATOM   1526 C CG2 . VAL A 1 191 ? 2.717   -13.617 -7.342  1.00 28.17 ? 191  VAL A CG2 1 
ATOM   1527 N N   . ASN A 1 192 ? 3.196   -15.026 -10.378 1.00 32.73 ? 192  ASN A N   1 
ATOM   1528 C CA  . ASN A 1 192 ? 2.641   -15.770 -11.495 1.00 33.28 ? 192  ASN A CA  1 
ATOM   1529 C C   . ASN A 1 192 ? 1.939   -17.066 -11.136 1.00 32.47 ? 192  ASN A C   1 
ATOM   1530 O O   . ASN A 1 192 ? 1.891   -17.488 -9.993  1.00 30.79 ? 192  ASN A O   1 
ATOM   1531 C CB  . ASN A 1 192 ? 3.731   -16.059 -12.533 1.00 36.04 ? 192  ASN A CB  1 
ATOM   1532 C CG  . ASN A 1 192 ? 4.514   -17.338 -12.242 1.00 38.39 ? 192  ASN A CG  1 
ATOM   1533 O OD1 . ASN A 1 192 ? 3.988   -18.443 -12.336 1.00 39.26 ? 192  ASN A OD1 1 
ATOM   1534 N ND2 . ASN A 1 192 ? 5.784   -17.177 -11.905 1.00 38.82 ? 192  ASN A ND2 1 
ATOM   1535 N N   . GLN A 1 193 ? 1.375   -17.686 -12.152 1.00 34.23 ? 193  GLN A N   1 
ATOM   1536 C CA  . GLN A 1 193 ? 0.688   -18.949 -11.991 1.00 36.45 ? 193  GLN A CA  1 
ATOM   1537 C C   . GLN A 1 193 ? 0.765   -19.575 -13.366 1.00 36.62 ? 193  GLN A C   1 
ATOM   1538 O O   . GLN A 1 193 ? 1.057   -18.884 -14.348 1.00 36.82 ? 193  GLN A O   1 
ATOM   1539 C CB  . GLN A 1 193 ? -0.770  -18.734 -11.569 1.00 36.71 ? 193  GLN A CB  1 
ATOM   1540 C CG  . GLN A 1 193 ? -1.552  -20.027 -11.395 1.00 35.57 ? 193  GLN A CG  1 
ATOM   1541 C CD  . GLN A 1 193 ? -0.890  -21.002 -10.423 1.00 36.93 ? 193  GLN A CD  1 
ATOM   1542 O OE1 . GLN A 1 193 ? -0.870  -20.788 -9.205  1.00 32.55 ? 193  GLN A OE1 1 
ATOM   1543 N NE2 . GLN A 1 193 ? -0.338  -22.083 -10.965 1.00 38.03 ? 193  GLN A NE2 1 
ATOM   1544 N N   . THR A 1 194 ? 0.523   -20.873 -13.446 1.00 36.44 ? 194  THR A N   1 
ATOM   1545 C CA  . THR A 1 194 ? 0.593   -21.536 -14.732 1.00 38.60 ? 194  THR A CA  1 
ATOM   1546 C C   . THR A 1 194 ? -0.679  -22.295 -15.067 1.00 39.28 ? 194  THR A C   1 
ATOM   1547 O O   . THR A 1 194 ? -1.572  -22.454 -14.229 1.00 39.92 ? 194  THR A O   1 
ATOM   1548 C CB  . THR A 1 194 ? 1.790   -22.507 -14.790 1.00 37.60 ? 194  THR A CB  1 
ATOM   1549 O OG1 . THR A 1 194 ? 1.704   -23.434 -13.704 1.00 38.37 ? 194  THR A OG1 1 
ATOM   1550 C CG2 . THR A 1 194 ? 3.102   -21.743 -14.700 1.00 36.65 ? 194  THR A CG2 1 
ATOM   1551 N N   . PHE A 1 195 ? -0.758  -22.742 -16.315 1.00 38.91 ? 195  PHE A N   1 
ATOM   1552 C CA  . PHE A 1 195 ? -1.899  -23.504 -16.777 1.00 40.26 ? 195  PHE A CA  1 
ATOM   1553 C C   . PHE A 1 195 ? -1.430  -24.581 -17.734 1.00 42.03 ? 195  PHE A C   1 
ATOM   1554 O O   . PHE A 1 195 ? -0.804  -24.289 -18.753 1.00 44.24 ? 195  PHE A O   1 
ATOM   1555 C CB  . PHE A 1 195 ? -2.906  -22.611 -17.498 1.00 38.22 ? 195  PHE A CB  1 
ATOM   1556 C CG  . PHE A 1 195 ? -4.182  -23.316 -17.834 1.00 35.05 ? 195  PHE A CG  1 
ATOM   1557 C CD1 . PHE A 1 195 ? -5.176  -23.457 -16.882 1.00 33.23 ? 195  PHE A CD1 1 
ATOM   1558 C CD2 . PHE A 1 195 ? -4.362  -23.903 -19.077 1.00 34.27 ? 195  PHE A CD2 1 
ATOM   1559 C CE1 . PHE A 1 195 ? -6.325  -24.176 -17.158 1.00 32.97 ? 195  PHE A CE1 1 
ATOM   1560 C CE2 . PHE A 1 195 ? -5.504  -24.623 -19.359 1.00 33.67 ? 195  PHE A CE2 1 
ATOM   1561 C CZ  . PHE A 1 195 ? -6.487  -24.758 -18.397 1.00 34.67 ? 195  PHE A CZ  1 
ATOM   1562 N N   . ASN A 1 196 ? -1.738  -25.827 -17.408 1.00 43.59 ? 196  ASN A N   1 
ATOM   1563 C CA  . ASN A 1 196 ? -1.340  -26.936 -18.255 1.00 45.61 ? 196  ASN A CA  1 
ATOM   1564 C C   . ASN A 1 196 ? -2.519  -27.473 -19.023 1.00 45.22 ? 196  ASN A C   1 
ATOM   1565 O O   . ASN A 1 196 ? -3.565  -27.761 -18.442 1.00 45.55 ? 196  ASN A O   1 
ATOM   1566 C CB  . ASN A 1 196 ? -0.736  -28.047 -17.407 1.00 47.86 ? 196  ASN A CB  1 
ATOM   1567 C CG  . ASN A 1 196 ? 0.557   -27.629 -16.765 1.00 50.25 ? 196  ASN A CG  1 
ATOM   1568 O OD1 . ASN A 1 196 ? 1.540   -27.362 -17.460 1.00 49.27 ? 196  ASN A OD1 1 
ATOM   1569 N ND2 . ASN A 1 196 ? 0.568   -27.551 -15.436 1.00 50.29 ? 196  ASN A ND2 1 
ATOM   1570 N N   . TRP A 1 197 ? -2.363  -27.585 -20.335 1.00 44.83 ? 197  TRP A N   1 
ATOM   1571 C CA  . TRP A 1 197 ? -3.429  -28.124 -21.150 1.00 46.33 ? 197  TRP A CA  1 
ATOM   1572 C C   . TRP A 1 197 ? -2.948  -29.380 -21.843 1.00 49.64 ? 197  TRP A C   1 
ATOM   1573 O O   . TRP A 1 197 ? -2.050  -29.339 -22.686 1.00 49.09 ? 197  TRP A O   1 
ATOM   1574 C CB  . TRP A 1 197 ? -3.914  -27.128 -22.195 1.00 42.14 ? 197  TRP A CB  1 
ATOM   1575 C CG  . TRP A 1 197 ? -4.910  -27.762 -23.100 1.00 39.49 ? 197  TRP A CG  1 
ATOM   1576 C CD1 . TRP A 1 197 ? -4.689  -28.275 -24.345 1.00 39.02 ? 197  TRP A CD1 1 
ATOM   1577 C CD2 . TRP A 1 197 ? -6.290  -28.015 -22.800 1.00 37.78 ? 197  TRP A CD2 1 
ATOM   1578 N NE1 . TRP A 1 197 ? -5.848  -28.835 -24.838 1.00 39.49 ? 197  TRP A NE1 1 
ATOM   1579 C CE2 . TRP A 1 197 ? -6.844  -28.688 -23.908 1.00 38.01 ? 197  TRP A CE2 1 
ATOM   1580 C CE3 . TRP A 1 197 ? -7.111  -27.739 -21.696 1.00 36.41 ? 197  TRP A CE3 1 
ATOM   1581 C CZ2 . TRP A 1 197 ? -8.182  -29.087 -23.946 1.00 36.83 ? 197  TRP A CZ2 1 
ATOM   1582 C CZ3 . TRP A 1 197 ? -8.451  -28.142 -21.736 1.00 33.06 ? 197  TRP A CZ3 1 
ATOM   1583 C CH2 . TRP A 1 197 ? -8.967  -28.807 -22.851 1.00 32.54 ? 197  TRP A CH2 1 
ATOM   1584 N N   . ASN A 1 198 ? -3.551  -30.499 -21.462 1.00 53.80 ? 198  ASN A N   1 
ATOM   1585 C CA  . ASN A 1 198 ? -3.215  -31.790 -22.034 1.00 56.84 ? 198  ASN A CA  1 
ATOM   1586 C C   . ASN A 1 198 ? -4.332  -32.194 -22.975 1.00 59.56 ? 198  ASN A C   1 
ATOM   1587 O O   . ASN A 1 198 ? -5.491  -32.329 -22.580 1.00 60.88 ? 198  ASN A O   1 
ATOM   1588 C CB  . ASN A 1 198 ? -3.027  -32.826 -20.929 1.00 56.66 ? 198  ASN A CB  1 
ATOM   1589 C CG  . ASN A 1 198 ? -1.841  -32.504 -20.037 1.00 56.80 ? 198  ASN A CG  1 
ATOM   1590 O OD1 . ASN A 1 198 ? -0.723  -32.320 -20.525 1.00 56.94 ? 198  ASN A OD1 1 
ATOM   1591 N ND2 . ASN A 1 198 ? -2.073  -32.436 -18.727 1.00 55.70 ? 198  ASN A ND2 1 
ATOM   1592 N N   . THR A 1 199 ? -3.952  -32.353 -24.234 1.00 62.66 ? 199  THR A N   1 
ATOM   1593 C CA  . THR A 1 199 ? -4.866  -32.711 -25.299 1.00 65.68 ? 199  THR A CA  1 
ATOM   1594 C C   . THR A 1 199 ? -5.742  -33.924 -25.008 1.00 66.33 ? 199  THR A C   1 
ATOM   1595 O O   . THR A 1 199 ? -6.720  -33.831 -24.265 1.00 65.97 ? 199  THR A O   1 
ATOM   1596 C CB  . THR A 1 199 ? -4.077  -32.940 -26.601 1.00 66.17 ? 199  THR A CB  1 
ATOM   1597 O OG1 . THR A 1 199 ? -4.964  -33.390 -27.624 1.00 68.15 ? 199  THR A OG1 1 
ATOM   1598 C CG2 . THR A 1 199 ? -2.971  -33.971 -26.390 1.00 66.30 ? 199  THR A CG2 1 
ATOM   1599 N N   . ALA A 1 200 ? -5.392  -35.058 -25.606 1.00 68.41 ? 200  ALA A N   1 
ATOM   1600 C CA  . ALA A 1 200 ? -6.158  -36.287 -25.430 1.00 71.35 ? 200  ALA A CA  1 
ATOM   1601 C C   . ALA A 1 200 ? -5.377  -37.319 -24.620 1.00 71.83 ? 200  ALA A C   1 
ATOM   1602 O O   . ALA A 1 200 ? -5.877  -37.718 -23.550 1.00 71.31 ? 200  ALA A O   1 
ATOM   1603 C CB  . ALA A 1 200 ? -6.531  -36.873 -26.803 1.00 71.02 ? 200  ALA A CB  1 
HETATM 1604 C C1  . NAG B 2 .   ? -13.004 -7.026  -21.455 1.00 36.78 ? 1001 NAG A C1  1 
HETATM 1605 C C2  . NAG B 2 .   ? -14.240 -6.502  -22.211 1.00 37.49 ? 1001 NAG A C2  1 
HETATM 1606 C C3  . NAG B 2 .   ? -15.231 -5.838  -21.239 1.00 38.51 ? 1001 NAG A C3  1 
HETATM 1607 C C4  . NAG B 2 .   ? -15.518 -6.708  -20.019 1.00 37.18 ? 1001 NAG A C4  1 
HETATM 1608 C C5  . NAG B 2 .   ? -14.210 -7.235  -19.397 1.00 35.06 ? 1001 NAG A C5  1 
HETATM 1609 C C6  . NAG B 2 .   ? -14.454 -8.219  -18.267 1.00 34.75 ? 1001 NAG A C6  1 
HETATM 1610 C C7  . NAG B 2 .   ? -14.257 -5.648  -24.469 1.00 39.94 ? 1001 NAG A C7  1 
HETATM 1611 C C8  . NAG B 2 .   ? -13.824 -4.568  -25.450 1.00 38.44 ? 1001 NAG A C8  1 
HETATM 1612 N N2  . NAG B 2 .   ? -13.848 -5.522  -23.207 1.00 38.07 ? 1001 NAG A N2  1 
HETATM 1613 O O3  . NAG B 2 .   ? -16.456 -5.571  -21.907 1.00 41.83 ? 1001 NAG A O3  1 
HETATM 1614 O O4  . NAG B 2 .   ? -16.233 -5.936  -19.063 1.00 35.61 ? 1001 NAG A O4  1 
HETATM 1615 O O5  . NAG B 2 .   ? -13.409 -7.909  -20.398 1.00 33.85 ? 1001 NAG A O5  1 
HETATM 1616 O O6  . NAG B 2 .   ? -14.822 -9.503  -18.755 1.00 32.88 ? 1001 NAG A O6  1 
HETATM 1617 O O7  . NAG B 2 .   ? -14.943 -6.595  -24.863 1.00 41.12 ? 1001 NAG A O7  1 
HETATM 1618 C C1  . NAG C 2 .   ? 6.507   -18.245 -11.252 1.00 39.44 ? 1002 NAG A C1  1 
HETATM 1619 C C2  . NAG C 2 .   ? 8.018   -17.904 -11.261 1.00 40.70 ? 1002 NAG A C2  1 
HETATM 1620 C C3  . NAG C 2 .   ? 8.832   -18.840 -10.366 1.00 39.35 ? 1002 NAG A C3  1 
HETATM 1621 C C4  . NAG C 2 .   ? 8.199   -18.993 -8.994  1.00 38.74 ? 1002 NAG A C4  1 
HETATM 1622 C C5  . NAG C 2 .   ? 6.738   -19.407 -9.164  1.00 40.04 ? 1002 NAG A C5  1 
HETATM 1623 C C6  . NAG C 2 .   ? 6.008   -19.614 -7.850  1.00 39.55 ? 1002 NAG A C6  1 
HETATM 1624 C C7  . NAG C 2 .   ? 8.931   -16.843 -13.219 1.00 41.32 ? 1002 NAG A C7  1 
HETATM 1625 C C8  . NAG C 2 .   ? 9.529   -16.965 -14.615 1.00 41.63 ? 1002 NAG A C8  1 
HETATM 1626 N N2  . NAG C 2 .   ? 8.566   -17.964 -12.604 1.00 40.00 ? 1002 NAG A N2  1 
HETATM 1627 O O3  . NAG C 2 .   ? 10.135  -18.314 -10.215 1.00 42.16 ? 1002 NAG A O3  1 
HETATM 1628 O O4  . NAG C 2 .   ? 8.903   -19.986 -8.266  1.00 37.88 ? 1002 NAG A O4  1 
HETATM 1629 O O5  . NAG C 2 .   ? 6.024   -18.389 -9.907  1.00 38.80 ? 1002 NAG A O5  1 
HETATM 1630 O O6  . NAG C 2 .   ? 6.448   -18.697 -6.865  1.00 40.96 ? 1002 NAG A O6  1 
HETATM 1631 O O7  . NAG C 2 .   ? 8.784   -15.731 -12.715 1.00 40.92 ? 1002 NAG A O7  1 
HETATM 1632 C C1  . NAG D 2 .   ? -7.687  -25.415 -34.172 1.00 66.73 ? 1003 NAG A C1  1 
HETATM 1633 C C2  . NAG D 2 .   ? -7.418  -24.460 -35.343 1.00 67.72 ? 1003 NAG A C2  1 
HETATM 1634 C C3  . NAG D 2 .   ? -7.650  -25.207 -36.664 1.00 69.05 ? 1003 NAG A C3  1 
HETATM 1635 C C4  . NAG D 2 .   ? -6.749  -26.445 -36.708 1.00 70.00 ? 1003 NAG A C4  1 
HETATM 1636 C C5  . NAG D 2 .   ? -7.007  -27.321 -35.473 1.00 70.05 ? 1003 NAG A C5  1 
HETATM 1637 C C6  . NAG D 2 .   ? -6.094  -28.535 -35.392 1.00 69.37 ? 1003 NAG A C6  1 
HETATM 1638 C C7  . NAG D 2 .   ? -7.906  -22.233 -34.541 1.00 59.89 ? 1003 NAG A C7  1 
HETATM 1639 C C8  . NAG D 2 .   ? -8.875  -21.067 -34.502 1.00 58.69 ? 1003 NAG A C8  1 
HETATM 1640 N N2  . NAG D 2 .   ? -8.279  -23.295 -35.253 1.00 63.95 ? 1003 NAG A N2  1 
HETATM 1641 O O3  . NAG D 2 .   ? -7.349  -24.355 -37.760 1.00 70.93 ? 1003 NAG A O3  1 
HETATM 1642 O O4  . NAG D 2 .   ? -7.008  -27.180 -37.898 1.00 69.27 ? 1003 NAG A O4  1 
HETATM 1643 O O5  . NAG D 2 .   ? -6.807  -26.549 -34.260 1.00 69.94 ? 1003 NAG A O5  1 
HETATM 1644 O O6  . NAG D 2 .   ? -4.725  -28.156 -35.385 1.00 70.05 ? 1003 NAG A O6  1 
HETATM 1645 O O7  . NAG D 2 .   ? -6.837  -22.164 -33.931 1.00 55.83 ? 1003 NAG A O7  1 
# 
